data_1BCX
# 
_entry.id   1BCX 
# 
_audit_conform.dict_name       mmcif_pdbx.dic 
_audit_conform.dict_version    5.385 
_audit_conform.dict_location   http://mmcif.pdb.org/dictionaries/ascii/mmcif_pdbx.dic 
# 
loop_
_database_2.database_id 
_database_2.database_code 
_database_2.pdbx_database_accession 
_database_2.pdbx_DOI 
PDB   1BCX         pdb_00001bcx 10.2210/pdb1bcx/pdb 
WWPDB D_1000171604 ?            ?                   
# 
loop_
_pdbx_audit_revision_history.ordinal 
_pdbx_audit_revision_history.data_content_type 
_pdbx_audit_revision_history.major_revision 
_pdbx_audit_revision_history.minor_revision 
_pdbx_audit_revision_history.revision_date 
1 'Structure model' 1 0 1994-10-15 
2 'Structure model' 1 1 2008-03-03 
3 'Structure model' 1 2 2011-07-13 
4 'Structure model' 1 3 2017-11-29 
5 'Structure model' 2 0 2020-07-29 
6 'Structure model' 2 1 2024-02-07 
# 
loop_
_pdbx_audit_revision_details.ordinal 
_pdbx_audit_revision_details.revision_ordinal 
_pdbx_audit_revision_details.data_content_type 
_pdbx_audit_revision_details.provider 
_pdbx_audit_revision_details.type 
_pdbx_audit_revision_details.description 
_pdbx_audit_revision_details.details 
1 1 'Structure model' repository 'Initial release' ?                          ? 
2 5 'Structure model' repository Remediation       'Carbohydrate remediation' ? 
# 
loop_
_pdbx_audit_revision_group.ordinal 
_pdbx_audit_revision_group.revision_ordinal 
_pdbx_audit_revision_group.data_content_type 
_pdbx_audit_revision_group.group 
1  2 'Structure model' 'Version format compliance' 
2  3 'Structure model' 'Version format compliance' 
3  4 'Structure model' 'Derived calculations'      
4  4 'Structure model' Other                       
5  5 'Structure model' 'Atomic model'              
6  5 'Structure model' 'Data collection'           
7  5 'Structure model' 'Database references'       
8  5 'Structure model' 'Derived calculations'      
9  5 'Structure model' 'Structure summary'         
10 6 'Structure model' 'Data collection'           
11 6 'Structure model' 'Database references'       
12 6 'Structure model' 'Derived calculations'      
13 6 'Structure model' 'Structure summary'         
# 
loop_
_pdbx_audit_revision_category.ordinal 
_pdbx_audit_revision_category.revision_ordinal 
_pdbx_audit_revision_category.data_content_type 
_pdbx_audit_revision_category.category 
1  4 'Structure model' pdbx_database_status          
2  4 'Structure model' struct_conf                   
3  4 'Structure model' struct_conf_type              
4  5 'Structure model' atom_site                     
5  5 'Structure model' chem_comp                     
6  5 'Structure model' entity                        
7  5 'Structure model' entity_name_com               
8  5 'Structure model' pdbx_branch_scheme            
9  5 'Structure model' pdbx_chem_comp_identifier     
10 5 'Structure model' pdbx_entity_branch            
11 5 'Structure model' pdbx_entity_branch_descriptor 
12 5 'Structure model' pdbx_entity_branch_link       
13 5 'Structure model' pdbx_entity_branch_list       
14 5 'Structure model' pdbx_entity_nonpoly           
15 5 'Structure model' pdbx_molecule_features        
16 5 'Structure model' pdbx_nonpoly_scheme           
17 5 'Structure model' pdbx_struct_assembly_gen      
18 5 'Structure model' struct_asym                   
19 5 'Structure model' struct_conn                   
20 5 'Structure model' struct_ref_seq_dif            
21 5 'Structure model' struct_site                   
22 5 'Structure model' struct_site_gen               
23 6 'Structure model' chem_comp                     
24 6 'Structure model' chem_comp_atom                
25 6 'Structure model' chem_comp_bond                
26 6 'Structure model' database_2                    
27 6 'Structure model' struct_conn                   
# 
loop_
_pdbx_audit_revision_item.ordinal 
_pdbx_audit_revision_item.revision_ordinal 
_pdbx_audit_revision_item.data_content_type 
_pdbx_audit_revision_item.item 
1  4 'Structure model' '_pdbx_database_status.process_site'     
2  5 'Structure model' '_atom_site.B_iso_or_equiv'              
3  5 'Structure model' '_atom_site.Cartn_x'                     
4  5 'Structure model' '_atom_site.Cartn_y'                     
5  5 'Structure model' '_atom_site.Cartn_z'                     
6  5 'Structure model' '_atom_site.auth_asym_id'                
7  5 'Structure model' '_atom_site.auth_atom_id'                
8  5 'Structure model' '_atom_site.auth_seq_id'                 
9  5 'Structure model' '_atom_site.label_asym_id'               
10 5 'Structure model' '_atom_site.label_atom_id'               
11 5 'Structure model' '_atom_site.type_symbol'                 
12 5 'Structure model' '_chem_comp.name'                        
13 5 'Structure model' '_chem_comp.type'                        
14 5 'Structure model' '_entity.formula_weight'                 
15 5 'Structure model' '_entity.pdbx_description'               
16 5 'Structure model' '_entity.pdbx_number_of_molecules'       
17 5 'Structure model' '_entity.type'                           
18 5 'Structure model' '_pdbx_struct_assembly_gen.asym_id_list' 
19 5 'Structure model' '_struct_conn.pdbx_leaving_atom_flag'    
20 5 'Structure model' '_struct_conn.ptnr1_auth_asym_id'        
21 5 'Structure model' '_struct_conn.ptnr1_auth_seq_id'         
22 5 'Structure model' '_struct_conn.ptnr1_label_atom_id'       
23 5 'Structure model' '_struct_conn.ptnr2_auth_asym_id'        
24 5 'Structure model' '_struct_conn.ptnr2_auth_seq_id'         
25 5 'Structure model' '_struct_conn.ptnr2_label_asym_id'       
26 5 'Structure model' '_struct_conn.ptnr2_label_atom_id'       
27 5 'Structure model' '_struct_ref_seq_dif.details'            
28 6 'Structure model' '_chem_comp.pdbx_synonyms'               
29 6 'Structure model' '_database_2.pdbx_DOI'                   
30 6 'Structure model' '_database_2.pdbx_database_accession'    
31 6 'Structure model' '_struct_conn.pdbx_leaving_atom_flag'    
# 
_pdbx_database_status.status_code                     REL 
_pdbx_database_status.entry_id                        1BCX 
_pdbx_database_status.recvd_initial_deposition_date   1994-04-01 
_pdbx_database_status.deposit_site                    ? 
_pdbx_database_status.process_site                    BNL 
_pdbx_database_status.SG_entry                        . 
_pdbx_database_status.pdb_format_compatible           Y 
_pdbx_database_status.status_code_mr                  ? 
_pdbx_database_status.status_code_sf                  ? 
_pdbx_database_status.status_code_cs                  ? 
_pdbx_database_status.methods_development_category    ? 
_pdbx_database_status.status_code_nmr_data            ? 
# 
loop_
_audit_author.name 
_audit_author.pdbx_ordinal 
'Campbell, R.L.'  1 
'Wakarchuk, W.W.' 2 
# 
_citation.id                        primary 
_citation.title                     
'Mutational and crystallographic analyses of the active site residues of the Bacillus circulans xylanase.' 
_citation.journal_abbrev            'Protein Sci.' 
_citation.journal_volume            3 
_citation.page_first                467 
_citation.page_last                 475 
_citation.year                      1994 
_citation.journal_id_ASTM           PRCIEI 
_citation.country                   US 
_citation.journal_id_ISSN           0961-8368 
_citation.journal_id_CSD            0795 
_citation.book_publisher            ? 
_citation.pdbx_database_id_PubMed   8019418 
_citation.pdbx_database_id_DOI      ? 
# 
loop_
_citation_author.citation_id 
_citation_author.name 
_citation_author.ordinal 
_citation_author.identifier_ORCID 
primary 'Wakarchuk, W.W.' 1 ? 
primary 'Campbell, R.L.'  2 ? 
primary 'Sung, W.L.'      3 ? 
primary 'Davoodi, J.'     4 ? 
primary 'Yaguchi, M.'     5 ? 
# 
loop_
_entity.id 
_entity.type 
_entity.src_method 
_entity.pdbx_description 
_entity.formula_weight 
_entity.pdbx_number_of_molecules 
_entity.pdbx_ec 
_entity.pdbx_mutation 
_entity.pdbx_fragment 
_entity.details 
1 polymer     man XYLANASE                                        20383.033 1   3.2.1.8 ? ? ? 
2 branched    man 'beta-D-xylopyranose-(1-4)-beta-D-xylopyranose' 282.245   1   ?       ? ? ? 
3 non-polymer syn 'SULFATE ION'                                   96.063    1   ?       ? ? ? 
4 water       nat water                                           18.015    144 ?       ? ? ? 
# 
_entity_name_com.entity_id   2 
_entity_name_com.name        4beta-beta-xylobiose 
# 
_entity_poly.entity_id                      1 
_entity_poly.type                           'polypeptide(L)' 
_entity_poly.nstd_linkage                   no 
_entity_poly.nstd_monomer                   no 
_entity_poly.pdbx_seq_one_letter_code       
;ASTDYWQNWTDGGGIVNAVNGSGGNYSVNWSNTGNFVVGKGWTTGSPFRTINYNAGVWAPNGNGYLTLYGWTRSPLIEYY
VVDSWGTYRPTGTYKGTVKSDGGTYDIYTTTRYNAPSIDGDRTTFTQYWSVRQSKRPTGSNATITFTNHVNAWKSHGMNL
GSNWAYQVMATCGYQSSGSSNVTVW
;
_entity_poly.pdbx_seq_one_letter_code_can   
;ASTDYWQNWTDGGGIVNAVNGSGGNYSVNWSNTGNFVVGKGWTTGSPFRTINYNAGVWAPNGNGYLTLYGWTRSPLIEYY
VVDSWGTYRPTGTYKGTVKSDGGTYDIYTTTRYNAPSIDGDRTTFTQYWSVRQSKRPTGSNATITFTNHVNAWKSHGMNL
GSNWAYQVMATCGYQSSGSSNVTVW
;
_entity_poly.pdbx_strand_id                 A 
_entity_poly.pdbx_target_identifier         ? 
# 
loop_
_pdbx_entity_nonpoly.entity_id 
_pdbx_entity_nonpoly.name 
_pdbx_entity_nonpoly.comp_id 
3 'SULFATE ION' SO4 
4 water         HOH 
# 
loop_
_entity_poly_seq.entity_id 
_entity_poly_seq.num 
_entity_poly_seq.mon_id 
_entity_poly_seq.hetero 
1 1   ALA n 
1 2   SER n 
1 3   THR n 
1 4   ASP n 
1 5   TYR n 
1 6   TRP n 
1 7   GLN n 
1 8   ASN n 
1 9   TRP n 
1 10  THR n 
1 11  ASP n 
1 12  GLY n 
1 13  GLY n 
1 14  GLY n 
1 15  ILE n 
1 16  VAL n 
1 17  ASN n 
1 18  ALA n 
1 19  VAL n 
1 20  ASN n 
1 21  GLY n 
1 22  SER n 
1 23  GLY n 
1 24  GLY n 
1 25  ASN n 
1 26  TYR n 
1 27  SER n 
1 28  VAL n 
1 29  ASN n 
1 30  TRP n 
1 31  SER n 
1 32  ASN n 
1 33  THR n 
1 34  GLY n 
1 35  ASN n 
1 36  PHE n 
1 37  VAL n 
1 38  VAL n 
1 39  GLY n 
1 40  LYS n 
1 41  GLY n 
1 42  TRP n 
1 43  THR n 
1 44  THR n 
1 45  GLY n 
1 46  SER n 
1 47  PRO n 
1 48  PHE n 
1 49  ARG n 
1 50  THR n 
1 51  ILE n 
1 52  ASN n 
1 53  TYR n 
1 54  ASN n 
1 55  ALA n 
1 56  GLY n 
1 57  VAL n 
1 58  TRP n 
1 59  ALA n 
1 60  PRO n 
1 61  ASN n 
1 62  GLY n 
1 63  ASN n 
1 64  GLY n 
1 65  TYR n 
1 66  LEU n 
1 67  THR n 
1 68  LEU n 
1 69  TYR n 
1 70  GLY n 
1 71  TRP n 
1 72  THR n 
1 73  ARG n 
1 74  SER n 
1 75  PRO n 
1 76  LEU n 
1 77  ILE n 
1 78  GLU n 
1 79  TYR n 
1 80  TYR n 
1 81  VAL n 
1 82  VAL n 
1 83  ASP n 
1 84  SER n 
1 85  TRP n 
1 86  GLY n 
1 87  THR n 
1 88  TYR n 
1 89  ARG n 
1 90  PRO n 
1 91  THR n 
1 92  GLY n 
1 93  THR n 
1 94  TYR n 
1 95  LYS n 
1 96  GLY n 
1 97  THR n 
1 98  VAL n 
1 99  LYS n 
1 100 SER n 
1 101 ASP n 
1 102 GLY n 
1 103 GLY n 
1 104 THR n 
1 105 TYR n 
1 106 ASP n 
1 107 ILE n 
1 108 TYR n 
1 109 THR n 
1 110 THR n 
1 111 THR n 
1 112 ARG n 
1 113 TYR n 
1 114 ASN n 
1 115 ALA n 
1 116 PRO n 
1 117 SER n 
1 118 ILE n 
1 119 ASP n 
1 120 GLY n 
1 121 ASP n 
1 122 ARG n 
1 123 THR n 
1 124 THR n 
1 125 PHE n 
1 126 THR n 
1 127 GLN n 
1 128 TYR n 
1 129 TRP n 
1 130 SER n 
1 131 VAL n 
1 132 ARG n 
1 133 GLN n 
1 134 SER n 
1 135 LYS n 
1 136 ARG n 
1 137 PRO n 
1 138 THR n 
1 139 GLY n 
1 140 SER n 
1 141 ASN n 
1 142 ALA n 
1 143 THR n 
1 144 ILE n 
1 145 THR n 
1 146 PHE n 
1 147 THR n 
1 148 ASN n 
1 149 HIS n 
1 150 VAL n 
1 151 ASN n 
1 152 ALA n 
1 153 TRP n 
1 154 LYS n 
1 155 SER n 
1 156 HIS n 
1 157 GLY n 
1 158 MET n 
1 159 ASN n 
1 160 LEU n 
1 161 GLY n 
1 162 SER n 
1 163 ASN n 
1 164 TRP n 
1 165 ALA n 
1 166 TYR n 
1 167 GLN n 
1 168 VAL n 
1 169 MET n 
1 170 ALA n 
1 171 THR n 
1 172 CYS n 
1 173 GLY n 
1 174 TYR n 
1 175 GLN n 
1 176 SER n 
1 177 SER n 
1 178 GLY n 
1 179 SER n 
1 180 SER n 
1 181 ASN n 
1 182 VAL n 
1 183 THR n 
1 184 VAL n 
1 185 TRP n 
# 
_entity_src_gen.entity_id                          1 
_entity_src_gen.pdbx_src_id                        1 
_entity_src_gen.pdbx_alt_source_flag               sample 
_entity_src_gen.pdbx_seq_type                      ? 
_entity_src_gen.pdbx_beg_seq_num                   ? 
_entity_src_gen.pdbx_end_seq_num                   ? 
_entity_src_gen.gene_src_common_name               ? 
_entity_src_gen.gene_src_genus                     Bacillus 
_entity_src_gen.pdbx_gene_src_gene                 ? 
_entity_src_gen.gene_src_species                   ? 
_entity_src_gen.gene_src_strain                    ? 
_entity_src_gen.gene_src_tissue                    ? 
_entity_src_gen.gene_src_tissue_fraction           ? 
_entity_src_gen.gene_src_details                   ? 
_entity_src_gen.pdbx_gene_src_fragment             ? 
_entity_src_gen.pdbx_gene_src_scientific_name      'Bacillus circulans' 
_entity_src_gen.pdbx_gene_src_ncbi_taxonomy_id     1397 
_entity_src_gen.pdbx_gene_src_variant              ? 
_entity_src_gen.pdbx_gene_src_cell_line            ? 
_entity_src_gen.pdbx_gene_src_atcc                 ? 
_entity_src_gen.pdbx_gene_src_organ                ? 
_entity_src_gen.pdbx_gene_src_organelle            ? 
_entity_src_gen.pdbx_gene_src_cell                 ? 
_entity_src_gen.pdbx_gene_src_cellular_location    ? 
_entity_src_gen.host_org_common_name               ? 
_entity_src_gen.pdbx_host_org_scientific_name      ? 
_entity_src_gen.pdbx_host_org_ncbi_taxonomy_id     ? 
_entity_src_gen.host_org_genus                     ? 
_entity_src_gen.pdbx_host_org_gene                 ? 
_entity_src_gen.pdbx_host_org_organ                ? 
_entity_src_gen.host_org_species                   ? 
_entity_src_gen.pdbx_host_org_tissue               ? 
_entity_src_gen.pdbx_host_org_tissue_fraction      ? 
_entity_src_gen.pdbx_host_org_strain               ? 
_entity_src_gen.pdbx_host_org_variant              ? 
_entity_src_gen.pdbx_host_org_cell_line            ? 
_entity_src_gen.pdbx_host_org_atcc                 ? 
_entity_src_gen.pdbx_host_org_culture_collection   ? 
_entity_src_gen.pdbx_host_org_cell                 ? 
_entity_src_gen.pdbx_host_org_organelle            ? 
_entity_src_gen.pdbx_host_org_cellular_location    ? 
_entity_src_gen.pdbx_host_org_vector_type          ? 
_entity_src_gen.pdbx_host_org_vector               ? 
_entity_src_gen.host_org_details                   ? 
_entity_src_gen.expression_system_id               ? 
_entity_src_gen.plasmid_name                       ? 
_entity_src_gen.plasmid_details                    ? 
_entity_src_gen.pdbx_description                   ? 
# 
_pdbx_entity_branch.entity_id   2 
_pdbx_entity_branch.type        oligosaccharide 
# 
loop_
_pdbx_entity_branch_descriptor.ordinal 
_pdbx_entity_branch_descriptor.entity_id 
_pdbx_entity_branch_descriptor.descriptor 
_pdbx_entity_branch_descriptor.type 
_pdbx_entity_branch_descriptor.program 
_pdbx_entity_branch_descriptor.program_version 
1 2 DXylpb1-4DXylpb1-ROH                       'Glycam Condensed Sequence' GMML       1.0   
2 2 'WURCS=2.0/1,2,1/[a212h-1b_1-5]/1-1/a4-b1' WURCS                       PDB2Glycan 1.1.0 
3 2 '[][b-D-Xylp]{[(4+1)][b-D-Xylp]{}}'        LINUCS                      PDB-CARE   ?     
# 
_pdbx_entity_branch_link.link_id                    1 
_pdbx_entity_branch_link.entity_id                  2 
_pdbx_entity_branch_link.entity_branch_list_num_1   2 
_pdbx_entity_branch_link.comp_id_1                  XYP 
_pdbx_entity_branch_link.atom_id_1                  C1 
_pdbx_entity_branch_link.leaving_atom_id_1          O1 
_pdbx_entity_branch_link.entity_branch_list_num_2   1 
_pdbx_entity_branch_link.comp_id_2                  XYP 
_pdbx_entity_branch_link.atom_id_2                  O4 
_pdbx_entity_branch_link.leaving_atom_id_2          HO4 
_pdbx_entity_branch_link.value_order                sing 
_pdbx_entity_branch_link.details                    ? 
# 
loop_
_chem_comp.id 
_chem_comp.type 
_chem_comp.mon_nstd_flag 
_chem_comp.name 
_chem_comp.pdbx_synonyms 
_chem_comp.formula 
_chem_comp.formula_weight 
ALA 'L-peptide linking'          y ALANINE             ?                                 'C3 H7 N O2'     89.093  
ARG 'L-peptide linking'          y ARGININE            ?                                 'C6 H15 N4 O2 1' 175.209 
ASN 'L-peptide linking'          y ASPARAGINE          ?                                 'C4 H8 N2 O3'    132.118 
ASP 'L-peptide linking'          y 'ASPARTIC ACID'     ?                                 'C4 H7 N O4'     133.103 
CYS 'L-peptide linking'          y CYSTEINE            ?                                 'C3 H7 N O2 S'   121.158 
GLN 'L-peptide linking'          y GLUTAMINE           ?                                 'C5 H10 N2 O3'   146.144 
GLU 'L-peptide linking'          y 'GLUTAMIC ACID'     ?                                 'C5 H9 N O4'     147.129 
GLY 'peptide linking'            y GLYCINE             ?                                 'C2 H5 N O2'     75.067  
HIS 'L-peptide linking'          y HISTIDINE           ?                                 'C6 H10 N3 O2 1' 156.162 
HOH non-polymer                  . WATER               ?                                 'H2 O'           18.015  
ILE 'L-peptide linking'          y ISOLEUCINE          ?                                 'C6 H13 N O2'    131.173 
LEU 'L-peptide linking'          y LEUCINE             ?                                 'C6 H13 N O2'    131.173 
LYS 'L-peptide linking'          y LYSINE              ?                                 'C6 H15 N2 O2 1' 147.195 
MET 'L-peptide linking'          y METHIONINE          ?                                 'C5 H11 N O2 S'  149.211 
PHE 'L-peptide linking'          y PHENYLALANINE       ?                                 'C9 H11 N O2'    165.189 
PRO 'L-peptide linking'          y PROLINE             ?                                 'C5 H9 N O2'     115.130 
SER 'L-peptide linking'          y SERINE              ?                                 'C3 H7 N O3'     105.093 
SO4 non-polymer                  . 'SULFATE ION'       ?                                 'O4 S -2'        96.063  
THR 'L-peptide linking'          y THREONINE           ?                                 'C4 H9 N O3'     119.119 
TRP 'L-peptide linking'          y TRYPTOPHAN          ?                                 'C11 H12 N2 O2'  204.225 
TYR 'L-peptide linking'          y TYROSINE            ?                                 'C9 H11 N O3'    181.189 
VAL 'L-peptide linking'          y VALINE              ?                                 'C5 H11 N O2'    117.146 
XYP 'D-saccharide, beta linking' . beta-D-xylopyranose 'beta-D-xylose; D-xylose; xylose' 'C5 H10 O5'      150.130 
# 
loop_
_pdbx_chem_comp_identifier.comp_id 
_pdbx_chem_comp_identifier.type 
_pdbx_chem_comp_identifier.program 
_pdbx_chem_comp_identifier.program_version 
_pdbx_chem_comp_identifier.identifier 
XYP 'CONDENSED IUPAC CARBOHYDRATE SYMBOL' GMML     1.0 DXylpb           
XYP 'COMMON NAME'                         GMML     1.0 b-D-xylopyranose 
XYP 'IUPAC CARBOHYDRATE SYMBOL'           PDB-CARE 1.0 b-D-Xylp         
XYP 'SNFG CARBOHYDRATE SYMBOL'            GMML     1.0 Xyl              
# 
loop_
_pdbx_poly_seq_scheme.asym_id 
_pdbx_poly_seq_scheme.entity_id 
_pdbx_poly_seq_scheme.seq_id 
_pdbx_poly_seq_scheme.mon_id 
_pdbx_poly_seq_scheme.ndb_seq_num 
_pdbx_poly_seq_scheme.pdb_seq_num 
_pdbx_poly_seq_scheme.auth_seq_num 
_pdbx_poly_seq_scheme.pdb_mon_id 
_pdbx_poly_seq_scheme.auth_mon_id 
_pdbx_poly_seq_scheme.pdb_strand_id 
_pdbx_poly_seq_scheme.pdb_ins_code 
_pdbx_poly_seq_scheme.hetero 
A 1 1   ALA 1   1   1   ALA ALA A . n 
A 1 2   SER 2   2   2   SER SER A . n 
A 1 3   THR 3   3   3   THR THR A . n 
A 1 4   ASP 4   4   4   ASP ASP A . n 
A 1 5   TYR 5   5   5   TYR TYR A . n 
A 1 6   TRP 6   6   6   TRP TRP A . n 
A 1 7   GLN 7   7   7   GLN GLN A . n 
A 1 8   ASN 8   8   8   ASN ASN A . n 
A 1 9   TRP 9   9   9   TRP TRP A . n 
A 1 10  THR 10  10  10  THR THR A . n 
A 1 11  ASP 11  11  11  ASP ASP A . n 
A 1 12  GLY 12  12  12  GLY GLY A . n 
A 1 13  GLY 13  13  13  GLY GLY A . n 
A 1 14  GLY 14  14  14  GLY GLY A . n 
A 1 15  ILE 15  15  15  ILE ILE A . n 
A 1 16  VAL 16  16  16  VAL VAL A . n 
A 1 17  ASN 17  17  17  ASN ASN A . n 
A 1 18  ALA 18  18  18  ALA ALA A . n 
A 1 19  VAL 19  19  19  VAL VAL A . n 
A 1 20  ASN 20  20  20  ASN ASN A . n 
A 1 21  GLY 21  21  21  GLY GLY A . n 
A 1 22  SER 22  22  22  SER SER A . n 
A 1 23  GLY 23  23  23  GLY GLY A . n 
A 1 24  GLY 24  24  24  GLY GLY A . n 
A 1 25  ASN 25  25  25  ASN ASN A . n 
A 1 26  TYR 26  26  26  TYR TYR A . n 
A 1 27  SER 27  27  27  SER SER A . n 
A 1 28  VAL 28  28  28  VAL VAL A . n 
A 1 29  ASN 29  29  29  ASN ASN A . n 
A 1 30  TRP 30  30  30  TRP TRP A . n 
A 1 31  SER 31  31  31  SER SER A . n 
A 1 32  ASN 32  32  32  ASN ASN A . n 
A 1 33  THR 33  33  33  THR THR A . n 
A 1 34  GLY 34  34  34  GLY GLY A . n 
A 1 35  ASN 35  35  35  ASN ASN A . n 
A 1 36  PHE 36  36  36  PHE PHE A . n 
A 1 37  VAL 37  37  37  VAL VAL A . n 
A 1 38  VAL 38  38  38  VAL VAL A . n 
A 1 39  GLY 39  39  39  GLY GLY A . n 
A 1 40  LYS 40  40  40  LYS LYS A . n 
A 1 41  GLY 41  41  41  GLY GLY A . n 
A 1 42  TRP 42  42  42  TRP TRP A . n 
A 1 43  THR 43  43  43  THR THR A . n 
A 1 44  THR 44  44  44  THR THR A . n 
A 1 45  GLY 45  45  45  GLY GLY A . n 
A 1 46  SER 46  46  46  SER SER A . n 
A 1 47  PRO 47  47  47  PRO PRO A . n 
A 1 48  PHE 48  48  48  PHE PHE A . n 
A 1 49  ARG 49  49  49  ARG ARG A . n 
A 1 50  THR 50  50  50  THR THR A . n 
A 1 51  ILE 51  51  51  ILE ILE A . n 
A 1 52  ASN 52  52  52  ASN ASN A . n 
A 1 53  TYR 53  53  53  TYR TYR A . n 
A 1 54  ASN 54  54  54  ASN ASN A . n 
A 1 55  ALA 55  55  55  ALA ALA A . n 
A 1 56  GLY 56  56  56  GLY GLY A . n 
A 1 57  VAL 57  57  57  VAL VAL A . n 
A 1 58  TRP 58  58  58  TRP TRP A . n 
A 1 59  ALA 59  59  59  ALA ALA A . n 
A 1 60  PRO 60  60  60  PRO PRO A . n 
A 1 61  ASN 61  61  61  ASN ASN A . n 
A 1 62  GLY 62  62  62  GLY GLY A . n 
A 1 63  ASN 63  63  63  ASN ASN A . n 
A 1 64  GLY 64  64  64  GLY GLY A . n 
A 1 65  TYR 65  65  65  TYR TYR A . n 
A 1 66  LEU 66  66  66  LEU LEU A . n 
A 1 67  THR 67  67  67  THR THR A . n 
A 1 68  LEU 68  68  68  LEU LEU A . n 
A 1 69  TYR 69  69  69  TYR TYR A . n 
A 1 70  GLY 70  70  70  GLY GLY A . n 
A 1 71  TRP 71  71  71  TRP TRP A . n 
A 1 72  THR 72  72  72  THR THR A . n 
A 1 73  ARG 73  73  73  ARG ARG A . n 
A 1 74  SER 74  74  74  SER SER A . n 
A 1 75  PRO 75  75  75  PRO PRO A . n 
A 1 76  LEU 76  76  76  LEU LEU A . n 
A 1 77  ILE 77  77  77  ILE ILE A . n 
A 1 78  GLU 78  78  78  GLU GLU A . n 
A 1 79  TYR 79  79  79  TYR TYR A . n 
A 1 80  TYR 80  80  80  TYR TYR A . n 
A 1 81  VAL 81  81  81  VAL VAL A . n 
A 1 82  VAL 82  82  82  VAL VAL A . n 
A 1 83  ASP 83  83  83  ASP ASP A . n 
A 1 84  SER 84  84  84  SER SER A . n 
A 1 85  TRP 85  85  85  TRP TRP A . n 
A 1 86  GLY 86  86  86  GLY GLY A . n 
A 1 87  THR 87  87  87  THR THR A . n 
A 1 88  TYR 88  88  88  TYR TYR A . n 
A 1 89  ARG 89  89  89  ARG ARG A . n 
A 1 90  PRO 90  90  90  PRO PRO A . n 
A 1 91  THR 91  91  91  THR THR A . n 
A 1 92  GLY 92  92  92  GLY GLY A . n 
A 1 93  THR 93  93  93  THR THR A . n 
A 1 94  TYR 94  94  94  TYR TYR A . n 
A 1 95  LYS 95  95  95  LYS LYS A . n 
A 1 96  GLY 96  96  96  GLY GLY A . n 
A 1 97  THR 97  97  97  THR THR A . n 
A 1 98  VAL 98  98  98  VAL VAL A . n 
A 1 99  LYS 99  99  99  LYS LYS A . n 
A 1 100 SER 100 100 100 SER SER A . n 
A 1 101 ASP 101 101 101 ASP ASP A . n 
A 1 102 GLY 102 102 102 GLY GLY A . n 
A 1 103 GLY 103 103 103 GLY GLY A . n 
A 1 104 THR 104 104 104 THR THR A . n 
A 1 105 TYR 105 105 105 TYR TYR A . n 
A 1 106 ASP 106 106 106 ASP ASP A . n 
A 1 107 ILE 107 107 107 ILE ILE A . n 
A 1 108 TYR 108 108 108 TYR TYR A . n 
A 1 109 THR 109 109 109 THR THR A . n 
A 1 110 THR 110 110 110 THR THR A . n 
A 1 111 THR 111 111 111 THR THR A . n 
A 1 112 ARG 112 112 112 ARG ARG A . n 
A 1 113 TYR 113 113 113 TYR TYR A . n 
A 1 114 ASN 114 114 114 ASN ASN A . n 
A 1 115 ALA 115 115 115 ALA ALA A . n 
A 1 116 PRO 116 116 116 PRO PRO A . n 
A 1 117 SER 117 117 117 SER SER A . n 
A 1 118 ILE 118 118 118 ILE ILE A . n 
A 1 119 ASP 119 119 119 ASP ASP A . n 
A 1 120 GLY 120 120 120 GLY GLY A . n 
A 1 121 ASP 121 121 121 ASP ASP A . n 
A 1 122 ARG 122 122 122 ARG ARG A . n 
A 1 123 THR 123 123 123 THR THR A . n 
A 1 124 THR 124 124 124 THR THR A . n 
A 1 125 PHE 125 125 125 PHE PHE A . n 
A 1 126 THR 126 126 126 THR THR A . n 
A 1 127 GLN 127 127 127 GLN GLN A . n 
A 1 128 TYR 128 128 128 TYR TYR A . n 
A 1 129 TRP 129 129 129 TRP TRP A . n 
A 1 130 SER 130 130 130 SER SER A . n 
A 1 131 VAL 131 131 131 VAL VAL A . n 
A 1 132 ARG 132 132 132 ARG ARG A . n 
A 1 133 GLN 133 133 133 GLN GLN A . n 
A 1 134 SER 134 134 134 SER SER A . n 
A 1 135 LYS 135 135 135 LYS LYS A . n 
A 1 136 ARG 136 136 136 ARG ARG A . n 
A 1 137 PRO 137 137 137 PRO PRO A . n 
A 1 138 THR 138 138 138 THR THR A . n 
A 1 139 GLY 139 139 139 GLY GLY A . n 
A 1 140 SER 140 140 140 SER SER A . n 
A 1 141 ASN 141 141 141 ASN ASN A . n 
A 1 142 ALA 142 142 142 ALA ALA A . n 
A 1 143 THR 143 143 143 THR THR A . n 
A 1 144 ILE 144 144 144 ILE ILE A . n 
A 1 145 THR 145 145 145 THR THR A . n 
A 1 146 PHE 146 146 146 PHE PHE A . n 
A 1 147 THR 147 147 147 THR THR A . n 
A 1 148 ASN 148 148 148 ASN ASN A . n 
A 1 149 HIS 149 149 149 HIS HIS A . n 
A 1 150 VAL 150 150 150 VAL VAL A . n 
A 1 151 ASN 151 151 151 ASN ASN A . n 
A 1 152 ALA 152 152 152 ALA ALA A . n 
A 1 153 TRP 153 153 153 TRP TRP A . n 
A 1 154 LYS 154 154 154 LYS LYS A . n 
A 1 155 SER 155 155 155 SER SER A . n 
A 1 156 HIS 156 156 156 HIS HIS A . n 
A 1 157 GLY 157 157 157 GLY GLY A . n 
A 1 158 MET 158 158 158 MET MET A . n 
A 1 159 ASN 159 159 159 ASN ASN A . n 
A 1 160 LEU 160 160 160 LEU LEU A . n 
A 1 161 GLY 161 161 161 GLY GLY A . n 
A 1 162 SER 162 162 162 SER SER A . n 
A 1 163 ASN 163 163 163 ASN ASN A . n 
A 1 164 TRP 164 164 164 TRP TRP A . n 
A 1 165 ALA 165 165 165 ALA ALA A . n 
A 1 166 TYR 166 166 166 TYR TYR A . n 
A 1 167 GLN 167 167 167 GLN GLN A . n 
A 1 168 VAL 168 168 168 VAL VAL A . n 
A 1 169 MET 169 169 169 MET MET A . n 
A 1 170 ALA 170 170 170 ALA ALA A . n 
A 1 171 THR 171 171 171 THR THR A . n 
A 1 172 CYS 172 172 172 CYS CYS A . n 
A 1 173 GLY 173 173 173 GLY GLY A . n 
A 1 174 TYR 174 174 174 TYR TYR A . n 
A 1 175 GLN 175 175 175 GLN GLN A . n 
A 1 176 SER 176 176 176 SER SER A . n 
A 1 177 SER 177 177 177 SER SER A . n 
A 1 178 GLY 178 178 178 GLY GLY A . n 
A 1 179 SER 179 179 179 SER SER A . n 
A 1 180 SER 180 180 180 SER SER A . n 
A 1 181 ASN 181 181 181 ASN ASN A . n 
A 1 182 VAL 182 182 182 VAL VAL A . n 
A 1 183 THR 183 183 183 THR THR A . n 
A 1 184 VAL 184 184 184 VAL VAL A . n 
A 1 185 TRP 185 185 185 TRP TRP A . n 
# 
loop_
_pdbx_branch_scheme.asym_id 
_pdbx_branch_scheme.entity_id 
_pdbx_branch_scheme.mon_id 
_pdbx_branch_scheme.num 
_pdbx_branch_scheme.pdb_asym_id 
_pdbx_branch_scheme.pdb_mon_id 
_pdbx_branch_scheme.pdb_seq_num 
_pdbx_branch_scheme.auth_asym_id 
_pdbx_branch_scheme.auth_mon_id 
_pdbx_branch_scheme.auth_seq_num 
_pdbx_branch_scheme.hetero 
B 2 XYP 1 B XYP 1 ? XYS 502 n 
B 2 XYP 2 B XYP 2 ? XYS 501 n 
# 
loop_
_pdbx_nonpoly_scheme.asym_id 
_pdbx_nonpoly_scheme.entity_id 
_pdbx_nonpoly_scheme.mon_id 
_pdbx_nonpoly_scheme.ndb_seq_num 
_pdbx_nonpoly_scheme.pdb_seq_num 
_pdbx_nonpoly_scheme.auth_seq_num 
_pdbx_nonpoly_scheme.pdb_mon_id 
_pdbx_nonpoly_scheme.auth_mon_id 
_pdbx_nonpoly_scheme.pdb_strand_id 
_pdbx_nonpoly_scheme.pdb_ins_code 
C 3 SO4 1   191 191 SO4 SO4 A . 
D 4 HOH 1   201 201 HOH HOH A . 
D 4 HOH 2   202 202 HOH HOH A . 
D 4 HOH 3   203 203 HOH HOH A . 
D 4 HOH 4   204 204 HOH HOH A . 
D 4 HOH 5   205 205 HOH HOH A . 
D 4 HOH 6   206 206 HOH HOH A . 
D 4 HOH 7   207 207 HOH HOH A . 
D 4 HOH 8   208 208 HOH HOH A . 
D 4 HOH 9   209 209 HOH HOH A . 
D 4 HOH 10  210 210 HOH HOH A . 
D 4 HOH 11  211 211 HOH HOH A . 
D 4 HOH 12  212 212 HOH HOH A . 
D 4 HOH 13  213 213 HOH HOH A . 
D 4 HOH 14  215 215 HOH HOH A . 
D 4 HOH 15  216 216 HOH HOH A . 
D 4 HOH 16  217 217 HOH HOH A . 
D 4 HOH 17  218 218 HOH HOH A . 
D 4 HOH 18  219 219 HOH HOH A . 
D 4 HOH 19  220 220 HOH HOH A . 
D 4 HOH 20  221 221 HOH HOH A . 
D 4 HOH 21  222 222 HOH HOH A . 
D 4 HOH 22  224 224 HOH HOH A . 
D 4 HOH 23  225 225 HOH HOH A . 
D 4 HOH 24  226 226 HOH HOH A . 
D 4 HOH 25  227 227 HOH HOH A . 
D 4 HOH 26  228 228 HOH HOH A . 
D 4 HOH 27  229 229 HOH HOH A . 
D 4 HOH 28  230 230 HOH HOH A . 
D 4 HOH 29  231 231 HOH HOH A . 
D 4 HOH 30  232 232 HOH HOH A . 
D 4 HOH 31  233 233 HOH HOH A . 
D 4 HOH 32  234 234 HOH HOH A . 
D 4 HOH 33  235 235 HOH HOH A . 
D 4 HOH 34  236 236 HOH HOH A . 
D 4 HOH 35  237 237 HOH HOH A . 
D 4 HOH 36  238 238 HOH HOH A . 
D 4 HOH 37  239 239 HOH HOH A . 
D 4 HOH 38  240 240 HOH HOH A . 
D 4 HOH 39  241 241 HOH HOH A . 
D 4 HOH 40  242 242 HOH HOH A . 
D 4 HOH 41  243 243 HOH HOH A . 
D 4 HOH 42  244 244 HOH HOH A . 
D 4 HOH 43  245 245 HOH HOH A . 
D 4 HOH 44  246 246 HOH HOH A . 
D 4 HOH 45  247 247 HOH HOH A . 
D 4 HOH 46  248 248 HOH HOH A . 
D 4 HOH 47  249 249 HOH HOH A . 
D 4 HOH 48  250 250 HOH HOH A . 
D 4 HOH 49  251 251 HOH HOH A . 
D 4 HOH 50  252 252 HOH HOH A . 
D 4 HOH 51  253 253 HOH HOH A . 
D 4 HOH 52  254 254 HOH HOH A . 
D 4 HOH 53  255 255 HOH HOH A . 
D 4 HOH 54  256 256 HOH HOH A . 
D 4 HOH 55  257 257 HOH HOH A . 
D 4 HOH 56  258 258 HOH HOH A . 
D 4 HOH 57  259 259 HOH HOH A . 
D 4 HOH 58  260 260 HOH HOH A . 
D 4 HOH 59  261 261 HOH HOH A . 
D 4 HOH 60  262 262 HOH HOH A . 
D 4 HOH 61  263 263 HOH HOH A . 
D 4 HOH 62  264 264 HOH HOH A . 
D 4 HOH 63  265 265 HOH HOH A . 
D 4 HOH 64  266 266 HOH HOH A . 
D 4 HOH 65  267 267 HOH HOH A . 
D 4 HOH 66  269 269 HOH HOH A . 
D 4 HOH 67  270 270 HOH HOH A . 
D 4 HOH 68  272 272 HOH HOH A . 
D 4 HOH 69  273 273 HOH HOH A . 
D 4 HOH 70  274 274 HOH HOH A . 
D 4 HOH 71  275 275 HOH HOH A . 
D 4 HOH 72  276 276 HOH HOH A . 
D 4 HOH 73  279 279 HOH HOH A . 
D 4 HOH 74  280 280 HOH HOH A . 
D 4 HOH 75  281 281 HOH HOH A . 
D 4 HOH 76  282 282 HOH HOH A . 
D 4 HOH 77  283 283 HOH HOH A . 
D 4 HOH 78  284 284 HOH HOH A . 
D 4 HOH 79  286 286 HOH HOH A . 
D 4 HOH 80  287 287 HOH HOH A . 
D 4 HOH 81  288 288 HOH HOH A . 
D 4 HOH 82  289 289 HOH HOH A . 
D 4 HOH 83  292 292 HOH HOH A . 
D 4 HOH 84  293 293 HOH HOH A . 
D 4 HOH 85  294 294 HOH HOH A . 
D 4 HOH 86  295 295 HOH HOH A . 
D 4 HOH 87  296 296 HOH HOH A . 
D 4 HOH 88  297 297 HOH HOH A . 
D 4 HOH 89  298 298 HOH HOH A . 
D 4 HOH 90  299 299 HOH HOH A . 
D 4 HOH 91  300 300 HOH HOH A . 
D 4 HOH 92  301 301 HOH HOH A . 
D 4 HOH 93  302 302 HOH HOH A . 
D 4 HOH 94  303 303 HOH HOH A . 
D 4 HOH 95  304 304 HOH HOH A . 
D 4 HOH 96  305 305 HOH HOH A . 
D 4 HOH 97  307 307 HOH HOH A . 
D 4 HOH 98  308 308 HOH HOH A . 
D 4 HOH 99  310 310 HOH HOH A . 
D 4 HOH 100 311 311 HOH HOH A . 
D 4 HOH 101 312 312 HOH HOH A . 
D 4 HOH 102 313 313 HOH HOH A . 
D 4 HOH 103 315 315 HOH HOH A . 
D 4 HOH 104 318 318 HOH HOH A . 
D 4 HOH 105 319 319 HOH HOH A . 
D 4 HOH 106 320 320 HOH HOH A . 
D 4 HOH 107 321 321 HOH HOH A . 
D 4 HOH 108 323 323 HOH HOH A . 
D 4 HOH 109 326 326 HOH HOH A . 
D 4 HOH 110 327 327 HOH HOH A . 
D 4 HOH 111 329 329 HOH HOH A . 
D 4 HOH 112 331 331 HOH HOH A . 
D 4 HOH 113 332 332 HOH HOH A . 
D 4 HOH 114 333 333 HOH HOH A . 
D 4 HOH 115 334 334 HOH HOH A . 
D 4 HOH 116 335 335 HOH HOH A . 
D 4 HOH 117 336 336 HOH HOH A . 
D 4 HOH 118 339 339 HOH HOH A . 
D 4 HOH 119 340 340 HOH HOH A . 
D 4 HOH 120 341 341 HOH HOH A . 
D 4 HOH 121 342 342 HOH HOH A . 
D 4 HOH 122 344 344 HOH HOH A . 
D 4 HOH 123 350 350 HOH HOH A . 
D 4 HOH 124 352 352 HOH HOH A . 
D 4 HOH 125 353 353 HOH HOH A . 
D 4 HOH 126 354 354 HOH HOH A . 
D 4 HOH 127 356 356 HOH HOH A . 
D 4 HOH 128 357 357 HOH HOH A . 
D 4 HOH 129 358 358 HOH HOH A . 
D 4 HOH 130 359 359 HOH HOH A . 
D 4 HOH 131 360 360 HOH HOH A . 
D 4 HOH 132 361 361 HOH HOH A . 
D 4 HOH 133 365 365 HOH HOH A . 
D 4 HOH 134 366 366 HOH HOH A . 
D 4 HOH 135 367 367 HOH HOH A . 
D 4 HOH 136 368 368 HOH HOH A . 
D 4 HOH 137 369 369 HOH HOH A . 
D 4 HOH 138 370 370 HOH HOH A . 
D 4 HOH 139 371 371 HOH HOH A . 
D 4 HOH 140 374 374 HOH HOH A . 
D 4 HOH 141 375 375 HOH HOH A . 
D 4 HOH 142 378 378 HOH HOH A . 
D 4 HOH 143 390 390 HOH HOH A . 
D 4 HOH 144 395 395 HOH HOH A . 
# 
loop_
_software.name 
_software.classification 
_software.version 
_software.citation_id 
_software.pdbx_ordinal 
X-PLOR 'model building' . ? 1 
X-PLOR refinement       . ? 2 
X-PLOR phasing          . ? 3 
# 
_cell.entry_id           1BCX 
_cell.length_a           44.090 
_cell.length_b           52.710 
_cell.length_c           78.970 
_cell.angle_alpha        90.00 
_cell.angle_beta         90.00 
_cell.angle_gamma        90.00 
_cell.Z_PDB              4 
_cell.pdbx_unique_axis   ? 
# 
_symmetry.entry_id                         1BCX 
_symmetry.space_group_name_H-M             'P 21 21 21' 
_symmetry.pdbx_full_space_group_name_H-M   ? 
_symmetry.cell_setting                     ? 
_symmetry.Int_Tables_number                19 
# 
_exptl.entry_id          1BCX 
_exptl.method            'X-RAY DIFFRACTION' 
_exptl.crystals_number   ? 
# 
_exptl_crystal.id                    1 
_exptl_crystal.density_meas          ? 
_exptl_crystal.density_Matthews      2.25 
_exptl_crystal.density_percent_sol   45.34 
_exptl_crystal.description           ? 
# 
_diffrn.id                     1 
_diffrn.ambient_temp           ? 
_diffrn.ambient_temp_details   ? 
_diffrn.crystal_id             1 
# 
_diffrn_radiation.diffrn_id                        1 
_diffrn_radiation.wavelength_id                    1 
_diffrn_radiation.pdbx_monochromatic_or_laue_m_l   ? 
_diffrn_radiation.monochromator                    ? 
_diffrn_radiation.pdbx_diffrn_protocol             ? 
_diffrn_radiation.pdbx_scattering_type             x-ray 
# 
_diffrn_radiation_wavelength.id           1 
_diffrn_radiation_wavelength.wavelength   . 
_diffrn_radiation_wavelength.wt           1.0 
# 
_refine.entry_id                                 1BCX 
_refine.ls_number_reflns_obs                     16177 
_refine.ls_number_reflns_all                     ? 
_refine.pdbx_ls_sigma_I                          ? 
_refine.pdbx_ls_sigma_F                          2. 
_refine.pdbx_data_cutoff_high_absF               ? 
_refine.pdbx_data_cutoff_low_absF                ? 
_refine.pdbx_data_cutoff_high_rms_absF           ? 
_refine.ls_d_res_low                             8.0 
_refine.ls_d_res_high                            1.81 
_refine.ls_percent_reflns_obs                    ? 
_refine.ls_R_factor_obs                          0.161 
_refine.ls_R_factor_all                          ? 
_refine.ls_R_factor_R_work                       0.161 
_refine.ls_R_factor_R_free                       ? 
_refine.ls_R_factor_R_free_error                 ? 
_refine.ls_R_factor_R_free_error_details         ? 
_refine.ls_percent_reflns_R_free                 ? 
_refine.ls_number_reflns_R_free                  ? 
_refine.ls_number_parameters                     ? 
_refine.ls_number_restraints                     ? 
_refine.occupancy_min                            ? 
_refine.occupancy_max                            ? 
_refine.B_iso_mean                               ? 
_refine.aniso_B[1][1]                            ? 
_refine.aniso_B[2][2]                            ? 
_refine.aniso_B[3][3]                            ? 
_refine.aniso_B[1][2]                            ? 
_refine.aniso_B[1][3]                            ? 
_refine.aniso_B[2][3]                            ? 
_refine.solvent_model_details                    ? 
_refine.solvent_model_param_ksol                 ? 
_refine.solvent_model_param_bsol                 ? 
_refine.pdbx_ls_cross_valid_method               ? 
_refine.details                                  
;ALL NON-GLYCINE RESIDUES LIE WITHIN THE ALLOWED REGIONS OF THE RAMACHANDRAN PLOT EXCEPT ASP 121 AND ALA 165.  THE ELECTRON DENSITY FOR BOTH ASP 121 AND ALA 165 IS VERY CLEAR.
;
_refine.pdbx_starting_model                      ? 
_refine.pdbx_method_to_determine_struct          ? 
_refine.pdbx_isotropic_thermal_model             ? 
_refine.pdbx_stereochemistry_target_values       ? 
_refine.pdbx_stereochem_target_val_spec_case     ? 
_refine.pdbx_R_Free_selection_details            ? 
_refine.pdbx_overall_ESU_R                       ? 
_refine.pdbx_overall_ESU_R_Free                  ? 
_refine.overall_SU_ML                            ? 
_refine.overall_SU_B                             ? 
_refine.pdbx_refine_id                           'X-RAY DIFFRACTION' 
_refine.pdbx_diffrn_id                           1 
_refine.pdbx_TLS_residual_ADP_flag               ? 
_refine.correlation_coeff_Fo_to_Fc               ? 
_refine.correlation_coeff_Fo_to_Fc_free          ? 
_refine.pdbx_solvent_vdw_probe_radii             ? 
_refine.pdbx_solvent_ion_probe_radii             ? 
_refine.pdbx_solvent_shrinkage_radii             ? 
_refine.pdbx_overall_phase_error                 ? 
_refine.overall_SU_R_Cruickshank_DPI             ? 
_refine.pdbx_overall_SU_R_free_Cruickshank_DPI   ? 
_refine.pdbx_overall_SU_R_Blow_DPI               ? 
_refine.pdbx_overall_SU_R_free_Blow_DPI          ? 
# 
_refine_hist.pdbx_refine_id                   'X-RAY DIFFRACTION' 
_refine_hist.cycle_id                         LAST 
_refine_hist.pdbx_number_atoms_protein        1445 
_refine_hist.pdbx_number_atoms_nucleic_acid   0 
_refine_hist.pdbx_number_atoms_ligand         24 
_refine_hist.number_atoms_solvent             144 
_refine_hist.number_atoms_total               1613 
_refine_hist.d_res_high                       1.81 
_refine_hist.d_res_low                        8.0 
# 
loop_
_refine_ls_restr.type 
_refine_ls_restr.dev_ideal 
_refine_ls_restr.dev_ideal_target 
_refine_ls_restr.weight 
_refine_ls_restr.number 
_refine_ls_restr.pdbx_refine_id 
_refine_ls_restr.pdbx_restraint_function 
x_bond_d                0.008 ? ? ? 'X-RAY DIFFRACTION' ? 
x_bond_d_na             ?     ? ? ? 'X-RAY DIFFRACTION' ? 
x_bond_d_prot           ?     ? ? ? 'X-RAY DIFFRACTION' ? 
x_angle_d               ?     ? ? ? 'X-RAY DIFFRACTION' ? 
x_angle_d_na            ?     ? ? ? 'X-RAY DIFFRACTION' ? 
x_angle_d_prot          ?     ? ? ? 'X-RAY DIFFRACTION' ? 
x_angle_deg             1.66  ? ? ? 'X-RAY DIFFRACTION' ? 
x_angle_deg_na          ?     ? ? ? 'X-RAY DIFFRACTION' ? 
x_angle_deg_prot        ?     ? ? ? 'X-RAY DIFFRACTION' ? 
x_dihedral_angle_d      27.26 ? ? ? 'X-RAY DIFFRACTION' ? 
x_dihedral_angle_d_na   ?     ? ? ? 'X-RAY DIFFRACTION' ? 
x_dihedral_angle_d_prot ?     ? ? ? 'X-RAY DIFFRACTION' ? 
x_improper_angle_d      1.26  ? ? ? 'X-RAY DIFFRACTION' ? 
x_improper_angle_d_na   ?     ? ? ? 'X-RAY DIFFRACTION' ? 
x_improper_angle_d_prot ?     ? ? ? 'X-RAY DIFFRACTION' ? 
x_mcbond_it             ?     ? ? ? 'X-RAY DIFFRACTION' ? 
x_mcangle_it            ?     ? ? ? 'X-RAY DIFFRACTION' ? 
x_scbond_it             ?     ? ? ? 'X-RAY DIFFRACTION' ? 
x_scangle_it            ?     ? ? ? 'X-RAY DIFFRACTION' ? 
# 
_struct.entry_id                  1BCX 
_struct.title                     
'MUTATIONAL AND CRYSTALLOGRAPHIC ANALYSES OF THE ACTIVE SITE RESIDUES OF THE BACILLUS CIRCULANS XYLANASE' 
_struct.pdbx_model_details        ? 
_struct.pdbx_CASP_flag            ? 
_struct.pdbx_model_type_details   ? 
# 
_struct_keywords.entry_id        1BCX 
_struct_keywords.pdbx_keywords   'HYDROLASE(XYLAN DEGRADATION)' 
_struct_keywords.text            'HYDROLASE(XYLAN DEGRADATION)' 
# 
loop_
_struct_asym.id 
_struct_asym.pdbx_blank_PDB_chainid_flag 
_struct_asym.pdbx_modified 
_struct_asym.entity_id 
_struct_asym.details 
A N N 1 ? 
B N N 2 ? 
C N N 3 ? 
D N N 4 ? 
# 
_struct_ref.id                         1 
_struct_ref.db_name                    UNP 
_struct_ref.db_code                    XYNA_BACCI 
_struct_ref.entity_id                  1 
_struct_ref.pdbx_db_accession          P09850 
_struct_ref.pdbx_align_begin           1 
_struct_ref.pdbx_seq_one_letter_code   
;MFKFKKNFLVGLSAALMSISLFSATASAASTDYWQNWTDGGGIVNAVNGSGGNYSVNWSNTGNFVVGKGWTTGSPFRTIN
YNAGVWAPNGNGYLTLYGWTRSPLIEYYVVDSWGTYRPTGTYKGTVKSDGGTYDIYTTTRYNAPSIDGDRTTFTQYWSVR
QSKRPTGSNATITFTNHVNAWKSHGMNLGSNWAYQVMATEGYQSSGSSNVTVW
;
_struct_ref.pdbx_db_isoform            ? 
# 
_struct_ref_seq.align_id                      1 
_struct_ref_seq.ref_id                        1 
_struct_ref_seq.pdbx_PDB_id_code              1BCX 
_struct_ref_seq.pdbx_strand_id                A 
_struct_ref_seq.seq_align_beg                 1 
_struct_ref_seq.pdbx_seq_align_beg_ins_code   ? 
_struct_ref_seq.seq_align_end                 185 
_struct_ref_seq.pdbx_seq_align_end_ins_code   ? 
_struct_ref_seq.pdbx_db_accession             P09850 
_struct_ref_seq.db_align_beg                  29 
_struct_ref_seq.pdbx_db_align_beg_ins_code    ? 
_struct_ref_seq.db_align_end                  213 
_struct_ref_seq.pdbx_db_align_end_ins_code    ? 
_struct_ref_seq.pdbx_auth_seq_align_beg       1 
_struct_ref_seq.pdbx_auth_seq_align_end       185 
# 
_struct_ref_seq_dif.align_id                     1 
_struct_ref_seq_dif.pdbx_pdb_id_code             1BCX 
_struct_ref_seq_dif.mon_id                       CYS 
_struct_ref_seq_dif.pdbx_pdb_strand_id           A 
_struct_ref_seq_dif.seq_num                      172 
_struct_ref_seq_dif.pdbx_pdb_ins_code            ? 
_struct_ref_seq_dif.pdbx_seq_db_name             UNP 
_struct_ref_seq_dif.pdbx_seq_db_accession_code   P09850 
_struct_ref_seq_dif.db_mon_id                    GLU 
_struct_ref_seq_dif.pdbx_seq_db_seq_num          200 
_struct_ref_seq_dif.details                      conflict 
_struct_ref_seq_dif.pdbx_auth_seq_num            172 
_struct_ref_seq_dif.pdbx_ordinal                 1 
# 
_pdbx_struct_assembly.id                   1 
_pdbx_struct_assembly.details              author_defined_assembly 
_pdbx_struct_assembly.method_details       ? 
_pdbx_struct_assembly.oligomeric_details   monomeric 
_pdbx_struct_assembly.oligomeric_count     1 
# 
_pdbx_struct_assembly_gen.assembly_id       1 
_pdbx_struct_assembly_gen.oper_expression   1 
_pdbx_struct_assembly_gen.asym_id_list      A,B,C,D 
# 
_pdbx_struct_oper_list.id                   1 
_pdbx_struct_oper_list.type                 'identity operation' 
_pdbx_struct_oper_list.name                 1_555 
_pdbx_struct_oper_list.symmetry_operation   x,y,z 
_pdbx_struct_oper_list.matrix[1][1]         1.0000000000 
_pdbx_struct_oper_list.matrix[1][2]         0.0000000000 
_pdbx_struct_oper_list.matrix[1][3]         0.0000000000 
_pdbx_struct_oper_list.vector[1]            0.0000000000 
_pdbx_struct_oper_list.matrix[2][1]         0.0000000000 
_pdbx_struct_oper_list.matrix[2][2]         1.0000000000 
_pdbx_struct_oper_list.matrix[2][3]         0.0000000000 
_pdbx_struct_oper_list.vector[2]            0.0000000000 
_pdbx_struct_oper_list.matrix[3][1]         0.0000000000 
_pdbx_struct_oper_list.matrix[3][2]         0.0000000000 
_pdbx_struct_oper_list.matrix[3][3]         1.0000000000 
_pdbx_struct_oper_list.vector[3]            0.0000000000 
# 
_struct_biol.id   1 
# 
_struct_conf.conf_type_id            HELX_P 
_struct_conf.id                      HELX_P1 
_struct_conf.pdbx_PDB_helix_id       H1 
_struct_conf.beg_label_comp_id       THR 
_struct_conf.beg_label_asym_id       A 
_struct_conf.beg_label_seq_id        147 
_struct_conf.pdbx_beg_PDB_ins_code   ? 
_struct_conf.end_label_comp_id       LYS 
_struct_conf.end_label_asym_id       A 
_struct_conf.end_label_seq_id        154 
_struct_conf.pdbx_end_PDB_ins_code   ? 
_struct_conf.beg_auth_comp_id        THR 
_struct_conf.beg_auth_asym_id        A 
_struct_conf.beg_auth_seq_id         147 
_struct_conf.end_auth_comp_id        LYS 
_struct_conf.end_auth_asym_id        A 
_struct_conf.end_auth_seq_id         154 
_struct_conf.pdbx_PDB_helix_class    1 
_struct_conf.details                 ? 
_struct_conf.pdbx_PDB_helix_length   8 
# 
_struct_conf_type.id          HELX_P 
_struct_conf_type.criteria    ? 
_struct_conf_type.reference   ? 
# 
_struct_conn.id                            covale1 
_struct_conn.conn_type_id                  covale 
_struct_conn.pdbx_leaving_atom_flag        both 
_struct_conn.pdbx_PDB_id                   ? 
_struct_conn.ptnr1_label_asym_id           B 
_struct_conn.ptnr1_label_comp_id           XYP 
_struct_conn.ptnr1_label_seq_id            . 
_struct_conn.ptnr1_label_atom_id           O4 
_struct_conn.pdbx_ptnr1_label_alt_id       ? 
_struct_conn.pdbx_ptnr1_PDB_ins_code       ? 
_struct_conn.pdbx_ptnr1_standard_comp_id   ? 
_struct_conn.ptnr1_symmetry                1_555 
_struct_conn.ptnr2_label_asym_id           B 
_struct_conn.ptnr2_label_comp_id           XYP 
_struct_conn.ptnr2_label_seq_id            . 
_struct_conn.ptnr2_label_atom_id           C1 
_struct_conn.pdbx_ptnr2_label_alt_id       ? 
_struct_conn.pdbx_ptnr2_PDB_ins_code       ? 
_struct_conn.ptnr1_auth_asym_id            B 
_struct_conn.ptnr1_auth_comp_id            XYP 
_struct_conn.ptnr1_auth_seq_id             1 
_struct_conn.ptnr2_auth_asym_id            B 
_struct_conn.ptnr2_auth_comp_id            XYP 
_struct_conn.ptnr2_auth_seq_id             2 
_struct_conn.ptnr2_symmetry                1_555 
_struct_conn.pdbx_ptnr3_label_atom_id      ? 
_struct_conn.pdbx_ptnr3_label_seq_id       ? 
_struct_conn.pdbx_ptnr3_label_comp_id      ? 
_struct_conn.pdbx_ptnr3_label_asym_id      ? 
_struct_conn.pdbx_ptnr3_label_alt_id       ? 
_struct_conn.pdbx_ptnr3_PDB_ins_code       ? 
_struct_conn.details                       ? 
_struct_conn.pdbx_dist_value               1.385 
_struct_conn.pdbx_value_order              ? 
_struct_conn.pdbx_role                     ? 
# 
_struct_conn_type.id          covale 
_struct_conn_type.criteria    ? 
_struct_conn_type.reference   ? 
# 
_struct_mon_prot_cis.pdbx_id                1 
_struct_mon_prot_cis.label_comp_id          SER 
_struct_mon_prot_cis.label_seq_id           74 
_struct_mon_prot_cis.label_asym_id          A 
_struct_mon_prot_cis.label_alt_id           . 
_struct_mon_prot_cis.pdbx_PDB_ins_code      ? 
_struct_mon_prot_cis.auth_comp_id           SER 
_struct_mon_prot_cis.auth_seq_id            74 
_struct_mon_prot_cis.auth_asym_id           A 
_struct_mon_prot_cis.pdbx_label_comp_id_2   PRO 
_struct_mon_prot_cis.pdbx_label_seq_id_2    75 
_struct_mon_prot_cis.pdbx_label_asym_id_2   A 
_struct_mon_prot_cis.pdbx_PDB_ins_code_2    ? 
_struct_mon_prot_cis.pdbx_auth_comp_id_2    PRO 
_struct_mon_prot_cis.pdbx_auth_seq_id_2     75 
_struct_mon_prot_cis.pdbx_auth_asym_id_2    A 
_struct_mon_prot_cis.pdbx_PDB_model_num     1 
_struct_mon_prot_cis.pdbx_omega_angle       0.69 
# 
loop_
_struct_sheet.id 
_struct_sheet.type 
_struct_sheet.number_strands 
_struct_sheet.details 
A ? 5 ? 
B ? 5 ? 
C ? 6 ? 
# 
loop_
_struct_sheet_order.sheet_id 
_struct_sheet_order.range_id_1 
_struct_sheet_order.range_id_2 
_struct_sheet_order.offset 
_struct_sheet_order.sense 
A 1 2 ? anti-parallel 
A 2 3 ? anti-parallel 
A 3 4 ? anti-parallel 
A 4 5 ? anti-parallel 
B 1 2 ? anti-parallel 
B 2 3 ? anti-parallel 
B 3 4 ? anti-parallel 
B 4 5 ? anti-parallel 
C 1 2 ? anti-parallel 
C 2 3 ? anti-parallel 
C 3 4 ? parallel      
C 4 5 ? anti-parallel 
C 5 6 ? anti-parallel 
# 
loop_
_struct_sheet_range.sheet_id 
_struct_sheet_range.id 
_struct_sheet_range.beg_label_comp_id 
_struct_sheet_range.beg_label_asym_id 
_struct_sheet_range.beg_label_seq_id 
_struct_sheet_range.pdbx_beg_PDB_ins_code 
_struct_sheet_range.end_label_comp_id 
_struct_sheet_range.end_label_asym_id 
_struct_sheet_range.end_label_seq_id 
_struct_sheet_range.pdbx_end_PDB_ins_code 
_struct_sheet_range.beg_auth_comp_id 
_struct_sheet_range.beg_auth_asym_id 
_struct_sheet_range.beg_auth_seq_id 
_struct_sheet_range.end_auth_comp_id 
_struct_sheet_range.end_auth_asym_id 
_struct_sheet_range.end_auth_seq_id 
A 1 ILE A 15  ? GLY A 21  ? ILE A 15  GLY A 21  
A 2 ASN A 25  ? SER A 31  ? ASN A 25  SER A 31  
A 3 GLY A 178 ? VAL A 184 ? GLY A 178 VAL A 184 
A 4 ARG A 49  ? PRO A 60  ? ARG A 49  PRO A 60  
A 5 ASN A 141 ? PHE A 146 ? ASN A 141 PHE A 146 
B 1 SER A 2   ? THR A 10  ? SER A 2   THR A 10  
B 2 ASN A 35  ? VAL A 38  ? ASN A 35  VAL A 38  
B 3 ALA A 170 ? TYR A 174 ? ALA A 170 TYR A 174 
B 4 GLY A 64  ? LEU A 66  ? GLY A 64  LEU A 66  
B 5 SER A 84  ? GLY A 86  ? SER A 84  GLY A 86  
C 1 GLY A 96  ? SER A 100 ? GLY A 96  SER A 100 
C 2 GLY A 103 ? TYR A 113 ? GLY A 103 TYR A 113 
C 3 PHE A 125 ? VAL A 131 ? PHE A 125 VAL A 131 
C 4 ILE A 77  ? VAL A 81  ? ILE A 77  VAL A 81  
C 5 LEU A 68  ? ARG A 73  ? LEU A 68  ARG A 73  
C 6 ASN A 163 ? VAL A 168 ? ASN A 163 VAL A 168 
# 
loop_
_pdbx_struct_sheet_hbond.sheet_id 
_pdbx_struct_sheet_hbond.range_id_1 
_pdbx_struct_sheet_hbond.range_id_2 
_pdbx_struct_sheet_hbond.range_1_label_atom_id 
_pdbx_struct_sheet_hbond.range_1_label_comp_id 
_pdbx_struct_sheet_hbond.range_1_label_asym_id 
_pdbx_struct_sheet_hbond.range_1_label_seq_id 
_pdbx_struct_sheet_hbond.range_1_PDB_ins_code 
_pdbx_struct_sheet_hbond.range_1_auth_atom_id 
_pdbx_struct_sheet_hbond.range_1_auth_comp_id 
_pdbx_struct_sheet_hbond.range_1_auth_asym_id 
_pdbx_struct_sheet_hbond.range_1_auth_seq_id 
_pdbx_struct_sheet_hbond.range_2_label_atom_id 
_pdbx_struct_sheet_hbond.range_2_label_comp_id 
_pdbx_struct_sheet_hbond.range_2_label_asym_id 
_pdbx_struct_sheet_hbond.range_2_label_seq_id 
_pdbx_struct_sheet_hbond.range_2_PDB_ins_code 
_pdbx_struct_sheet_hbond.range_2_auth_atom_id 
_pdbx_struct_sheet_hbond.range_2_auth_comp_id 
_pdbx_struct_sheet_hbond.range_2_auth_asym_id 
_pdbx_struct_sheet_hbond.range_2_auth_seq_id 
A 1 2 N GLY A 21  ? N GLY A 21  O ASN A 25  ? O ASN A 25  
A 2 3 O TRP A 30  ? O TRP A 30  N GLY A 178 ? N GLY A 178 
A 3 4 O THR A 183 ? O THR A 183 N ASN A 54  ? N ASN A 54  
A 4 5 O TYR A 53  ? O TYR A 53  N ALA A 142 ? N ALA A 142 
B 1 2 O TRP A 9   ? O TRP A 9   N VAL A 37  ? N VAL A 37  
B 2 3 O VAL A 38  ? O VAL A 38  N THR A 171 ? N THR A 171 
B 3 4 N TYR A 174 ? N TYR A 174 O ASN A 63  ? O ASN A 63  
B 4 5 O LEU A 66  ? O LEU A 66  N SER A 84  ? N SER A 84  
C 1 2 O SER A 100 ? O SER A 100 N GLY A 103 ? N GLY A 103 
C 2 3 O ARG A 112 ? O ARG A 112 N PHE A 125 ? N PHE A 125 
C 3 4 O THR A 126 ? O THR A 126 N GLU A 78  ? N GLU A 78  
C 4 5 O VAL A 81  ? O VAL A 81  N LEU A 68  ? N LEU A 68  
C 5 6 O ARG A 73  ? O ARG A 73  N ASN A 163 ? N ASN A 163 
# 
loop_
_struct_site.id 
_struct_site.pdbx_evidence_code 
_struct_site.pdbx_auth_asym_id 
_struct_site.pdbx_auth_comp_id 
_struct_site.pdbx_auth_seq_id 
_struct_site.pdbx_auth_ins_code 
_struct_site.pdbx_num_residues 
_struct_site.details 
AS1 Author ? ? ? ? 2 'CATALYTIC SITE RESIDUES'                                                                         
AS2 Author ? ? ? ? 4 'GROUP OF TYROSINE RESIDUES IN THE ACTIVE SITE THAT APPEAR TO BE IMPORTANT FOR SUBSTRATE BINDING' 
# 
loop_
_struct_site_gen.id 
_struct_site_gen.site_id 
_struct_site_gen.pdbx_num_res 
_struct_site_gen.label_comp_id 
_struct_site_gen.label_asym_id 
_struct_site_gen.label_seq_id 
_struct_site_gen.pdbx_auth_ins_code 
_struct_site_gen.auth_comp_id 
_struct_site_gen.auth_asym_id 
_struct_site_gen.auth_seq_id 
_struct_site_gen.label_atom_id 
_struct_site_gen.label_alt_id 
_struct_site_gen.symmetry 
_struct_site_gen.details 
1 AS1 2 GLU A 78  ? GLU A 78  . ? 1_555 ? 
2 AS1 2 CYS A 172 ? CYS A 172 . ? 1_555 ? 
3 AS2 4 TYR A 5   ? TYR A 5   . ? 1_555 ? 
4 AS2 4 TYR A 69  ? TYR A 69  . ? 1_555 ? 
5 AS2 4 TYR A 80  ? TYR A 80  . ? 1_555 ? 
6 AS2 4 TYR A 166 ? TYR A 166 . ? 1_555 ? 
# 
_pdbx_validate_rmsd_angle.id                         1 
_pdbx_validate_rmsd_angle.PDB_model_num              1 
_pdbx_validate_rmsd_angle.auth_atom_id_1             N 
_pdbx_validate_rmsd_angle.auth_asym_id_1             A 
_pdbx_validate_rmsd_angle.auth_comp_id_1             GLY 
_pdbx_validate_rmsd_angle.auth_seq_id_1              34 
_pdbx_validate_rmsd_angle.PDB_ins_code_1             ? 
_pdbx_validate_rmsd_angle.label_alt_id_1             ? 
_pdbx_validate_rmsd_angle.auth_atom_id_2             CA 
_pdbx_validate_rmsd_angle.auth_asym_id_2             A 
_pdbx_validate_rmsd_angle.auth_comp_id_2             GLY 
_pdbx_validate_rmsd_angle.auth_seq_id_2              34 
_pdbx_validate_rmsd_angle.PDB_ins_code_2             ? 
_pdbx_validate_rmsd_angle.label_alt_id_2             ? 
_pdbx_validate_rmsd_angle.auth_atom_id_3             C 
_pdbx_validate_rmsd_angle.auth_asym_id_3             A 
_pdbx_validate_rmsd_angle.auth_comp_id_3             GLY 
_pdbx_validate_rmsd_angle.auth_seq_id_3              34 
_pdbx_validate_rmsd_angle.PDB_ins_code_3             ? 
_pdbx_validate_rmsd_angle.label_alt_id_3             ? 
_pdbx_validate_rmsd_angle.angle_value                97.38 
_pdbx_validate_rmsd_angle.angle_target_value         113.10 
_pdbx_validate_rmsd_angle.angle_deviation            -15.72 
_pdbx_validate_rmsd_angle.angle_standard_deviation   2.50 
_pdbx_validate_rmsd_angle.linker_flag                N 
# 
loop_
_pdbx_validate_torsion.id 
_pdbx_validate_torsion.PDB_model_num 
_pdbx_validate_torsion.auth_comp_id 
_pdbx_validate_torsion.auth_asym_id 
_pdbx_validate_torsion.auth_seq_id 
_pdbx_validate_torsion.PDB_ins_code 
_pdbx_validate_torsion.label_alt_id 
_pdbx_validate_torsion.phi 
_pdbx_validate_torsion.psi 
1 1 ASN A 61  ? ? -115.65 71.55   
2 1 ASP A 121 ? ? 59.80   -157.76 
3 1 ALA A 165 ? ? -97.64  -156.14 
# 
_pdbx_molecule_features.prd_id    PRD_900116 
_pdbx_molecule_features.name      4beta-beta-xylobiose 
_pdbx_molecule_features.type      Oligosaccharide 
_pdbx_molecule_features.class     Metabolism 
_pdbx_molecule_features.details   oligosaccharide 
# 
_pdbx_molecule.instance_id   1 
_pdbx_molecule.prd_id        PRD_900116 
_pdbx_molecule.asym_id       B 
# 
loop_
_chem_comp_atom.comp_id 
_chem_comp_atom.atom_id 
_chem_comp_atom.type_symbol 
_chem_comp_atom.pdbx_aromatic_flag 
_chem_comp_atom.pdbx_stereo_config 
_chem_comp_atom.pdbx_ordinal 
ALA N    N N N 1   
ALA CA   C N S 2   
ALA C    C N N 3   
ALA O    O N N 4   
ALA CB   C N N 5   
ALA OXT  O N N 6   
ALA H    H N N 7   
ALA H2   H N N 8   
ALA HA   H N N 9   
ALA HB1  H N N 10  
ALA HB2  H N N 11  
ALA HB3  H N N 12  
ALA HXT  H N N 13  
ARG N    N N N 14  
ARG CA   C N S 15  
ARG C    C N N 16  
ARG O    O N N 17  
ARG CB   C N N 18  
ARG CG   C N N 19  
ARG CD   C N N 20  
ARG NE   N N N 21  
ARG CZ   C N N 22  
ARG NH1  N N N 23  
ARG NH2  N N N 24  
ARG OXT  O N N 25  
ARG H    H N N 26  
ARG H2   H N N 27  
ARG HA   H N N 28  
ARG HB2  H N N 29  
ARG HB3  H N N 30  
ARG HG2  H N N 31  
ARG HG3  H N N 32  
ARG HD2  H N N 33  
ARG HD3  H N N 34  
ARG HE   H N N 35  
ARG HH11 H N N 36  
ARG HH12 H N N 37  
ARG HH21 H N N 38  
ARG HH22 H N N 39  
ARG HXT  H N N 40  
ASN N    N N N 41  
ASN CA   C N S 42  
ASN C    C N N 43  
ASN O    O N N 44  
ASN CB   C N N 45  
ASN CG   C N N 46  
ASN OD1  O N N 47  
ASN ND2  N N N 48  
ASN OXT  O N N 49  
ASN H    H N N 50  
ASN H2   H N N 51  
ASN HA   H N N 52  
ASN HB2  H N N 53  
ASN HB3  H N N 54  
ASN HD21 H N N 55  
ASN HD22 H N N 56  
ASN HXT  H N N 57  
ASP N    N N N 58  
ASP CA   C N S 59  
ASP C    C N N 60  
ASP O    O N N 61  
ASP CB   C N N 62  
ASP CG   C N N 63  
ASP OD1  O N N 64  
ASP OD2  O N N 65  
ASP OXT  O N N 66  
ASP H    H N N 67  
ASP H2   H N N 68  
ASP HA   H N N 69  
ASP HB2  H N N 70  
ASP HB3  H N N 71  
ASP HD2  H N N 72  
ASP HXT  H N N 73  
CYS N    N N N 74  
CYS CA   C N R 75  
CYS C    C N N 76  
CYS O    O N N 77  
CYS CB   C N N 78  
CYS SG   S N N 79  
CYS OXT  O N N 80  
CYS H    H N N 81  
CYS H2   H N N 82  
CYS HA   H N N 83  
CYS HB2  H N N 84  
CYS HB3  H N N 85  
CYS HG   H N N 86  
CYS HXT  H N N 87  
GLN N    N N N 88  
GLN CA   C N S 89  
GLN C    C N N 90  
GLN O    O N N 91  
GLN CB   C N N 92  
GLN CG   C N N 93  
GLN CD   C N N 94  
GLN OE1  O N N 95  
GLN NE2  N N N 96  
GLN OXT  O N N 97  
GLN H    H N N 98  
GLN H2   H N N 99  
GLN HA   H N N 100 
GLN HB2  H N N 101 
GLN HB3  H N N 102 
GLN HG2  H N N 103 
GLN HG3  H N N 104 
GLN HE21 H N N 105 
GLN HE22 H N N 106 
GLN HXT  H N N 107 
GLU N    N N N 108 
GLU CA   C N S 109 
GLU C    C N N 110 
GLU O    O N N 111 
GLU CB   C N N 112 
GLU CG   C N N 113 
GLU CD   C N N 114 
GLU OE1  O N N 115 
GLU OE2  O N N 116 
GLU OXT  O N N 117 
GLU H    H N N 118 
GLU H2   H N N 119 
GLU HA   H N N 120 
GLU HB2  H N N 121 
GLU HB3  H N N 122 
GLU HG2  H N N 123 
GLU HG3  H N N 124 
GLU HE2  H N N 125 
GLU HXT  H N N 126 
GLY N    N N N 127 
GLY CA   C N N 128 
GLY C    C N N 129 
GLY O    O N N 130 
GLY OXT  O N N 131 
GLY H    H N N 132 
GLY H2   H N N 133 
GLY HA2  H N N 134 
GLY HA3  H N N 135 
GLY HXT  H N N 136 
HIS N    N N N 137 
HIS CA   C N S 138 
HIS C    C N N 139 
HIS O    O N N 140 
HIS CB   C N N 141 
HIS CG   C Y N 142 
HIS ND1  N Y N 143 
HIS CD2  C Y N 144 
HIS CE1  C Y N 145 
HIS NE2  N Y N 146 
HIS OXT  O N N 147 
HIS H    H N N 148 
HIS H2   H N N 149 
HIS HA   H N N 150 
HIS HB2  H N N 151 
HIS HB3  H N N 152 
HIS HD1  H N N 153 
HIS HD2  H N N 154 
HIS HE1  H N N 155 
HIS HE2  H N N 156 
HIS HXT  H N N 157 
HOH O    O N N 158 
HOH H1   H N N 159 
HOH H2   H N N 160 
ILE N    N N N 161 
ILE CA   C N S 162 
ILE C    C N N 163 
ILE O    O N N 164 
ILE CB   C N S 165 
ILE CG1  C N N 166 
ILE CG2  C N N 167 
ILE CD1  C N N 168 
ILE OXT  O N N 169 
ILE H    H N N 170 
ILE H2   H N N 171 
ILE HA   H N N 172 
ILE HB   H N N 173 
ILE HG12 H N N 174 
ILE HG13 H N N 175 
ILE HG21 H N N 176 
ILE HG22 H N N 177 
ILE HG23 H N N 178 
ILE HD11 H N N 179 
ILE HD12 H N N 180 
ILE HD13 H N N 181 
ILE HXT  H N N 182 
LEU N    N N N 183 
LEU CA   C N S 184 
LEU C    C N N 185 
LEU O    O N N 186 
LEU CB   C N N 187 
LEU CG   C N N 188 
LEU CD1  C N N 189 
LEU CD2  C N N 190 
LEU OXT  O N N 191 
LEU H    H N N 192 
LEU H2   H N N 193 
LEU HA   H N N 194 
LEU HB2  H N N 195 
LEU HB3  H N N 196 
LEU HG   H N N 197 
LEU HD11 H N N 198 
LEU HD12 H N N 199 
LEU HD13 H N N 200 
LEU HD21 H N N 201 
LEU HD22 H N N 202 
LEU HD23 H N N 203 
LEU HXT  H N N 204 
LYS N    N N N 205 
LYS CA   C N S 206 
LYS C    C N N 207 
LYS O    O N N 208 
LYS CB   C N N 209 
LYS CG   C N N 210 
LYS CD   C N N 211 
LYS CE   C N N 212 
LYS NZ   N N N 213 
LYS OXT  O N N 214 
LYS H    H N N 215 
LYS H2   H N N 216 
LYS HA   H N N 217 
LYS HB2  H N N 218 
LYS HB3  H N N 219 
LYS HG2  H N N 220 
LYS HG3  H N N 221 
LYS HD2  H N N 222 
LYS HD3  H N N 223 
LYS HE2  H N N 224 
LYS HE3  H N N 225 
LYS HZ1  H N N 226 
LYS HZ2  H N N 227 
LYS HZ3  H N N 228 
LYS HXT  H N N 229 
MET N    N N N 230 
MET CA   C N S 231 
MET C    C N N 232 
MET O    O N N 233 
MET CB   C N N 234 
MET CG   C N N 235 
MET SD   S N N 236 
MET CE   C N N 237 
MET OXT  O N N 238 
MET H    H N N 239 
MET H2   H N N 240 
MET HA   H N N 241 
MET HB2  H N N 242 
MET HB3  H N N 243 
MET HG2  H N N 244 
MET HG3  H N N 245 
MET HE1  H N N 246 
MET HE2  H N N 247 
MET HE3  H N N 248 
MET HXT  H N N 249 
PHE N    N N N 250 
PHE CA   C N S 251 
PHE C    C N N 252 
PHE O    O N N 253 
PHE CB   C N N 254 
PHE CG   C Y N 255 
PHE CD1  C Y N 256 
PHE CD2  C Y N 257 
PHE CE1  C Y N 258 
PHE CE2  C Y N 259 
PHE CZ   C Y N 260 
PHE OXT  O N N 261 
PHE H    H N N 262 
PHE H2   H N N 263 
PHE HA   H N N 264 
PHE HB2  H N N 265 
PHE HB3  H N N 266 
PHE HD1  H N N 267 
PHE HD2  H N N 268 
PHE HE1  H N N 269 
PHE HE2  H N N 270 
PHE HZ   H N N 271 
PHE HXT  H N N 272 
PRO N    N N N 273 
PRO CA   C N S 274 
PRO C    C N N 275 
PRO O    O N N 276 
PRO CB   C N N 277 
PRO CG   C N N 278 
PRO CD   C N N 279 
PRO OXT  O N N 280 
PRO H    H N N 281 
PRO HA   H N N 282 
PRO HB2  H N N 283 
PRO HB3  H N N 284 
PRO HG2  H N N 285 
PRO HG3  H N N 286 
PRO HD2  H N N 287 
PRO HD3  H N N 288 
PRO HXT  H N N 289 
SER N    N N N 290 
SER CA   C N S 291 
SER C    C N N 292 
SER O    O N N 293 
SER CB   C N N 294 
SER OG   O N N 295 
SER OXT  O N N 296 
SER H    H N N 297 
SER H2   H N N 298 
SER HA   H N N 299 
SER HB2  H N N 300 
SER HB3  H N N 301 
SER HG   H N N 302 
SER HXT  H N N 303 
SO4 S    S N N 304 
SO4 O1   O N N 305 
SO4 O2   O N N 306 
SO4 O3   O N N 307 
SO4 O4   O N N 308 
THR N    N N N 309 
THR CA   C N S 310 
THR C    C N N 311 
THR O    O N N 312 
THR CB   C N R 313 
THR OG1  O N N 314 
THR CG2  C N N 315 
THR OXT  O N N 316 
THR H    H N N 317 
THR H2   H N N 318 
THR HA   H N N 319 
THR HB   H N N 320 
THR HG1  H N N 321 
THR HG21 H N N 322 
THR HG22 H N N 323 
THR HG23 H N N 324 
THR HXT  H N N 325 
TRP N    N N N 326 
TRP CA   C N S 327 
TRP C    C N N 328 
TRP O    O N N 329 
TRP CB   C N N 330 
TRP CG   C Y N 331 
TRP CD1  C Y N 332 
TRP CD2  C Y N 333 
TRP NE1  N Y N 334 
TRP CE2  C Y N 335 
TRP CE3  C Y N 336 
TRP CZ2  C Y N 337 
TRP CZ3  C Y N 338 
TRP CH2  C Y N 339 
TRP OXT  O N N 340 
TRP H    H N N 341 
TRP H2   H N N 342 
TRP HA   H N N 343 
TRP HB2  H N N 344 
TRP HB3  H N N 345 
TRP HD1  H N N 346 
TRP HE1  H N N 347 
TRP HE3  H N N 348 
TRP HZ2  H N N 349 
TRP HZ3  H N N 350 
TRP HH2  H N N 351 
TRP HXT  H N N 352 
TYR N    N N N 353 
TYR CA   C N S 354 
TYR C    C N N 355 
TYR O    O N N 356 
TYR CB   C N N 357 
TYR CG   C Y N 358 
TYR CD1  C Y N 359 
TYR CD2  C Y N 360 
TYR CE1  C Y N 361 
TYR CE2  C Y N 362 
TYR CZ   C Y N 363 
TYR OH   O N N 364 
TYR OXT  O N N 365 
TYR H    H N N 366 
TYR H2   H N N 367 
TYR HA   H N N 368 
TYR HB2  H N N 369 
TYR HB3  H N N 370 
TYR HD1  H N N 371 
TYR HD2  H N N 372 
TYR HE1  H N N 373 
TYR HE2  H N N 374 
TYR HH   H N N 375 
TYR HXT  H N N 376 
VAL N    N N N 377 
VAL CA   C N S 378 
VAL C    C N N 379 
VAL O    O N N 380 
VAL CB   C N N 381 
VAL CG1  C N N 382 
VAL CG2  C N N 383 
VAL OXT  O N N 384 
VAL H    H N N 385 
VAL H2   H N N 386 
VAL HA   H N N 387 
VAL HB   H N N 388 
VAL HG11 H N N 389 
VAL HG12 H N N 390 
VAL HG13 H N N 391 
VAL HG21 H N N 392 
VAL HG22 H N N 393 
VAL HG23 H N N 394 
VAL HXT  H N N 395 
XYP O1   O N N 396 
XYP C1   C N R 397 
XYP C2   C N R 398 
XYP C3   C N S 399 
XYP C4   C N R 400 
XYP C5   C N N 401 
XYP O2   O N N 402 
XYP O3   O N N 403 
XYP O4   O N N 404 
XYP O5   O N N 405 
XYP HO1  H N N 406 
XYP H1   H N N 407 
XYP H2   H N N 408 
XYP H3   H N N 409 
XYP H4   H N N 410 
XYP H51  H N N 411 
XYP H52  H N N 412 
XYP HO2  H N N 413 
XYP HO3  H N N 414 
XYP HO4  H N N 415 
# 
loop_
_chem_comp_bond.comp_id 
_chem_comp_bond.atom_id_1 
_chem_comp_bond.atom_id_2 
_chem_comp_bond.value_order 
_chem_comp_bond.pdbx_aromatic_flag 
_chem_comp_bond.pdbx_stereo_config 
_chem_comp_bond.pdbx_ordinal 
ALA N   CA   sing N N 1   
ALA N   H    sing N N 2   
ALA N   H2   sing N N 3   
ALA CA  C    sing N N 4   
ALA CA  CB   sing N N 5   
ALA CA  HA   sing N N 6   
ALA C   O    doub N N 7   
ALA C   OXT  sing N N 8   
ALA CB  HB1  sing N N 9   
ALA CB  HB2  sing N N 10  
ALA CB  HB3  sing N N 11  
ALA OXT HXT  sing N N 12  
ARG N   CA   sing N N 13  
ARG N   H    sing N N 14  
ARG N   H2   sing N N 15  
ARG CA  C    sing N N 16  
ARG CA  CB   sing N N 17  
ARG CA  HA   sing N N 18  
ARG C   O    doub N N 19  
ARG C   OXT  sing N N 20  
ARG CB  CG   sing N N 21  
ARG CB  HB2  sing N N 22  
ARG CB  HB3  sing N N 23  
ARG CG  CD   sing N N 24  
ARG CG  HG2  sing N N 25  
ARG CG  HG3  sing N N 26  
ARG CD  NE   sing N N 27  
ARG CD  HD2  sing N N 28  
ARG CD  HD3  sing N N 29  
ARG NE  CZ   sing N N 30  
ARG NE  HE   sing N N 31  
ARG CZ  NH1  sing N N 32  
ARG CZ  NH2  doub N N 33  
ARG NH1 HH11 sing N N 34  
ARG NH1 HH12 sing N N 35  
ARG NH2 HH21 sing N N 36  
ARG NH2 HH22 sing N N 37  
ARG OXT HXT  sing N N 38  
ASN N   CA   sing N N 39  
ASN N   H    sing N N 40  
ASN N   H2   sing N N 41  
ASN CA  C    sing N N 42  
ASN CA  CB   sing N N 43  
ASN CA  HA   sing N N 44  
ASN C   O    doub N N 45  
ASN C   OXT  sing N N 46  
ASN CB  CG   sing N N 47  
ASN CB  HB2  sing N N 48  
ASN CB  HB3  sing N N 49  
ASN CG  OD1  doub N N 50  
ASN CG  ND2  sing N N 51  
ASN ND2 HD21 sing N N 52  
ASN ND2 HD22 sing N N 53  
ASN OXT HXT  sing N N 54  
ASP N   CA   sing N N 55  
ASP N   H    sing N N 56  
ASP N   H2   sing N N 57  
ASP CA  C    sing N N 58  
ASP CA  CB   sing N N 59  
ASP CA  HA   sing N N 60  
ASP C   O    doub N N 61  
ASP C   OXT  sing N N 62  
ASP CB  CG   sing N N 63  
ASP CB  HB2  sing N N 64  
ASP CB  HB3  sing N N 65  
ASP CG  OD1  doub N N 66  
ASP CG  OD2  sing N N 67  
ASP OD2 HD2  sing N N 68  
ASP OXT HXT  sing N N 69  
CYS N   CA   sing N N 70  
CYS N   H    sing N N 71  
CYS N   H2   sing N N 72  
CYS CA  C    sing N N 73  
CYS CA  CB   sing N N 74  
CYS CA  HA   sing N N 75  
CYS C   O    doub N N 76  
CYS C   OXT  sing N N 77  
CYS CB  SG   sing N N 78  
CYS CB  HB2  sing N N 79  
CYS CB  HB3  sing N N 80  
CYS SG  HG   sing N N 81  
CYS OXT HXT  sing N N 82  
GLN N   CA   sing N N 83  
GLN N   H    sing N N 84  
GLN N   H2   sing N N 85  
GLN CA  C    sing N N 86  
GLN CA  CB   sing N N 87  
GLN CA  HA   sing N N 88  
GLN C   O    doub N N 89  
GLN C   OXT  sing N N 90  
GLN CB  CG   sing N N 91  
GLN CB  HB2  sing N N 92  
GLN CB  HB3  sing N N 93  
GLN CG  CD   sing N N 94  
GLN CG  HG2  sing N N 95  
GLN CG  HG3  sing N N 96  
GLN CD  OE1  doub N N 97  
GLN CD  NE2  sing N N 98  
GLN NE2 HE21 sing N N 99  
GLN NE2 HE22 sing N N 100 
GLN OXT HXT  sing N N 101 
GLU N   CA   sing N N 102 
GLU N   H    sing N N 103 
GLU N   H2   sing N N 104 
GLU CA  C    sing N N 105 
GLU CA  CB   sing N N 106 
GLU CA  HA   sing N N 107 
GLU C   O    doub N N 108 
GLU C   OXT  sing N N 109 
GLU CB  CG   sing N N 110 
GLU CB  HB2  sing N N 111 
GLU CB  HB3  sing N N 112 
GLU CG  CD   sing N N 113 
GLU CG  HG2  sing N N 114 
GLU CG  HG3  sing N N 115 
GLU CD  OE1  doub N N 116 
GLU CD  OE2  sing N N 117 
GLU OE2 HE2  sing N N 118 
GLU OXT HXT  sing N N 119 
GLY N   CA   sing N N 120 
GLY N   H    sing N N 121 
GLY N   H2   sing N N 122 
GLY CA  C    sing N N 123 
GLY CA  HA2  sing N N 124 
GLY CA  HA3  sing N N 125 
GLY C   O    doub N N 126 
GLY C   OXT  sing N N 127 
GLY OXT HXT  sing N N 128 
HIS N   CA   sing N N 129 
HIS N   H    sing N N 130 
HIS N   H2   sing N N 131 
HIS CA  C    sing N N 132 
HIS CA  CB   sing N N 133 
HIS CA  HA   sing N N 134 
HIS C   O    doub N N 135 
HIS C   OXT  sing N N 136 
HIS CB  CG   sing N N 137 
HIS CB  HB2  sing N N 138 
HIS CB  HB3  sing N N 139 
HIS CG  ND1  sing Y N 140 
HIS CG  CD2  doub Y N 141 
HIS ND1 CE1  doub Y N 142 
HIS ND1 HD1  sing N N 143 
HIS CD2 NE2  sing Y N 144 
HIS CD2 HD2  sing N N 145 
HIS CE1 NE2  sing Y N 146 
HIS CE1 HE1  sing N N 147 
HIS NE2 HE2  sing N N 148 
HIS OXT HXT  sing N N 149 
HOH O   H1   sing N N 150 
HOH O   H2   sing N N 151 
ILE N   CA   sing N N 152 
ILE N   H    sing N N 153 
ILE N   H2   sing N N 154 
ILE CA  C    sing N N 155 
ILE CA  CB   sing N N 156 
ILE CA  HA   sing N N 157 
ILE C   O    doub N N 158 
ILE C   OXT  sing N N 159 
ILE CB  CG1  sing N N 160 
ILE CB  CG2  sing N N 161 
ILE CB  HB   sing N N 162 
ILE CG1 CD1  sing N N 163 
ILE CG1 HG12 sing N N 164 
ILE CG1 HG13 sing N N 165 
ILE CG2 HG21 sing N N 166 
ILE CG2 HG22 sing N N 167 
ILE CG2 HG23 sing N N 168 
ILE CD1 HD11 sing N N 169 
ILE CD1 HD12 sing N N 170 
ILE CD1 HD13 sing N N 171 
ILE OXT HXT  sing N N 172 
LEU N   CA   sing N N 173 
LEU N   H    sing N N 174 
LEU N   H2   sing N N 175 
LEU CA  C    sing N N 176 
LEU CA  CB   sing N N 177 
LEU CA  HA   sing N N 178 
LEU C   O    doub N N 179 
LEU C   OXT  sing N N 180 
LEU CB  CG   sing N N 181 
LEU CB  HB2  sing N N 182 
LEU CB  HB3  sing N N 183 
LEU CG  CD1  sing N N 184 
LEU CG  CD2  sing N N 185 
LEU CG  HG   sing N N 186 
LEU CD1 HD11 sing N N 187 
LEU CD1 HD12 sing N N 188 
LEU CD1 HD13 sing N N 189 
LEU CD2 HD21 sing N N 190 
LEU CD2 HD22 sing N N 191 
LEU CD2 HD23 sing N N 192 
LEU OXT HXT  sing N N 193 
LYS N   CA   sing N N 194 
LYS N   H    sing N N 195 
LYS N   H2   sing N N 196 
LYS CA  C    sing N N 197 
LYS CA  CB   sing N N 198 
LYS CA  HA   sing N N 199 
LYS C   O    doub N N 200 
LYS C   OXT  sing N N 201 
LYS CB  CG   sing N N 202 
LYS CB  HB2  sing N N 203 
LYS CB  HB3  sing N N 204 
LYS CG  CD   sing N N 205 
LYS CG  HG2  sing N N 206 
LYS CG  HG3  sing N N 207 
LYS CD  CE   sing N N 208 
LYS CD  HD2  sing N N 209 
LYS CD  HD3  sing N N 210 
LYS CE  NZ   sing N N 211 
LYS CE  HE2  sing N N 212 
LYS CE  HE3  sing N N 213 
LYS NZ  HZ1  sing N N 214 
LYS NZ  HZ2  sing N N 215 
LYS NZ  HZ3  sing N N 216 
LYS OXT HXT  sing N N 217 
MET N   CA   sing N N 218 
MET N   H    sing N N 219 
MET N   H2   sing N N 220 
MET CA  C    sing N N 221 
MET CA  CB   sing N N 222 
MET CA  HA   sing N N 223 
MET C   O    doub N N 224 
MET C   OXT  sing N N 225 
MET CB  CG   sing N N 226 
MET CB  HB2  sing N N 227 
MET CB  HB3  sing N N 228 
MET CG  SD   sing N N 229 
MET CG  HG2  sing N N 230 
MET CG  HG3  sing N N 231 
MET SD  CE   sing N N 232 
MET CE  HE1  sing N N 233 
MET CE  HE2  sing N N 234 
MET CE  HE3  sing N N 235 
MET OXT HXT  sing N N 236 
PHE N   CA   sing N N 237 
PHE N   H    sing N N 238 
PHE N   H2   sing N N 239 
PHE CA  C    sing N N 240 
PHE CA  CB   sing N N 241 
PHE CA  HA   sing N N 242 
PHE C   O    doub N N 243 
PHE C   OXT  sing N N 244 
PHE CB  CG   sing N N 245 
PHE CB  HB2  sing N N 246 
PHE CB  HB3  sing N N 247 
PHE CG  CD1  doub Y N 248 
PHE CG  CD2  sing Y N 249 
PHE CD1 CE1  sing Y N 250 
PHE CD1 HD1  sing N N 251 
PHE CD2 CE2  doub Y N 252 
PHE CD2 HD2  sing N N 253 
PHE CE1 CZ   doub Y N 254 
PHE CE1 HE1  sing N N 255 
PHE CE2 CZ   sing Y N 256 
PHE CE2 HE2  sing N N 257 
PHE CZ  HZ   sing N N 258 
PHE OXT HXT  sing N N 259 
PRO N   CA   sing N N 260 
PRO N   CD   sing N N 261 
PRO N   H    sing N N 262 
PRO CA  C    sing N N 263 
PRO CA  CB   sing N N 264 
PRO CA  HA   sing N N 265 
PRO C   O    doub N N 266 
PRO C   OXT  sing N N 267 
PRO CB  CG   sing N N 268 
PRO CB  HB2  sing N N 269 
PRO CB  HB3  sing N N 270 
PRO CG  CD   sing N N 271 
PRO CG  HG2  sing N N 272 
PRO CG  HG3  sing N N 273 
PRO CD  HD2  sing N N 274 
PRO CD  HD3  sing N N 275 
PRO OXT HXT  sing N N 276 
SER N   CA   sing N N 277 
SER N   H    sing N N 278 
SER N   H2   sing N N 279 
SER CA  C    sing N N 280 
SER CA  CB   sing N N 281 
SER CA  HA   sing N N 282 
SER C   O    doub N N 283 
SER C   OXT  sing N N 284 
SER CB  OG   sing N N 285 
SER CB  HB2  sing N N 286 
SER CB  HB3  sing N N 287 
SER OG  HG   sing N N 288 
SER OXT HXT  sing N N 289 
SO4 S   O1   doub N N 290 
SO4 S   O2   doub N N 291 
SO4 S   O3   sing N N 292 
SO4 S   O4   sing N N 293 
THR N   CA   sing N N 294 
THR N   H    sing N N 295 
THR N   H2   sing N N 296 
THR CA  C    sing N N 297 
THR CA  CB   sing N N 298 
THR CA  HA   sing N N 299 
THR C   O    doub N N 300 
THR C   OXT  sing N N 301 
THR CB  OG1  sing N N 302 
THR CB  CG2  sing N N 303 
THR CB  HB   sing N N 304 
THR OG1 HG1  sing N N 305 
THR CG2 HG21 sing N N 306 
THR CG2 HG22 sing N N 307 
THR CG2 HG23 sing N N 308 
THR OXT HXT  sing N N 309 
TRP N   CA   sing N N 310 
TRP N   H    sing N N 311 
TRP N   H2   sing N N 312 
TRP CA  C    sing N N 313 
TRP CA  CB   sing N N 314 
TRP CA  HA   sing N N 315 
TRP C   O    doub N N 316 
TRP C   OXT  sing N N 317 
TRP CB  CG   sing N N 318 
TRP CB  HB2  sing N N 319 
TRP CB  HB3  sing N N 320 
TRP CG  CD1  doub Y N 321 
TRP CG  CD2  sing Y N 322 
TRP CD1 NE1  sing Y N 323 
TRP CD1 HD1  sing N N 324 
TRP CD2 CE2  doub Y N 325 
TRP CD2 CE3  sing Y N 326 
TRP NE1 CE2  sing Y N 327 
TRP NE1 HE1  sing N N 328 
TRP CE2 CZ2  sing Y N 329 
TRP CE3 CZ3  doub Y N 330 
TRP CE3 HE3  sing N N 331 
TRP CZ2 CH2  doub Y N 332 
TRP CZ2 HZ2  sing N N 333 
TRP CZ3 CH2  sing Y N 334 
TRP CZ3 HZ3  sing N N 335 
TRP CH2 HH2  sing N N 336 
TRP OXT HXT  sing N N 337 
TYR N   CA   sing N N 338 
TYR N   H    sing N N 339 
TYR N   H2   sing N N 340 
TYR CA  C    sing N N 341 
TYR CA  CB   sing N N 342 
TYR CA  HA   sing N N 343 
TYR C   O    doub N N 344 
TYR C   OXT  sing N N 345 
TYR CB  CG   sing N N 346 
TYR CB  HB2  sing N N 347 
TYR CB  HB3  sing N N 348 
TYR CG  CD1  doub Y N 349 
TYR CG  CD2  sing Y N 350 
TYR CD1 CE1  sing Y N 351 
TYR CD1 HD1  sing N N 352 
TYR CD2 CE2  doub Y N 353 
TYR CD2 HD2  sing N N 354 
TYR CE1 CZ   doub Y N 355 
TYR CE1 HE1  sing N N 356 
TYR CE2 CZ   sing Y N 357 
TYR CE2 HE2  sing N N 358 
TYR CZ  OH   sing N N 359 
TYR OH  HH   sing N N 360 
TYR OXT HXT  sing N N 361 
VAL N   CA   sing N N 362 
VAL N   H    sing N N 363 
VAL N   H2   sing N N 364 
VAL CA  C    sing N N 365 
VAL CA  CB   sing N N 366 
VAL CA  HA   sing N N 367 
VAL C   O    doub N N 368 
VAL C   OXT  sing N N 369 
VAL CB  CG1  sing N N 370 
VAL CB  CG2  sing N N 371 
VAL CB  HB   sing N N 372 
VAL CG1 HG11 sing N N 373 
VAL CG1 HG12 sing N N 374 
VAL CG1 HG13 sing N N 375 
VAL CG2 HG21 sing N N 376 
VAL CG2 HG22 sing N N 377 
VAL CG2 HG23 sing N N 378 
VAL OXT HXT  sing N N 379 
XYP O1  C1   sing N N 380 
XYP O1  HO1  sing N N 381 
XYP C1  C2   sing N N 382 
XYP C1  O5   sing N N 383 
XYP C1  H1   sing N N 384 
XYP C2  C3   sing N N 385 
XYP C2  O2   sing N N 386 
XYP C2  H2   sing N N 387 
XYP C3  C4   sing N N 388 
XYP C3  O3   sing N N 389 
XYP C3  H3   sing N N 390 
XYP C4  C5   sing N N 391 
XYP C4  O4   sing N N 392 
XYP C4  H4   sing N N 393 
XYP C5  O5   sing N N 394 
XYP C5  H51  sing N N 395 
XYP C5  H52  sing N N 396 
XYP O2  HO2  sing N N 397 
XYP O3  HO3  sing N N 398 
XYP O4  HO4  sing N N 399 
# 
loop_
_pdbx_entity_branch_list.entity_id 
_pdbx_entity_branch_list.comp_id 
_pdbx_entity_branch_list.num 
_pdbx_entity_branch_list.hetero 
2 XYP 1 n 
2 XYP 2 n 
# 
_atom_sites.entry_id                    1BCX 
_atom_sites.fract_transf_matrix[1][1]   -0.01788698 
_atom_sites.fract_transf_matrix[1][2]   -0.00265853 
_atom_sites.fract_transf_matrix[1][3]   0.01368999 
_atom_sites.fract_transf_matrix[2][1]   -0.01134241 
_atom_sites.fract_transf_matrix[2][2]   0.00712427 
_atom_sites.fract_transf_matrix[2][3]   -0.01343620 
_atom_sites.fract_transf_matrix[3][1]   -0.00181896 
_atom_sites.fract_transf_matrix[3][2]   -0.01164204 
_atom_sites.fract_transf_matrix[3][3]   -0.00463744 
_atom_sites.fract_transf_vector[1]      0.739544 
_atom_sites.fract_transf_vector[2]      0.479815 
_atom_sites.fract_transf_vector[3]      0.346807 
# 
loop_
_atom_sites_footnote.id 
_atom_sites_footnote.text 
1 'CIS PROLINE - PRO      75' 
2 
;SITE AS1 (GLU 78, CYS 172) REFERS TO THE CATALYTIC ACIDIC RESIDUES.  IN THE NATIVE SEQUENCE THEY ARE GLU 78 AND GLU 172.  SITE AS2 (TYR 5, TYR 69, TYR 80, TYR 166) REFERS TO THE GROUP OF TYROSINE RESIDUES IN THE ACTIVE SITE THAT APPEAR TO BE IMPORTANT FOR SUBSTRATE BINDING.
;
3 
;ALL NON-GLYCINE RESIDUES LIE WITHIN THE ALLOWED REGIONS OF THE RAMACHANDRAN PLOT EXCEPT ASP 121 AND ALA 165.  THE ELECTRON DENSITY FOR BOTH ASP 121 AND ALA 165 IS VERY CLEAR.
;
# 
loop_
_atom_type.symbol 
C 
N 
O 
S 
# 
loop_
_atom_site.group_PDB 
_atom_site.id 
_atom_site.type_symbol 
_atom_site.label_atom_id 
_atom_site.label_alt_id 
_atom_site.label_comp_id 
_atom_site.label_asym_id 
_atom_site.label_entity_id 
_atom_site.label_seq_id 
_atom_site.pdbx_PDB_ins_code 
_atom_site.Cartn_x 
_atom_site.Cartn_y 
_atom_site.Cartn_z 
_atom_site.occupancy 
_atom_site.B_iso_or_equiv 
_atom_site.pdbx_formal_charge 
_atom_site.auth_seq_id 
_atom_site.auth_comp_id 
_atom_site.auth_asym_id 
_atom_site.auth_atom_id 
_atom_site.pdbx_PDB_model_num 
ATOM   1    N N   . ALA A 1 1   ? -9.767  12.604  -8.737  1.00 18.84 ? 1   ALA A N   1 
ATOM   2    C CA  . ALA A 1 1   ? -10.443 11.640  -9.638  1.00 19.73 ? 1   ALA A CA  1 
ATOM   3    C C   . ALA A 1 1   ? -11.331 10.698  -8.838  1.00 21.02 ? 1   ALA A C   1 
ATOM   4    O O   . ALA A 1 1   ? -11.167 10.553  -7.623  1.00 20.23 ? 1   ALA A O   1 
ATOM   5    C CB  . ALA A 1 1   ? -9.408  10.836  -10.413 1.00 20.42 ? 1   ALA A CB  1 
ATOM   6    N N   . SER A 1 2   ? -12.313 10.109  -9.507  1.00 20.66 ? 2   SER A N   1 
ATOM   7    C CA  . SER A 1 2   ? -13.189 9.156   -8.854  1.00 20.49 ? 2   SER A CA  1 
ATOM   8    C C   . SER A 1 2   ? -12.523 7.793   -8.851  1.00 20.38 ? 2   SER A C   1 
ATOM   9    O O   . SER A 1 2   ? -11.866 7.393   -9.821  1.00 20.21 ? 2   SER A O   1 
ATOM   10   C CB  . SER A 1 2   ? -14.528 9.069   -9.568  1.00 23.23 ? 2   SER A CB  1 
ATOM   11   O OG  . SER A 1 2   ? -15.243 10.274  -9.379  1.00 29.41 ? 2   SER A OG  1 
ATOM   12   N N   . THR A 1 3   ? -12.610 7.132   -7.709  1.00 19.46 ? 3   THR A N   1 
ATOM   13   C CA  . THR A 1 3   ? -12.057 5.800   -7.555  1.00 17.89 ? 3   THR A CA  1 
ATOM   14   C C   . THR A 1 3   ? -13.098 4.831   -8.118  1.00 16.64 ? 3   THR A C   1 
ATOM   15   O O   . THR A 1 3   ? -14.290 5.146   -8.138  1.00 18.10 ? 3   THR A O   1 
ATOM   16   C CB  . THR A 1 3   ? -11.768 5.510   -6.064  1.00 17.76 ? 3   THR A CB  1 
ATOM   17   O OG1 . THR A 1 3   ? -12.967 5.676   -5.292  1.00 17.88 ? 3   THR A OG1 1 
ATOM   18   C CG2 . THR A 1 3   ? -10.703 6.463   -5.547  1.00 17.52 ? 3   THR A CG2 1 
ATOM   19   N N   . ASP A 1 4   ? -12.654 3.686   -8.615  1.00 15.74 ? 4   ASP A N   1 
ATOM   20   C CA  . ASP A 1 4   ? -13.574 2.712   -9.183  1.00 15.08 ? 4   ASP A CA  1 
ATOM   21   C C   . ASP A 1 4   ? -13.311 1.307   -8.707  1.00 14.14 ? 4   ASP A C   1 
ATOM   22   O O   . ASP A 1 4   ? -13.912 0.360   -9.205  1.00 15.59 ? 4   ASP A O   1 
ATOM   23   C CB  . ASP A 1 4   ? -13.518 2.759   -10.709 1.00 15.93 ? 4   ASP A CB  1 
ATOM   24   C CG  . ASP A 1 4   ? -12.123 2.492   -11.263 1.00 18.64 ? 4   ASP A CG  1 
ATOM   25   O OD1 . ASP A 1 4   ? -11.379 1.674   -10.704 1.00 17.40 ? 4   ASP A OD1 1 
ATOM   26   O OD2 . ASP A 1 4   ? -11.773 3.109   -12.281 1.00 22.63 ? 4   ASP A OD2 1 
ATOM   27   N N   . TYR A 1 5   ? -12.400 1.168   -7.756  1.00 12.34 ? 5   TYR A N   1 
ATOM   28   C CA  . TYR A 1 5   ? -12.072 -0.135  -7.224  1.00 11.98 ? 5   TYR A CA  1 
ATOM   29   C C   . TYR A 1 5   ? -12.097 -0.109  -5.708  1.00 12.45 ? 5   TYR A C   1 
ATOM   30   O O   . TYR A 1 5   ? -11.631 0.851   -5.093  1.00 11.18 ? 5   TYR A O   1 
ATOM   31   C CB  . TYR A 1 5   ? -10.700 -0.585  -7.716  1.00 11.36 ? 5   TYR A CB  1 
ATOM   32   C CG  . TYR A 1 5   ? -10.395 -2.025  -7.395  1.00 11.35 ? 5   TYR A CG  1 
ATOM   33   C CD1 . TYR A 1 5   ? -11.025 -3.056  -8.089  1.00 16.16 ? 5   TYR A CD1 1 
ATOM   34   C CD2 . TYR A 1 5   ? -9.509  -2.362  -6.382  1.00 11.96 ? 5   TYR A CD2 1 
ATOM   35   C CE1 . TYR A 1 5   ? -10.788 -4.389  -7.777  1.00 17.22 ? 5   TYR A CE1 1 
ATOM   36   C CE2 . TYR A 1 5   ? -9.266  -3.703  -6.060  1.00 16.34 ? 5   TYR A CE2 1 
ATOM   37   C CZ  . TYR A 1 5   ? -9.914  -4.703  -6.763  1.00 17.54 ? 5   TYR A CZ  1 
ATOM   38   O OH  . TYR A 1 5   ? -9.718  -6.009  -6.420  1.00 21.23 ? 5   TYR A OH  1 
ATOM   39   N N   . TRP A 1 6   ? -12.677 -1.156  -5.127  1.00 12.54 ? 6   TRP A N   1 
ATOM   40   C CA  . TRP A 1 6   ? -12.769 -1.335  -3.678  1.00 12.34 ? 6   TRP A CA  1 
ATOM   41   C C   . TRP A 1 6   ? -12.048 -2.641  -3.348  1.00 12.30 ? 6   TRP A C   1 
ATOM   42   O O   . TRP A 1 6   ? -12.413 -3.705  -3.855  1.00 12.07 ? 6   TRP A O   1 
ATOM   43   C CB  . TRP A 1 6   ? -14.247 -1.394  -3.251  1.00 13.19 ? 6   TRP A CB  1 
ATOM   44   C CG  . TRP A 1 6   ? -14.534 -1.897  -1.853  1.00 13.22 ? 6   TRP A CG  1 
ATOM   45   C CD1 . TRP A 1 6   ? -15.331 -2.959  -1.524  1.00 12.00 ? 6   TRP A CD1 1 
ATOM   46   C CD2 . TRP A 1 6   ? -14.090 -1.330  -0.601  1.00 12.32 ? 6   TRP A CD2 1 
ATOM   47   N NE1 . TRP A 1 6   ? -15.417 -3.084  -0.156  1.00 13.85 ? 6   TRP A NE1 1 
ATOM   48   C CE2 . TRP A 1 6   ? -14.666 -2.103  0.434   1.00 13.42 ? 6   TRP A CE2 1 
ATOM   49   C CE3 . TRP A 1 6   ? -13.264 -0.252  -0.261  1.00 12.10 ? 6   TRP A CE3 1 
ATOM   50   C CZ2 . TRP A 1 6   ? -14.442 -1.827  1.791   1.00 12.12 ? 6   TRP A CZ2 1 
ATOM   51   C CZ3 . TRP A 1 6   ? -13.043 0.019   1.085   1.00 11.99 ? 6   TRP A CZ3 1 
ATOM   52   C CH2 . TRP A 1 6   ? -13.630 -0.769  2.095   1.00 11.92 ? 6   TRP A CH2 1 
ATOM   53   N N   . GLN A 1 7   ? -10.989 -2.542  -2.552  1.00 12.32 ? 7   GLN A N   1 
ATOM   54   C CA  . GLN A 1 7   ? -10.204 -3.706  -2.154  1.00 11.78 ? 7   GLN A CA  1 
ATOM   55   C C   . GLN A 1 7   ? -10.542 -4.040  -0.705  1.00 12.84 ? 7   GLN A C   1 
ATOM   56   O O   . GLN A 1 7   ? -10.373 -3.205  0.180   1.00 11.95 ? 7   GLN A O   1 
ATOM   57   C CB  . GLN A 1 7   ? -8.706  -3.396  -2.288  1.00 11.38 ? 7   GLN A CB  1 
ATOM   58   C CG  . GLN A 1 7   ? -7.784  -4.417  -1.632  1.00 13.82 ? 7   GLN A CG  1 
ATOM   59   C CD  . GLN A 1 7   ? -7.782  -5.766  -2.347  1.00 15.15 ? 7   GLN A CD  1 
ATOM   60   O OE1 . GLN A 1 7   ? -8.426  -5.942  -3.381  1.00 19.19 ? 7   GLN A OE1 1 
ATOM   61   N NE2 . GLN A 1 7   ? -7.038  -6.715  -1.802  1.00 17.04 ? 7   GLN A NE2 1 
ATOM   62   N N   . ASN A 1 8   ? -11.001 -5.260  -0.456  1.00 12.64 ? 8   ASN A N   1 
ATOM   63   C CA  . ASN A 1 8   ? -11.356 -5.681  0.902   1.00 15.02 ? 8   ASN A CA  1 
ATOM   64   C C   . ASN A 1 8   ? -11.008 -7.156  1.063   1.00 15.76 ? 8   ASN A C   1 
ATOM   65   O O   . ASN A 1 8   ? -11.847 -8.032  0.818   1.00 17.70 ? 8   ASN A O   1 
ATOM   66   C CB  . ASN A 1 8   ? -12.856 -5.429  1.155   1.00 15.03 ? 8   ASN A CB  1 
ATOM   67   C CG  . ASN A 1 8   ? -13.286 -5.780  2.576   1.00 17.86 ? 8   ASN A CG  1 
ATOM   68   O OD1 . ASN A 1 8   ? -12.460 -6.085  3.432   1.00 17.89 ? 8   ASN A OD1 1 
ATOM   69   N ND2 . ASN A 1 8   ? -14.590 -5.727  2.830   1.00 19.17 ? 8   ASN A ND2 1 
ATOM   70   N N   . TRP A 1 9   ? -9.761  -7.424  1.438   1.00 12.70 ? 9   TRP A N   1 
ATOM   71   C CA  . TRP A 1 9   ? -9.273  -8.783  1.592   1.00 13.71 ? 9   TRP A CA  1 
ATOM   72   C C   . TRP A 1 9   ? -8.775  -9.088  2.982   1.00 13.67 ? 9   TRP A C   1 
ATOM   73   O O   . TRP A 1 9   ? -8.026  -8.312  3.549   1.00 12.59 ? 9   TRP A O   1 
ATOM   74   C CB  . TRP A 1 9   ? -8.135  -9.055  0.600   1.00 14.92 ? 9   TRP A CB  1 
ATOM   75   C CG  . TRP A 1 9   ? -7.544  -10.441 0.730   1.00 16.81 ? 9   TRP A CG  1 
ATOM   76   C CD1 . TRP A 1 9   ? -8.019  -11.591 0.159   1.00 17.47 ? 9   TRP A CD1 1 
ATOM   77   C CD2 . TRP A 1 9   ? -6.384  -10.821 1.494   1.00 16.30 ? 9   TRP A CD2 1 
ATOM   78   N NE1 . TRP A 1 9   ? -7.222  -12.664 0.518   1.00 17.75 ? 9   TRP A NE1 1 
ATOM   79   C CE2 . TRP A 1 9   ? -6.213  -12.218 1.335   1.00 16.98 ? 9   TRP A CE2 1 
ATOM   80   C CE3 . TRP A 1 9   ? -5.471  -10.120 2.293   1.00 15.31 ? 9   TRP A CE3 1 
ATOM   81   C CZ2 . TRP A 1 9   ? -5.175  -12.921 1.941   1.00 16.95 ? 9   TRP A CZ2 1 
ATOM   82   C CZ3 . TRP A 1 9   ? -4.443  -10.818 2.892   1.00 14.17 ? 9   TRP A CZ3 1 
ATOM   83   C CH2 . TRP A 1 9   ? -4.301  -12.206 2.714   1.00 17.31 ? 9   TRP A CH2 1 
ATOM   84   N N   . THR A 1 10  ? -9.185  -10.243 3.507   1.00 12.36 ? 10  THR A N   1 
ATOM   85   C CA  . THR A 1 10  ? -8.729  -10.708 4.807   1.00 13.63 ? 10  THR A CA  1 
ATOM   86   C C   . THR A 1 10  ? -8.514  -12.209 4.668   1.00 14.48 ? 10  THR A C   1 
ATOM   87   O O   . THR A 1 10  ? -9.152  -12.854 3.834   1.00 15.31 ? 10  THR A O   1 
ATOM   88   C CB  . THR A 1 10  ? -9.758  -10.436 5.939   1.00 14.57 ? 10  THR A CB  1 
ATOM   89   O OG1 . THR A 1 10  ? -9.400  -11.200 7.097   1.00 15.60 ? 10  THR A OG1 1 
ATOM   90   C CG2 . THR A 1 10  ? -11.172 -10.846 5.527   1.00 15.35 ? 10  THR A CG2 1 
ATOM   91   N N   . ASP A 1 11  ? -7.587  -12.756 5.436   1.00 13.74 ? 11  ASP A N   1 
ATOM   92   C CA  . ASP A 1 11  ? -7.358  -14.189 5.385   1.00 16.57 ? 11  ASP A CA  1 
ATOM   93   C C   . ASP A 1 11  ? -8.307  -14.893 6.352   1.00 18.36 ? 11  ASP A C   1 
ATOM   94   O O   . ASP A 1 11  ? -8.149  -16.083 6.613   1.00 20.92 ? 11  ASP A O   1 
ATOM   95   C CB  . ASP A 1 11  ? -5.913  -14.524 5.714   1.00 15.82 ? 11  ASP A CB  1 
ATOM   96   C CG  . ASP A 1 11  ? -5.495  -14.053 7.098   1.00 17.51 ? 11  ASP A CG  1 
ATOM   97   O OD1 . ASP A 1 11  ? -6.344  -13.597 7.901   1.00 15.05 ? 11  ASP A OD1 1 
ATOM   98   O OD2 . ASP A 1 11  ? -4.292  -14.154 7.380   1.00 18.53 ? 11  ASP A OD2 1 
ATOM   99   N N   . GLY A 1 12  ? -9.255  -14.139 6.909   1.00 18.07 ? 12  GLY A N   1 
ATOM   100  C CA  . GLY A 1 12  ? -10.243 -14.712 7.817   1.00 19.39 ? 12  GLY A CA  1 
ATOM   101  C C   . GLY A 1 12  ? -10.032 -14.579 9.319   1.00 19.06 ? 12  GLY A C   1 
ATOM   102  O O   . GLY A 1 12  ? -10.940 -14.867 10.113  1.00 18.33 ? 12  GLY A O   1 
ATOM   103  N N   . GLY A 1 13  ? -8.862  -14.097 9.714   1.00 17.93 ? 13  GLY A N   1 
ATOM   104  C CA  . GLY A 1 13  ? -8.567  -13.958 11.124  1.00 17.31 ? 13  GLY A CA  1 
ATOM   105  C C   . GLY A 1 13  ? -9.061  -12.698 11.808  1.00 18.59 ? 13  GLY A C   1 
ATOM   106  O O   . GLY A 1 13  ? -8.912  -11.585 11.293  1.00 18.70 ? 13  GLY A O   1 
ATOM   107  N N   . GLY A 1 14  ? -9.627  -12.876 12.998  1.00 17.23 ? 14  GLY A N   1 
ATOM   108  C CA  . GLY A 1 14  ? -10.113 -11.752 13.782  1.00 16.05 ? 14  GLY A CA  1 
ATOM   109  C C   . GLY A 1 14  ? -11.247 -10.959 13.170  1.00 17.08 ? 14  GLY A C   1 
ATOM   110  O O   . GLY A 1 14  ? -12.035 -11.481 12.377  1.00 16.58 ? 14  GLY A O   1 
ATOM   111  N N   . ILE A 1 15  ? -11.324 -9.688  13.549  1.00 14.42 ? 15  ILE A N   1 
ATOM   112  C CA  . ILE A 1 15  ? -12.365 -8.800  13.068  1.00 14.90 ? 15  ILE A CA  1 
ATOM   113  C C   . ILE A 1 15  ? -11.795 -7.717  12.161  1.00 11.75 ? 15  ILE A C   1 
ATOM   114  O O   . ILE A 1 15  ? -10.822 -7.048  12.518  1.00 13.15 ? 15  ILE A O   1 
ATOM   115  C CB  . ILE A 1 15  ? -13.078 -8.116  14.258  1.00 15.68 ? 15  ILE A CB  1 
ATOM   116  C CG1 . ILE A 1 15  ? -13.774 -9.165  15.117  1.00 18.59 ? 15  ILE A CG1 1 
ATOM   117  C CG2 . ILE A 1 15  ? -14.054 -7.057  13.774  1.00 16.47 ? 15  ILE A CG2 1 
ATOM   118  C CD1 . ILE A 1 15  ? -13.969 -8.707  16.542  1.00 22.81 ? 15  ILE A CD1 1 
ATOM   119  N N   . VAL A 1 16  ? -12.378 -7.588  10.975  1.00 11.84 ? 16  VAL A N   1 
ATOM   120  C CA  . VAL A 1 16  ? -11.992 -6.550  10.021  1.00 11.09 ? 16  VAL A CA  1 
ATOM   121  C C   . VAL A 1 16  ? -13.291 -5.890  9.558   1.00 12.45 ? 16  VAL A C   1 
ATOM   122  O O   . VAL A 1 16  ? -14.024 -6.449  8.744   1.00 15.13 ? 16  VAL A O   1 
ATOM   123  C CB  . VAL A 1 16  ? -11.194 -7.126  8.824   1.00 10.69 ? 16  VAL A CB  1 
ATOM   124  C CG1 . VAL A 1 16  ? -10.836 -6.014  7.840   1.00 11.29 ? 16  VAL A CG1 1 
ATOM   125  C CG2 . VAL A 1 16  ? -9.913  -7.782  9.333   1.00 9.95  ? 16  VAL A CG2 1 
ATOM   126  N N   . ASN A 1 17  ? -13.663 -4.788  10.208  1.00 13.06 ? 17  ASN A N   1 
ATOM   127  C CA  . ASN A 1 17  ? -14.884 -4.068  9.845   1.00 11.44 ? 17  ASN A CA  1 
ATOM   128  C C   . ASN A 1 17  ? -14.543 -2.957  8.859   1.00 13.30 ? 17  ASN A C   1 
ATOM   129  O O   . ASN A 1 17  ? -14.151 -1.855  9.259   1.00 11.90 ? 17  ASN A O   1 
ATOM   130  C CB  . ASN A 1 17  ? -15.579 -3.491  11.096  1.00 12.62 ? 17  ASN A CB  1 
ATOM   131  C CG  . ASN A 1 17  ? -16.802 -2.648  10.745  1.00 15.68 ? 17  ASN A CG  1 
ATOM   132  O OD1 . ASN A 1 17  ? -16.878 -1.477  11.110  1.00 16.89 ? 17  ASN A OD1 1 
ATOM   133  N ND2 . ASN A 1 17  ? -17.746 -3.227  10.014  1.00 14.55 ? 17  ASN A ND2 1 
ATOM   134  N N   . ALA A 1 18  ? -14.624 -3.291  7.575   1.00 12.77 ? 18  ALA A N   1 
ATOM   135  C CA  . ALA A 1 18  ? -14.321 -2.365  6.485   1.00 14.72 ? 18  ALA A CA  1 
ATOM   136  C C   . ALA A 1 18  ? -15.580 -1.731  5.939   1.00 14.44 ? 18  ALA A C   1 
ATOM   137  O O   . ALA A 1 18  ? -16.490 -2.433  5.512   1.00 16.32 ? 18  ALA A O   1 
ATOM   138  C CB  . ALA A 1 18  ? -13.599 -3.097  5.365   1.00 14.83 ? 18  ALA A CB  1 
ATOM   139  N N   . VAL A 1 19  ? -15.599 -0.405  5.879   1.00 14.04 ? 19  VAL A N   1 
ATOM   140  C CA  . VAL A 1 19  ? -16.760 0.312   5.378   1.00 12.80 ? 19  VAL A CA  1 
ATOM   141  C C   . VAL A 1 19  ? -16.429 1.010   4.075   1.00 12.25 ? 19  VAL A C   1 
ATOM   142  O O   . VAL A 1 19  ? -15.470 1.781   3.998   1.00 12.11 ? 19  VAL A O   1 
ATOM   143  C CB  . VAL A 1 19  ? -17.252 1.364   6.382   1.00 13.04 ? 19  VAL A CB  1 
ATOM   144  C CG1 . VAL A 1 19  ? -18.493 2.050   5.839   1.00 14.61 ? 19  VAL A CG1 1 
ATOM   145  C CG2 . VAL A 1 19  ? -17.533 0.720   7.749   1.00 12.35 ? 19  VAL A CG2 1 
ATOM   146  N N   . ASN A 1 20  ? -17.203 0.702   3.050   1.00 11.66 ? 20  ASN A N   1 
ATOM   147  C CA  . ASN A 1 20  ? -17.039 1.300   1.732   1.00 13.77 ? 20  ASN A CA  1 
ATOM   148  C C   . ASN A 1 20  ? -17.904 2.553   1.774   1.00 14.10 ? 20  ASN A C   1 
ATOM   149  O O   . ASN A 1 20  ? -19.125 2.472   1.635   1.00 15.49 ? 20  ASN A O   1 
ATOM   150  C CB  . ASN A 1 20  ? -17.549 0.321   0.675   1.00 16.26 ? 20  ASN A CB  1 
ATOM   151  C CG  . ASN A 1 20  ? -17.444 0.859   -0.735  1.00 17.40 ? 20  ASN A CG  1 
ATOM   152  O OD1 . ASN A 1 20  ? -17.180 2.027   -0.956  1.00 15.19 ? 20  ASN A OD1 1 
ATOM   153  N ND2 . ASN A 1 20  ? -17.664 -0.012  -1.704  1.00 19.00 ? 20  ASN A ND2 1 
ATOM   154  N N   . GLY A 1 21  ? -17.273 3.695   2.043   1.00 12.41 ? 21  GLY A N   1 
ATOM   155  C CA  . GLY A 1 21  ? -18.006 4.937   2.155   1.00 11.84 ? 21  GLY A CA  1 
ATOM   156  C C   . GLY A 1 21  ? -18.316 5.672   0.878   1.00 14.61 ? 21  GLY A C   1 
ATOM   157  O O   . GLY A 1 21  ? -18.164 5.152   -0.229  1.00 14.40 ? 21  GLY A O   1 
ATOM   158  N N   . SER A 1 22  ? -18.776 6.908   1.049   1.00 13.79 ? 22  SER A N   1 
ATOM   159  C CA  . SER A 1 22  ? -19.117 7.775   -0.064  1.00 15.22 ? 22  SER A CA  1 
ATOM   160  C C   . SER A 1 22  ? -17.846 8.190   -0.806  1.00 12.40 ? 22  SER A C   1 
ATOM   161  O O   . SER A 1 22  ? -16.798 8.402   -0.191  1.00 11.81 ? 22  SER A O   1 
ATOM   162  C CB  . SER A 1 22  ? -19.804 9.037   0.453   1.00 15.05 ? 22  SER A CB  1 
ATOM   163  O OG  . SER A 1 22  ? -20.433 9.734   -0.602  1.00 21.82 ? 22  SER A OG  1 
ATOM   164  N N   . GLY A 1 23  ? -17.963 8.309   -2.123  1.00 12.81 ? 23  GLY A N   1 
ATOM   165  C CA  . GLY A 1 23  ? -16.836 8.729   -2.940  1.00 11.81 ? 23  GLY A CA  1 
ATOM   166  C C   . GLY A 1 23  ? -15.605 7.875   -2.734  1.00 11.14 ? 23  GLY A C   1 
ATOM   167  O O   . GLY A 1 23  ? -15.667 6.651   -2.814  1.00 12.22 ? 23  GLY A O   1 
ATOM   168  N N   . GLY A 1 24  ? -14.484 8.525   -2.457  1.00 10.35 ? 24  GLY A N   1 
ATOM   169  C CA  . GLY A 1 24  ? -13.248 7.796   -2.243  1.00 10.51 ? 24  GLY A CA  1 
ATOM   170  C C   . GLY A 1 24  ? -12.957 7.571   -0.777  1.00 11.14 ? 24  GLY A C   1 
ATOM   171  O O   . GLY A 1 24  ? -11.810 7.347   -0.379  1.00 11.23 ? 24  GLY A O   1 
ATOM   172  N N   . ASN A 1 25  ? -13.991 7.658   0.046   1.00 10.06 ? 25  ASN A N   1 
ATOM   173  C CA  . ASN A 1 25  ? -13.821 7.473   1.474   1.00 9.37  ? 25  ASN A CA  1 
ATOM   174  C C   . ASN A 1 25  ? -14.064 6.049   1.964   1.00 9.58  ? 25  ASN A C   1 
ATOM   175  O O   . ASN A 1 25  ? -14.982 5.387   1.489   1.00 11.92 ? 25  ASN A O   1 
ATOM   176  C CB  . ASN A 1 25  ? -14.745 8.441   2.232   1.00 8.41  ? 25  ASN A CB  1 
ATOM   177  C CG  . ASN A 1 25  ? -14.696 8.241   3.729   1.00 11.62 ? 25  ASN A CG  1 
ATOM   178  O OD1 . ASN A 1 25  ? -15.583 7.618   4.308   1.00 13.96 ? 25  ASN A OD1 1 
ATOM   179  N ND2 . ASN A 1 25  ? -13.664 8.763   4.368   1.00 8.23  ? 25  ASN A ND2 1 
ATOM   180  N N   . TYR A 1 26  ? -13.226 5.577   2.891   1.00 9.16  ? 26  TYR A N   1 
ATOM   181  C CA  . TYR A 1 26  ? -13.427 4.268   3.519   1.00 8.66  ? 26  TYR A CA  1 
ATOM   182  C C   . TYR A 1 26  ? -12.862 4.311   4.939   1.00 9.22  ? 26  TYR A C   1 
ATOM   183  O O   . TYR A 1 26  ? -12.083 5.209   5.277   1.00 7.68  ? 26  TYR A O   1 
ATOM   184  C CB  . TYR A 1 26  ? -12.778 3.133   2.716   1.00 7.46  ? 26  TYR A CB  1 
ATOM   185  C CG  . TYR A 1 26  ? -11.272 3.093   2.786   1.00 4.93  ? 26  TYR A CG  1 
ATOM   186  C CD1 . TYR A 1 26  ? -10.628 2.378   3.787   1.00 5.34  ? 26  TYR A CD1 1 
ATOM   187  C CD2 . TYR A 1 26  ? -10.491 3.758   1.837   1.00 7.84  ? 26  TYR A CD2 1 
ATOM   188  C CE1 . TYR A 1 26  ? -9.237  2.314   3.844   1.00 6.40  ? 26  TYR A CE1 1 
ATOM   189  C CE2 . TYR A 1 26  ? -9.104  3.708   1.888   1.00 5.66  ? 26  TYR A CE2 1 
ATOM   190  C CZ  . TYR A 1 26  ? -8.479  2.989   2.893   1.00 5.86  ? 26  TYR A CZ  1 
ATOM   191  O OH  . TYR A 1 26  ? -7.102  2.945   2.984   1.00 5.18  ? 26  TYR A OH  1 
ATOM   192  N N   . SER A 1 27  ? -13.333 3.410   5.796   1.00 8.43  ? 27  SER A N   1 
ATOM   193  C CA  . SER A 1 27  ? -12.821 3.321   7.155   1.00 9.32  ? 27  SER A CA  1 
ATOM   194  C C   . SER A 1 27  ? -12.675 1.849   7.496   1.00 8.74  ? 27  SER A C   1 
ATOM   195  O O   . SER A 1 27  ? -13.315 1.006   6.877   1.00 10.12 ? 27  SER A O   1 
ATOM   196  C CB  . SER A 1 27  ? -13.756 4.011   8.151   1.00 10.23 ? 27  SER A CB  1 
ATOM   197  O OG  . SER A 1 27  ? -15.051 3.454   8.092   1.00 12.50 ? 27  SER A OG  1 
ATOM   198  N N   . VAL A 1 28  ? -11.807 1.548   8.457   1.00 11.94 ? 28  VAL A N   1 
ATOM   199  C CA  . VAL A 1 28  ? -11.557 0.185   8.888   1.00 10.22 ? 28  VAL A CA  1 
ATOM   200  C C   . VAL A 1 28  ? -11.380 0.180   10.392  1.00 10.40 ? 28  VAL A C   1 
ATOM   201  O O   . VAL A 1 28  ? -10.694 1.044   10.943  1.00 9.79  ? 28  VAL A O   1 
ATOM   202  C CB  . VAL A 1 28  ? -10.205 -0.397  8.332   1.00 11.85 ? 28  VAL A CB  1 
ATOM   203  C CG1 . VAL A 1 28  ? -10.221 -1.937  8.374   1.00 13.07 ? 28  VAL A CG1 1 
ATOM   204  C CG2 . VAL A 1 28  ? -9.890  0.114   6.944   1.00 13.37 ? 28  VAL A CG2 1 
ATOM   205  N N   . ASN A 1 29  ? -12.001 -0.794  11.045  1.00 10.98 ? 29  ASN A N   1 
ATOM   206  C CA  . ASN A 1 29  ? -11.835 -0.992  12.485  1.00 14.26 ? 29  ASN A CA  1 
ATOM   207  C C   . ASN A 1 29  ? -11.382 -2.428  12.484  1.00 11.64 ? 29  ASN A C   1 
ATOM   208  O O   . ASN A 1 29  ? -12.068 -3.287  11.926  1.00 12.10 ? 29  ASN A O   1 
ATOM   209  C CB  . ASN A 1 29  ? -13.170 -0.904  13.242  1.00 17.97 ? 29  ASN A CB  1 
ATOM   210  C CG  . ASN A 1 29  ? -13.866 0.408   13.027  1.00 22.37 ? 29  ASN A CG  1 
ATOM   211  O OD1 . ASN A 1 29  ? -13.399 1.451   13.481  1.00 25.68 ? 29  ASN A OD1 1 
ATOM   212  N ND2 . ASN A 1 29  ? -14.982 0.374   12.314  1.00 24.82 ? 29  ASN A ND2 1 
ATOM   213  N N   . TRP A 1 30  ? -10.212 -2.707  13.038  1.00 9.88  ? 30  TRP A N   1 
ATOM   214  C CA  . TRP A 1 30  ? -9.752  -4.083  13.045  1.00 8.16  ? 30  TRP A CA  1 
ATOM   215  C C   . TRP A 1 30  ? -9.291  -4.524  14.421  1.00 7.93  ? 30  TRP A C   1 
ATOM   216  O O   . TRP A 1 30  ? -8.858  -3.704  15.238  1.00 7.45  ? 30  TRP A O   1 
ATOM   217  C CB  . TRP A 1 30  ? -8.689  -4.317  11.966  1.00 7.06  ? 30  TRP A CB  1 
ATOM   218  C CG  . TRP A 1 30  ? -7.341  -3.654  12.212  1.00 6.50  ? 30  TRP A CG  1 
ATOM   219  C CD1 . TRP A 1 30  ? -6.231  -4.252  12.734  1.00 8.40  ? 30  TRP A CD1 1 
ATOM   220  C CD2 . TRP A 1 30  ? -6.929  -2.341  11.796  1.00 7.63  ? 30  TRP A CD2 1 
ATOM   221  N NE1 . TRP A 1 30  ? -5.151  -3.399  12.657  1.00 7.64  ? 30  TRP A NE1 1 
ATOM   222  C CE2 . TRP A 1 30  ? -5.553  -2.221  12.079  1.00 7.14  ? 30  TRP A CE2 1 
ATOM   223  C CE3 . TRP A 1 30  ? -7.586  -1.262  11.196  1.00 8.43  ? 30  TRP A CE3 1 
ATOM   224  C CZ2 . TRP A 1 30  ? -4.813  -1.059  11.778  1.00 9.52  ? 30  TRP A CZ2 1 
ATOM   225  C CZ3 . TRP A 1 30  ? -6.850  -0.106  10.897  1.00 9.64  ? 30  TRP A CZ3 1 
ATOM   226  C CH2 . TRP A 1 30  ? -5.480  -0.019  11.190  1.00 6.94  ? 30  TRP A CH2 1 
ATOM   227  N N   . SER A 1 31  ? -9.420  -5.818  14.695  1.00 9.87  ? 31  SER A N   1 
ATOM   228  C CA  . SER A 1 31  ? -9.048  -6.336  15.991  1.00 11.16 ? 31  SER A CA  1 
ATOM   229  C C   . SER A 1 31  ? -8.550  -7.775  15.927  1.00 11.33 ? 31  SER A C   1 
ATOM   230  O O   . SER A 1 31  ? -9.218  -8.641  15.362  1.00 11.57 ? 31  SER A O   1 
ATOM   231  C CB  . SER A 1 31  ? -10.258 -6.235  16.924  1.00 12.65 ? 31  SER A CB  1 
ATOM   232  O OG  . SER A 1 31  ? -9.885  -6.584  18.241  1.00 20.57 ? 31  SER A OG  1 
ATOM   233  N N   . ASN A 1 32  ? -7.369  -8.011  16.501  1.00 10.73 ? 32  ASN A N   1 
ATOM   234  C CA  . ASN A 1 32  ? -6.748  -9.343  16.574  1.00 10.95 ? 32  ASN A CA  1 
ATOM   235  C C   . ASN A 1 32  ? -6.872  -10.091 15.259  1.00 10.86 ? 32  ASN A C   1 
ATOM   236  O O   . ASN A 1 32  ? -7.393  -11.204 15.202  1.00 12.10 ? 32  ASN A O   1 
ATOM   237  C CB  . ASN A 1 32  ? -7.391  -10.150 17.709  1.00 12.77 ? 32  ASN A CB  1 
ATOM   238  C CG  . ASN A 1 32  ? -7.337  -9.421  19.039  1.00 15.02 ? 32  ASN A CG  1 
ATOM   239  O OD1 . ASN A 1 32  ? -6.268  -9.220  19.598  1.00 16.68 ? 32  ASN A OD1 1 
ATOM   240  N ND2 . ASN A 1 32  ? -8.491  -9.006  19.541  1.00 15.41 ? 32  ASN A ND2 1 
ATOM   241  N N   . THR A 1 33  ? -6.330  -9.491  14.211  1.00 9.44  ? 33  THR A N   1 
ATOM   242  C CA  . THR A 1 33  ? -6.420  -10.045 12.876  1.00 9.87  ? 33  THR A CA  1 
ATOM   243  C C   . THR A 1 33  ? -5.284  -10.991 12.472  1.00 9.54  ? 33  THR A C   1 
ATOM   244  O O   . THR A 1 33  ? -4.366  -11.291 13.234  1.00 9.66  ? 33  THR A O   1 
ATOM   245  C CB  . THR A 1 33  ? -6.355  -8.896  11.846  1.00 11.44 ? 33  THR A CB  1 
ATOM   246  O OG1 . THR A 1 33  ? -5.063  -8.277  11.930  1.00 10.30 ? 33  THR A OG1 1 
ATOM   247  C CG2 . THR A 1 33  ? -7.421  -7.847  12.109  1.00 9.06  ? 33  THR A CG2 1 
ATOM   248  N N   . GLY A 1 34  ? -5.440  -11.502 11.258  1.00 11.27 ? 34  GLY A N   1 
ATOM   249  C CA  . GLY A 1 34  ? -4.416  -12.298 10.609  1.00 11.06 ? 34  GLY A CA  1 
ATOM   250  C C   . GLY A 1 34  ? -3.894  -11.218 9.670   1.00 12.26 ? 34  GLY A C   1 
ATOM   251  O O   . GLY A 1 34  ? -3.615  -10.107 10.129  1.00 10.80 ? 34  GLY A O   1 
ATOM   252  N N   . ASN A 1 35  ? -3.807  -11.502 8.371   1.00 12.14 ? 35  ASN A N   1 
ATOM   253  C CA  . ASN A 1 35  ? -3.369  -10.517 7.369   1.00 13.15 ? 35  ASN A CA  1 
ATOM   254  C C   . ASN A 1 35  ? -4.604  -9.922  6.700   1.00 10.51 ? 35  ASN A C   1 
ATOM   255  O O   . ASN A 1 35  ? -5.570  -10.646 6.458   1.00 11.38 ? 35  ASN A O   1 
ATOM   256  C CB  . ASN A 1 35  ? -2.579  -11.187 6.238   1.00 17.02 ? 35  ASN A CB  1 
ATOM   257  C CG  . ASN A 1 35  ? -1.191  -11.597 6.647   1.00 24.01 ? 35  ASN A CG  1 
ATOM   258  O OD1 . ASN A 1 35  ? -0.248  -10.819 6.538   1.00 29.76 ? 35  ASN A OD1 1 
ATOM   259  N ND2 . ASN A 1 35  ? -1.047  -12.836 7.083   1.00 26.35 ? 35  ASN A ND2 1 
ATOM   260  N N   . PHE A 1 36  ? -4.556  -8.634  6.357   1.00 9.12  ? 36  PHE A N   1 
ATOM   261  C CA  . PHE A 1 36  ? -5.658  -7.987  5.648   1.00 8.39  ? 36  PHE A CA  1 
ATOM   262  C C   . PHE A 1 36  ? -5.201  -6.746  4.885   1.00 8.90  ? 36  PHE A C   1 
ATOM   263  O O   . PHE A 1 36  ? -4.194  -6.133  5.243   1.00 8.48  ? 36  PHE A O   1 
ATOM   264  C CB  . PHE A 1 36  ? -6.801  -7.624  6.599   1.00 10.77 ? 36  PHE A CB  1 
ATOM   265  C CG  . PHE A 1 36  ? -6.541  -6.398  7.417   1.00 11.26 ? 36  PHE A CG  1 
ATOM   266  C CD1 . PHE A 1 36  ? -5.914  -6.492  8.648   1.00 12.08 ? 36  PHE A CD1 1 
ATOM   267  C CD2 . PHE A 1 36  ? -6.908  -5.140  6.944   1.00 11.51 ? 36  PHE A CD2 1 
ATOM   268  C CE1 . PHE A 1 36  ? -5.648  -5.348  9.412   1.00 12.47 ? 36  PHE A CE1 1 
ATOM   269  C CE2 . PHE A 1 36  ? -6.639  -3.992  7.701   1.00 12.56 ? 36  PHE A CE2 1 
ATOM   270  C CZ  . PHE A 1 36  ? -6.008  -4.103  8.936   1.00 11.04 ? 36  PHE A CZ  1 
ATOM   271  N N   . VAL A 1 37  ? -5.906  -6.440  3.799   1.00 8.84  ? 37  VAL A N   1 
ATOM   272  C CA  . VAL A 1 37  ? -5.632  -5.264  2.977   1.00 8.72  ? 37  VAL A CA  1 
ATOM   273  C C   . VAL A 1 37  ? -6.967  -4.650  2.584   1.00 9.09  ? 37  VAL A C   1 
ATOM   274  O O   . VAL A 1 37  ? -7.812  -5.334  1.981   1.00 8.72  ? 37  VAL A O   1 
ATOM   275  C CB  . VAL A 1 37  ? -4.858  -5.619  1.679   1.00 11.67 ? 37  VAL A CB  1 
ATOM   276  C CG1 . VAL A 1 37  ? -4.614  -4.365  0.864   1.00 11.07 ? 37  VAL A CG1 1 
ATOM   277  C CG2 . VAL A 1 37  ? -3.532  -6.261  2.014   1.00 10.78 ? 37  VAL A CG2 1 
ATOM   278  N N   . VAL A 1 38  ? -7.174  -3.384  2.953   1.00 7.19  ? 38  VAL A N   1 
ATOM   279  C CA  . VAL A 1 38  ? -8.410  -2.671  2.634   1.00 8.22  ? 38  VAL A CA  1 
ATOM   280  C C   . VAL A 1 38  ? -8.069  -1.328  2.002   1.00 6.82  ? 38  VAL A C   1 
ATOM   281  O O   . VAL A 1 38  ? -7.197  -0.631  2.503   1.00 8.14  ? 38  VAL A O   1 
ATOM   282  C CB  . VAL A 1 38  ? -9.259  -2.386  3.900   1.00 7.42  ? 38  VAL A CB  1 
ATOM   283  C CG1 . VAL A 1 38  ? -10.482 -1.563  3.543   1.00 7.44  ? 38  VAL A CG1 1 
ATOM   284  C CG2 . VAL A 1 38  ? -9.701  -3.685  4.540   1.00 8.10  ? 38  VAL A CG2 1 
ATOM   285  N N   . GLY A 1 39  ? -8.751  -0.958  0.921   1.00 7.81  ? 39  GLY A N   1 
ATOM   286  C CA  . GLY A 1 39  ? -8.463  0.331   0.329   1.00 9.76  ? 39  GLY A CA  1 
ATOM   287  C C   . GLY A 1 39  ? -9.258  0.683   -0.899  1.00 9.93  ? 39  GLY A C   1 
ATOM   288  O O   . GLY A 1 39  ? -9.971  -0.156  -1.457  1.00 11.28 ? 39  GLY A O   1 
ATOM   289  N N   . LYS A 1 40  ? -9.173  1.946   -1.297  1.00 9.13  ? 40  LYS A N   1 
ATOM   290  C CA  . LYS A 1 40  ? -9.863  2.402   -2.489  1.00 7.61  ? 40  LYS A CA  1 
ATOM   291  C C   . LYS A 1 40  ? -8.873  2.897   -3.523  1.00 7.62  ? 40  LYS A C   1 
ATOM   292  O O   . LYS A 1 40  ? -7.796  3.356   -3.183  1.00 6.61  ? 40  LYS A O   1 
ATOM   293  C CB  . LYS A 1 40  ? -10.878 3.506   -2.188  1.00 7.49  ? 40  LYS A CB  1 
ATOM   294  C CG  . LYS A 1 40  ? -12.159 2.990   -1.596  1.00 9.65  ? 40  LYS A CG  1 
ATOM   295  C CD  . LYS A 1 40  ? -13.219 4.051   -1.546  1.00 7.68  ? 40  LYS A CD  1 
ATOM   296  C CE  . LYS A 1 40  ? -14.533 3.400   -1.220  1.00 8.96  ? 40  LYS A CE  1 
ATOM   297  N NZ  . LYS A 1 40  ? -15.640 4.365   -1.120  1.00 7.70  ? 40  LYS A NZ  1 
ATOM   298  N N   . GLY A 1 41  ? -9.238  2.745   -4.781  1.00 9.23  ? 41  GLY A N   1 
ATOM   299  C CA  . GLY A 1 41  ? -8.378  3.187   -5.844  1.00 8.81  ? 41  GLY A CA  1 
ATOM   300  C C   . GLY A 1 41  ? -8.921  2.940   -7.221  1.00 7.96  ? 41  GLY A C   1 
ATOM   301  O O   . GLY A 1 41  ? -10.102 3.159   -7.511  1.00 7.41  ? 41  GLY A O   1 
ATOM   302  N N   . TRP A 1 42  ? -8.048  2.388   -8.050  1.00 8.38  ? 42  TRP A N   1 
ATOM   303  C CA  . TRP A 1 42  ? -8.350  2.136   -9.442  1.00 9.18  ? 42  TRP A CA  1 
ATOM   304  C C   . TRP A 1 42  ? -8.155  0.675   -9.866  1.00 8.29  ? 42  TRP A C   1 
ATOM   305  O O   . TRP A 1 42  ? -7.231  -0.008  -9.423  1.00 10.16 ? 42  TRP A O   1 
ATOM   306  C CB  . TRP A 1 42  ? -7.508  3.106   -10.296 1.00 10.51 ? 42  TRP A CB  1 
ATOM   307  C CG  . TRP A 1 42  ? -7.807  4.552   -9.948  1.00 10.98 ? 42  TRP A CG  1 
ATOM   308  C CD1 . TRP A 1 42  ? -8.728  5.347   -10.536 1.00 11.99 ? 42  TRP A CD1 1 
ATOM   309  C CD2 . TRP A 1 42  ? -7.229  5.328   -8.881  1.00 9.72  ? 42  TRP A CD2 1 
ATOM   310  N NE1 . TRP A 1 42  ? -8.780  6.565   -9.907  1.00 12.62 ? 42  TRP A NE1 1 
ATOM   311  C CE2 . TRP A 1 42  ? -7.864  6.582   -8.887  1.00 10.27 ? 42  TRP A CE2 1 
ATOM   312  C CE3 . TRP A 1 42  ? -6.242  5.077   -7.917  1.00 8.79  ? 42  TRP A CE3 1 
ATOM   313  C CZ2 . TRP A 1 42  ? -7.556  7.591   -7.974  1.00 10.43 ? 42  TRP A CZ2 1 
ATOM   314  C CZ3 . TRP A 1 42  ? -5.934  6.076   -7.004  1.00 9.93  ? 42  TRP A CZ3 1 
ATOM   315  C CH2 . TRP A 1 42  ? -6.591  7.319   -7.041  1.00 8.80  ? 42  TRP A CH2 1 
ATOM   316  N N   . THR A 1 43  ? -9.044  0.208   -10.733 1.00 10.46 ? 43  THR A N   1 
ATOM   317  C CA  . THR A 1 43  ? -9.018  -1.159  -11.248 1.00 11.60 ? 43  THR A CA  1 
ATOM   318  C C   . THR A 1 43  ? -7.746  -1.441  -12.042 1.00 11.44 ? 43  THR A C   1 
ATOM   319  O O   . THR A 1 43  ? -7.235  -2.559  -12.027 1.00 11.34 ? 43  THR A O   1 
ATOM   320  C CB  . THR A 1 43  ? -10.248 -1.412  -12.152 1.00 13.57 ? 43  THR A CB  1 
ATOM   321  O OG1 . THR A 1 43  ? -11.439 -1.074  -11.426 1.00 16.04 ? 43  THR A OG1 1 
ATOM   322  C CG2 . THR A 1 43  ? -10.322 -2.874  -12.571 1.00 14.19 ? 43  THR A CG2 1 
ATOM   323  N N   . THR A 1 44  ? -7.284  -0.432  -12.770 1.00 11.10 ? 44  THR A N   1 
ATOM   324  C CA  . THR A 1 44  ? -6.078  -0.555  -13.567 1.00 12.69 ? 44  THR A CA  1 
ATOM   325  C C   . THR A 1 44  ? -5.095  0.497   -13.112 1.00 10.26 ? 44  THR A C   1 
ATOM   326  O O   . THR A 1 44  ? -5.369  1.692   -13.184 1.00 12.50 ? 44  THR A O   1 
ATOM   327  C CB  . THR A 1 44  ? -6.364  -0.365  -15.072 1.00 14.32 ? 44  THR A CB  1 
ATOM   328  O OG1 . THR A 1 44  ? -7.393  -1.273  -15.476 1.00 15.30 ? 44  THR A OG1 1 
ATOM   329  C CG2 . THR A 1 44  ? -5.117  -0.639  -15.891 1.00 16.17 ? 44  THR A CG2 1 
ATOM   330  N N   . GLY A 1 45  ? -3.956  0.041   -12.620 1.00 8.32  ? 45  GLY A N   1 
ATOM   331  C CA  . GLY A 1 45  ? -2.940  0.956   -12.158 1.00 8.32  ? 45  GLY A CA  1 
ATOM   332  C C   . GLY A 1 45  ? -2.229  1.615   -13.313 1.00 7.91  ? 45  GLY A C   1 
ATOM   333  O O   . GLY A 1 45  ? -2.334  1.163   -14.462 1.00 9.58  ? 45  GLY A O   1 
ATOM   334  N N   . SER A 1 46  ? -1.511  2.688   -13.011 1.00 8.25  ? 46  SER A N   1 
ATOM   335  C CA  . SER A 1 46  ? -0.759  3.415   -14.020 1.00 8.91  ? 46  SER A CA  1 
ATOM   336  C C   . SER A 1 46  ? 0.515   3.940   -13.391 1.00 7.86  ? 46  SER A C   1 
ATOM   337  O O   . SER A 1 46  ? 0.516   4.323   -12.228 1.00 7.34  ? 46  SER A O   1 
ATOM   338  C CB  . SER A 1 46  ? -1.578  4.591   -14.556 1.00 11.50 ? 46  SER A CB  1 
ATOM   339  O OG  . SER A 1 46  ? -0.803  5.404   -15.426 1.00 13.55 ? 46  SER A OG  1 
ATOM   340  N N   . PRO A 1 47  ? 1.635   3.918   -14.135 1.00 8.86  ? 47  PRO A N   1 
ATOM   341  C CA  . PRO A 1 47  ? 2.881   4.430   -13.578 1.00 9.47  ? 47  PRO A CA  1 
ATOM   342  C C   . PRO A 1 47  ? 2.893   5.965   -13.627 1.00 10.06 ? 47  PRO A C   1 
ATOM   343  O O   . PRO A 1 47  ? 3.789   6.582   -13.074 1.00 11.23 ? 47  PRO A O   1 
ATOM   344  C CB  . PRO A 1 47  ? 3.938   3.843   -14.515 1.00 9.22  ? 47  PRO A CB  1 
ATOM   345  C CG  . PRO A 1 47  ? 3.238   3.788   -15.804 1.00 10.80 ? 47  PRO A CG  1 
ATOM   346  C CD  . PRO A 1 47  ? 1.875   3.267   -15.434 1.00 9.66  ? 47  PRO A CD  1 
ATOM   347  N N   . PHE A 1 48  ? 1.898   6.562   -14.290 1.00 8.41  ? 48  PHE A N   1 
ATOM   348  C CA  . PHE A 1 48  ? 1.804   8.021   -14.402 1.00 9.71  ? 48  PHE A CA  1 
ATOM   349  C C   . PHE A 1 48  ? 0.836   8.684   -13.410 1.00 10.58 ? 48  PHE A C   1 
ATOM   350  O O   . PHE A 1 48  ? 0.762   9.910   -13.320 1.00 9.84  ? 48  PHE A O   1 
ATOM   351  C CB  . PHE A 1 48  ? 1.388   8.405   -15.818 1.00 11.37 ? 48  PHE A CB  1 
ATOM   352  C CG  . PHE A 1 48  ? 2.289   7.852   -16.879 1.00 13.11 ? 48  PHE A CG  1 
ATOM   353  C CD1 . PHE A 1 48  ? 3.662   8.029   -16.805 1.00 14.89 ? 48  PHE A CD1 1 
ATOM   354  C CD2 . PHE A 1 48  ? 1.767   7.129   -17.928 1.00 14.15 ? 48  PHE A CD2 1 
ATOM   355  C CE1 . PHE A 1 48  ? 4.498   7.484   -17.764 1.00 15.98 ? 48  PHE A CE1 1 
ATOM   356  C CE2 . PHE A 1 48  ? 2.603   6.580   -18.894 1.00 15.58 ? 48  PHE A CE2 1 
ATOM   357  C CZ  . PHE A 1 48  ? 3.961   6.758   -18.809 1.00 15.30 ? 48  PHE A CZ  1 
ATOM   358  N N   . ARG A 1 49  ? 0.106   7.868   -12.656 1.00 9.99  ? 49  ARG A N   1 
ATOM   359  C CA  . ARG A 1 49  ? -0.881  8.387   -11.722 1.00 9.38  ? 49  ARG A CA  1 
ATOM   360  C C   . ARG A 1 49  ? -0.326  9.151   -10.538 1.00 7.41  ? 49  ARG A C   1 
ATOM   361  O O   . ARG A 1 49  ? 0.698   8.792   -9.961  1.00 6.94  ? 49  ARG A O   1 
ATOM   362  C CB  . ARG A 1 49  ? -1.779  7.262   -11.207 1.00 9.98  ? 49  ARG A CB  1 
ATOM   363  C CG  . ARG A 1 49  ? -3.036  7.778   -10.477 1.00 10.60 ? 49  ARG A CG  1 
ATOM   364  C CD  . ARG A 1 49  ? -3.951  6.665   -10.036 1.00 11.56 ? 49  ARG A CD  1 
ATOM   365  N NE  . ARG A 1 49  ? -4.181  5.641   -11.053 1.00 17.29 ? 49  ARG A NE  1 
ATOM   366  C CZ  . ARG A 1 49  ? -5.096  5.712   -12.011 1.00 17.67 ? 49  ARG A CZ  1 
ATOM   367  N NH1 . ARG A 1 49  ? -5.879  6.773   -12.110 1.00 19.08 ? 49  ARG A NH1 1 
ATOM   368  N NH2 . ARG A 1 49  ? -5.290  4.676   -12.815 1.00 17.66 ? 49  ARG A NH2 1 
ATOM   369  N N   . THR A 1 50  ? -1.051  10.195  -10.158 1.00 6.41  ? 50  THR A N   1 
ATOM   370  C CA  . THR A 1 50  ? -0.692  10.991  -8.984  1.00 7.05  ? 50  THR A CA  1 
ATOM   371  C C   . THR A 1 50  ? -1.832  10.732  -8.032  1.00 7.91  ? 50  THR A C   1 
ATOM   372  O O   . THR A 1 50  ? -2.982  11.019  -8.353  1.00 9.27  ? 50  THR A O   1 
ATOM   373  C CB  . THR A 1 50  ? -0.612  12.478  -9.289  1.00 6.88  ? 50  THR A CB  1 
ATOM   374  O OG1 . THR A 1 50  ? 0.385   12.695  -10.288 1.00 8.70  ? 50  THR A OG1 1 
ATOM   375  C CG2 . THR A 1 50  ? -0.264  13.263  -8.054  1.00 9.54  ? 50  THR A CG2 1 
ATOM   376  N N   . ILE A 1 51  ? -1.525  10.080  -6.919  1.00 7.48  ? 51  ILE A N   1 
ATOM   377  C CA  . ILE A 1 51  ? -2.545  9.725   -5.940  1.00 8.35  ? 51  ILE A CA  1 
ATOM   378  C C   . ILE A 1 51  ? -2.645  10.751  -4.808  1.00 7.83  ? 51  ILE A C   1 
ATOM   379  O O   . ILE A 1 51  ? -1.640  11.155  -4.245  1.00 9.57  ? 51  ILE A O   1 
ATOM   380  C CB  . ILE A 1 51  ? -2.250  8.312   -5.347  1.00 8.72  ? 51  ILE A CB  1 
ATOM   381  C CG1 . ILE A 1 51  ? -2.309  7.239   -6.451  1.00 10.85 ? 51  ILE A CG1 1 
ATOM   382  C CG2 . ILE A 1 51  ? -3.264  7.965   -4.260  1.00 11.92 ? 51  ILE A CG2 1 
ATOM   383  C CD1 . ILE A 1 51  ? -0.964  6.910   -7.093  1.00 9.66  ? 51  ILE A CD1 1 
ATOM   384  N N   . ASN A 1 52  ? -3.865  11.179  -4.505  1.00 7.31  ? 52  ASN A N   1 
ATOM   385  C CA  . ASN A 1 52  ? -4.100  12.139  -3.435  1.00 7.92  ? 52  ASN A CA  1 
ATOM   386  C C   . ASN A 1 52  ? -4.870  11.418  -2.346  1.00 7.13  ? 52  ASN A C   1 
ATOM   387  O O   . ASN A 1 52  ? -5.735  10.584  -2.645  1.00 6.80  ? 52  ASN A O   1 
ATOM   388  C CB  . ASN A 1 52  ? -4.970  13.287  -3.926  1.00 10.04 ? 52  ASN A CB  1 
ATOM   389  C CG  . ASN A 1 52  ? -4.345  14.060  -5.051  1.00 15.64 ? 52  ASN A CG  1 
ATOM   390  O OD1 . ASN A 1 52  ? -3.468  14.890  -4.820  1.00 18.10 ? 52  ASN A OD1 1 
ATOM   391  N ND2 . ASN A 1 52  ? -4.788  13.794  -6.280  1.00 17.69 ? 52  ASN A ND2 1 
ATOM   392  N N   . TYR A 1 53  ? -4.578  11.726  -1.090  1.00 7.81  ? 53  TYR A N   1 
ATOM   393  C CA  . TYR A 1 53  ? -5.345  11.106  -0.012  1.00 7.39  ? 53  TYR A CA  1 
ATOM   394  C C   . TYR A 1 53  ? -5.303  11.974  1.231   1.00 8.41  ? 53  TYR A C   1 
ATOM   395  O O   . TYR A 1 53  ? -4.465  12.872  1.347   1.00 8.18  ? 53  TYR A O   1 
ATOM   396  C CB  . TYR A 1 53  ? -4.831  9.702   0.321   1.00 8.04  ? 53  TYR A CB  1 
ATOM   397  C CG  . TYR A 1 53  ? -3.518  9.682   1.072   1.00 8.03  ? 53  TYR A CG  1 
ATOM   398  C CD1 . TYR A 1 53  ? -2.302  9.727   0.389   1.00 7.18  ? 53  TYR A CD1 1 
ATOM   399  C CD2 . TYR A 1 53  ? -3.491  9.628   2.463   1.00 7.28  ? 53  TYR A CD2 1 
ATOM   400  C CE1 . TYR A 1 53  ? -1.087  9.721   1.080   1.00 7.03  ? 53  TYR A CE1 1 
ATOM   401  C CE2 . TYR A 1 53  ? -2.286  9.620   3.161   1.00 6.82  ? 53  TYR A CE2 1 
ATOM   402  C CZ  . TYR A 1 53  ? -1.091  9.666   2.465   1.00 6.21  ? 53  TYR A CZ  1 
ATOM   403  O OH  . TYR A 1 53  ? 0.080   9.663   3.173   1.00 8.36  ? 53  TYR A OH  1 
ATOM   404  N N   . ASN A 1 54  ? -6.231  11.719  2.144   1.00 7.39  ? 54  ASN A N   1 
ATOM   405  C CA  . ASN A 1 54  ? -6.249  12.433  3.412   1.00 8.32  ? 54  ASN A CA  1 
ATOM   406  C C   . ASN A 1 54  ? -6.698  11.401  4.424   1.00 7.99  ? 54  ASN A C   1 
ATOM   407  O O   . ASN A 1 54  ? -7.818  10.889  4.325   1.00 8.68  ? 54  ASN A O   1 
ATOM   408  C CB  . ASN A 1 54  ? -7.213  13.631  3.391   1.00 8.51  ? 54  ASN A CB  1 
ATOM   409  C CG  . ASN A 1 54  ? -7.156  14.457  4.690   1.00 10.29 ? 54  ASN A CG  1 
ATOM   410  O OD1 . ASN A 1 54  ? -7.123  15.680  4.644   1.00 14.19 ? 54  ASN A OD1 1 
ATOM   411  N ND2 . ASN A 1 54  ? -7.152  13.794  5.842   1.00 8.08  ? 54  ASN A ND2 1 
ATOM   412  N N   . ALA A 1 55  ? -5.799  11.027  5.324   1.00 7.59  ? 55  ALA A N   1 
ATOM   413  C CA  . ALA A 1 55  ? -6.127  10.059  6.365   1.00 9.03  ? 55  ALA A CA  1 
ATOM   414  C C   . ALA A 1 55  ? -6.617  10.822  7.591   1.00 8.79  ? 55  ALA A C   1 
ATOM   415  O O   . ALA A 1 55  ? -5.820  11.358  8.358   1.00 9.60  ? 55  ALA A O   1 
ATOM   416  C CB  . ALA A 1 55  ? -4.936  9.208   6.719   1.00 7.12  ? 55  ALA A CB  1 
ATOM   417  N N   . GLY A 1 56  ? -7.932  10.929  7.723   1.00 9.39  ? 56  GLY A N   1 
ATOM   418  C CA  . GLY A 1 56  ? -8.517  11.638  8.847   1.00 9.77  ? 56  GLY A CA  1 
ATOM   419  C C   . GLY A 1 56  ? -8.239  10.928  10.149  1.00 11.48 ? 56  GLY A C   1 
ATOM   420  O O   . GLY A 1 56  ? -8.220  11.567  11.208  1.00 12.18 ? 56  GLY A O   1 
ATOM   421  N N   . VAL A 1 57  ? -8.163  9.596   10.093  1.00 9.43  ? 57  VAL A N   1 
ATOM   422  C CA  . VAL A 1 57  ? -7.836  8.793   11.277  1.00 9.13  ? 57  VAL A CA  1 
ATOM   423  C C   . VAL A 1 57  ? -6.792  7.759   10.880  1.00 8.83  ? 57  VAL A C   1 
ATOM   424  O O   . VAL A 1 57  ? -6.977  7.045   9.890   1.00 9.80  ? 57  VAL A O   1 
ATOM   425  C CB  . VAL A 1 57  ? -9.065  8.019   11.852  1.00 9.95  ? 57  VAL A CB  1 
ATOM   426  C CG1 . VAL A 1 57  ? -8.655  7.170   13.039  1.00 9.25  ? 57  VAL A CG1 1 
ATOM   427  C CG2 . VAL A 1 57  ? -10.150 8.980   12.263  1.00 12.30 ? 57  VAL A CG2 1 
ATOM   428  N N   . TRP A 1 58  ? -5.675  7.737   11.605  1.00 8.81  ? 58  TRP A N   1 
ATOM   429  C CA  . TRP A 1 58  ? -4.624  6.752   11.390  1.00 10.32 ? 58  TRP A CA  1 
ATOM   430  C C   . TRP A 1 58  ? -4.216  6.403   12.806  1.00 11.07 ? 58  TRP A C   1 
ATOM   431  O O   . TRP A 1 58  ? -3.398  7.099   13.420  1.00 11.65 ? 58  TRP A O   1 
ATOM   432  C CB  . TRP A 1 58  ? -3.440  7.307   10.580  1.00 8.82  ? 58  TRP A CB  1 
ATOM   433  C CG  . TRP A 1 58  ? -2.334  6.280   10.445  1.00 9.29  ? 58  TRP A CG  1 
ATOM   434  C CD1 . TRP A 1 58  ? -1.053  6.386   10.908  1.00 9.60  ? 58  TRP A CD1 1 
ATOM   435  C CD2 . TRP A 1 58  ? -2.464  4.941   9.923   1.00 10.69 ? 58  TRP A CD2 1 
ATOM   436  N NE1 . TRP A 1 58  ? -0.382  5.196   10.725  1.00 10.17 ? 58  TRP A NE1 1 
ATOM   437  C CE2 . TRP A 1 58  ? -1.221  4.298   10.126  1.00 9.36  ? 58  TRP A CE2 1 
ATOM   438  C CE3 . TRP A 1 58  ? -3.514  4.229   9.323   1.00 10.10 ? 58  TRP A CE3 1 
ATOM   439  C CZ2 . TRP A 1 58  ? -1.001  2.970   9.747   1.00 10.66 ? 58  TRP A CZ2 1 
ATOM   440  C CZ3 . TRP A 1 58  ? -3.294  2.910   8.952   1.00 13.75 ? 58  TRP A CZ3 1 
ATOM   441  C CH2 . TRP A 1 58  ? -2.047  2.294   9.168   1.00 13.00 ? 58  TRP A CH2 1 
ATOM   442  N N   . ALA A 1 59  ? -4.787  5.322   13.322  1.00 10.85 ? 59  ALA A N   1 
ATOM   443  C CA  . ALA A 1 59  ? -4.557  4.917   14.694  1.00 11.70 ? 59  ALA A CA  1 
ATOM   444  C C   . ALA A 1 59  ? -4.304  3.430   14.858  1.00 11.87 ? 59  ALA A C   1 
ATOM   445  O O   . ALA A 1 59  ? -5.145  2.698   15.414  1.00 10.30 ? 59  ALA A O   1 
ATOM   446  C CB  . ALA A 1 59  ? -5.757  5.345   15.546  1.00 13.47 ? 59  ALA A CB  1 
ATOM   447  N N   . PRO A 1 60  ? -3.165  2.947   14.358  1.00 12.07 ? 60  PRO A N   1 
ATOM   448  C CA  . PRO A 1 60  ? -2.920  1.519   14.523  1.00 13.50 ? 60  PRO A CA  1 
ATOM   449  C C   . PRO A 1 60  ? -2.358  1.205   15.913  1.00 13.84 ? 60  PRO A C   1 
ATOM   450  O O   . PRO A 1 60  ? -1.601  1.998   16.472  1.00 13.85 ? 60  PRO A O   1 
ATOM   451  C CB  . PRO A 1 60  ? -1.915  1.222   13.409  1.00 13.27 ? 60  PRO A CB  1 
ATOM   452  C CG  . PRO A 1 60  ? -1.068  2.488   13.385  1.00 13.21 ? 60  PRO A CG  1 
ATOM   453  C CD  . PRO A 1 60  ? -2.103  3.593   13.544  1.00 12.58 ? 60  PRO A CD  1 
ATOM   454  N N   . ASN A 1 61  ? -2.753  0.062   16.467  1.00 14.18 ? 61  ASN A N   1 
ATOM   455  C CA  . ASN A 1 61  ? -2.257  -0.399  17.769  1.00 17.58 ? 61  ASN A CA  1 
ATOM   456  C C   . ASN A 1 61  ? -1.513  -1.660  17.409  1.00 19.16 ? 61  ASN A C   1 
ATOM   457  O O   . ASN A 1 61  ? -2.014  -2.776  17.620  1.00 23.32 ? 61  ASN A O   1 
ATOM   458  C CB  . ASN A 1 61  ? -3.396  -0.809  18.709  1.00 19.34 ? 61  ASN A CB  1 
ATOM   459  C CG  . ASN A 1 61  ? -3.980  0.350   19.451  1.00 23.03 ? 61  ASN A CG  1 
ATOM   460  O OD1 . ASN A 1 61  ? -3.437  1.447   19.457  1.00 26.87 ? 61  ASN A OD1 1 
ATOM   461  N ND2 . ASN A 1 61  ? -5.095  0.105   20.116  1.00 25.14 ? 61  ASN A ND2 1 
ATOM   462  N N   . GLY A 1 62  ? -0.376  -1.502  16.763  1.00 14.76 ? 62  GLY A N   1 
ATOM   463  C CA  . GLY A 1 62  ? 0.367   -2.669  16.372  1.00 14.20 ? 62  GLY A CA  1 
ATOM   464  C C   . GLY A 1 62  ? 0.870   -2.494  14.962  1.00 12.88 ? 62  GLY A C   1 
ATOM   465  O O   . GLY A 1 62  ? 1.028   -1.369  14.480  1.00 14.20 ? 62  GLY A O   1 
ATOM   466  N N   . ASN A 1 63  ? 1.108   -3.614  14.306  1.00 10.54 ? 63  ASN A N   1 
ATOM   467  C CA  . ASN A 1 63  ? 1.636   -3.644  12.951  1.00 9.69  ? 63  ASN A CA  1 
ATOM   468  C C   . ASN A 1 63  ? 0.571   -3.330  11.897  1.00 8.63  ? 63  ASN A C   1 
ATOM   469  O O   . ASN A 1 63  ? -0.378  -4.083  11.727  1.00 10.51 ? 63  ASN A O   1 
ATOM   470  C CB  . ASN A 1 63  ? 2.258   -5.019  12.718  1.00 11.56 ? 63  ASN A CB  1 
ATOM   471  C CG  . ASN A 1 63  ? 3.085   -5.094  11.445  1.00 15.49 ? 63  ASN A CG  1 
ATOM   472  O OD1 . ASN A 1 63  ? 3.757   -6.090  11.214  1.00 20.55 ? 63  ASN A OD1 1 
ATOM   473  N ND2 . ASN A 1 63  ? 3.059   -4.053  10.628  1.00 13.65 ? 63  ASN A ND2 1 
ATOM   474  N N   . GLY A 1 64  ? 0.700   -2.165  11.267  1.00 8.23  ? 64  GLY A N   1 
ATOM   475  C CA  . GLY A 1 64  ? -0.213  -1.735  10.222  1.00 8.65  ? 64  GLY A CA  1 
ATOM   476  C C   . GLY A 1 64  ? 0.481   -0.696  9.355   1.00 7.98  ? 64  GLY A C   1 
ATOM   477  O O   . GLY A 1 64  ? 1.295   0.075   9.867   1.00 8.88  ? 64  GLY A O   1 
ATOM   478  N N   . TYR A 1 65  ? 0.203   -0.703  8.054   1.00 8.40  ? 65  TYR A N   1 
ATOM   479  C CA  . TYR A 1 65  ? 0.800   0.256   7.115   1.00 8.61  ? 65  TYR A CA  1 
ATOM   480  C C   . TYR A 1 65  ? -0.258  1.130   6.436   1.00 7.37  ? 65  TYR A C   1 
ATOM   481  O O   . TYR A 1 65  ? -1.355  0.665   6.114   1.00 8.67  ? 65  TYR A O   1 
ATOM   482  C CB  . TYR A 1 65  ? 1.523   -0.468  5.963   1.00 9.13  ? 65  TYR A CB  1 
ATOM   483  C CG  . TYR A 1 65  ? 2.521   -1.554  6.322   1.00 11.07 ? 65  TYR A CG  1 
ATOM   484  C CD1 . TYR A 1 65  ? 3.277   -1.492  7.489   1.00 8.03  ? 65  TYR A CD1 1 
ATOM   485  C CD2 . TYR A 1 65  ? 2.722   -2.638  5.466   1.00 12.75 ? 65  TYR A CD2 1 
ATOM   486  C CE1 . TYR A 1 65  ? 4.189   -2.460  7.801   1.00 11.45 ? 65  TYR A CE1 1 
ATOM   487  C CE2 . TYR A 1 65  ? 3.652   -3.629  5.771   1.00 12.21 ? 65  TYR A CE2 1 
ATOM   488  C CZ  . TYR A 1 65  ? 4.382   -3.531  6.944   1.00 12.84 ? 65  TYR A CZ  1 
ATOM   489  O OH  . TYR A 1 65  ? 5.299   -4.512  7.278   1.00 12.81 ? 65  TYR A OH  1 
ATOM   490  N N   . LEU A 1 66  ? 0.074   2.397   6.212   1.00 6.70  ? 66  LEU A N   1 
ATOM   491  C CA  . LEU A 1 66  ? -0.785  3.316   5.482   1.00 6.01  ? 66  LEU A CA  1 
ATOM   492  C C   . LEU A 1 66  ? 0.096   3.419   4.231   1.00 7.55  ? 66  LEU A C   1 
ATOM   493  O O   . LEU A 1 66  ? 1.148   4.077   4.262   1.00 3.54  ? 66  LEU A O   1 
ATOM   494  C CB  . LEU A 1 66  ? -0.905  4.654   6.216   1.00 6.55  ? 66  LEU A CB  1 
ATOM   495  C CG  . LEU A 1 66  ? -1.664  5.700   5.407   1.00 8.80  ? 66  LEU A CG  1 
ATOM   496  C CD1 . LEU A 1 66  ? -3.100  5.197   5.118   1.00 9.86  ? 66  LEU A CD1 1 
ATOM   497  C CD2 . LEU A 1 66  ? -1.676  7.011   6.164   1.00 9.99  ? 66  LEU A CD2 1 
ATOM   498  N N   . THR A 1 67  ? -0.359  2.809   3.134   1.00 5.87  ? 67  THR A N   1 
ATOM   499  C CA  . THR A 1 67  ? 0.486   2.674   1.953   1.00 6.78  ? 67  THR A CA  1 
ATOM   500  C C   . THR A 1 67  ? -0.213  2.586   0.596   1.00 5.58  ? 67  THR A C   1 
ATOM   501  O O   . THR A 1 67  ? -1.358  2.157   0.492   1.00 5.67  ? 67  THR A O   1 
ATOM   502  C CB  . THR A 1 67  ? 1.311   1.342   2.156   1.00 6.43  ? 67  THR A CB  1 
ATOM   503  O OG1 . THR A 1 67  ? 2.208   1.102   1.061   1.00 7.90  ? 67  THR A OG1 1 
ATOM   504  C CG2 . THR A 1 67  ? 0.372   0.141   2.266   1.00 3.71  ? 67  THR A CG2 1 
ATOM   505  N N   . LEU A 1 68  ? 0.450   3.080   -0.445  1.00 4.76  ? 68  LEU A N   1 
ATOM   506  C CA  . LEU A 1 68  ? -0.083  2.921   -1.802  1.00 5.09  ? 68  LEU A CA  1 
ATOM   507  C C   . LEU A 1 68  ? 0.186   1.438   -1.988  1.00 4.88  ? 68  LEU A C   1 
ATOM   508  O O   . LEU A 1 68  ? 1.252   0.960   -1.564  1.00 4.13  ? 68  LEU A O   1 
ATOM   509  C CB  . LEU A 1 68  ? 0.715   3.709   -2.817  1.00 6.00  ? 68  LEU A CB  1 
ATOM   510  C CG  . LEU A 1 68  ? 0.216   3.555   -4.259  1.00 7.45  ? 68  LEU A CG  1 
ATOM   511  C CD1 . LEU A 1 68  ? -1.180  4.153   -4.440  1.00 8.66  ? 68  LEU A CD1 1 
ATOM   512  C CD2 . LEU A 1 68  ? 1.205   4.239   -5.181  1.00 9.53  ? 68  LEU A CD2 1 
ATOM   513  N N   . TYR A 1 69  ? -0.725  0.727   -2.652  1.00 4.82  ? 69  TYR A N   1 
ATOM   514  C CA  . TYR A 1 69  ? -0.586  -0.716  -2.789  1.00 6.72  ? 69  TYR A CA  1 
ATOM   515  C C   . TYR A 1 69  ? -1.095  -1.149  -4.143  1.00 5.77  ? 69  TYR A C   1 
ATOM   516  O O   . TYR A 1 69  ? -2.143  -0.688  -4.583  1.00 6.64  ? 69  TYR A O   1 
ATOM   517  C CB  . TYR A 1 69  ? -1.406  -1.395  -1.673  1.00 6.46  ? 69  TYR A CB  1 
ATOM   518  C CG  . TYR A 1 69  ? -1.451  -2.909  -1.740  1.00 9.00  ? 69  TYR A CG  1 
ATOM   519  C CD1 . TYR A 1 69  ? -0.399  -3.687  -1.256  1.00 9.77  ? 69  TYR A CD1 1 
ATOM   520  C CD2 . TYR A 1 69  ? -2.558  -3.568  -2.293  1.00 10.29 ? 69  TYR A CD2 1 
ATOM   521  C CE1 . TYR A 1 69  ? -0.444  -5.084  -1.310  1.00 10.73 ? 69  TYR A CE1 1 
ATOM   522  C CE2 . TYR A 1 69  ? -2.613  -4.959  -2.348  1.00 9.96  ? 69  TYR A CE2 1 
ATOM   523  C CZ  . TYR A 1 69  ? -1.550  -5.712  -1.864  1.00 9.31  ? 69  TYR A CZ  1 
ATOM   524  O OH  . TYR A 1 69  ? -1.594  -7.090  -1.941  1.00 10.68 ? 69  TYR A OH  1 
ATOM   525  N N   . GLY A 1 70  ? -0.362  -2.043  -4.795  1.00 6.43  ? 70  GLY A N   1 
ATOM   526  C CA  . GLY A 1 70  ? -0.811  -2.506  -6.091  1.00 6.63  ? 70  GLY A CA  1 
ATOM   527  C C   . GLY A 1 70  ? -0.032  -3.690  -6.609  1.00 4.81  ? 70  GLY A C   1 
ATOM   528  O O   . GLY A 1 70  ? 0.915   -4.145  -5.969  1.00 4.32  ? 70  GLY A O   1 
ATOM   529  N N   . TRP A 1 71  ? -0.466  -4.203  -7.754  1.00 6.47  ? 71  TRP A N   1 
ATOM   530  C CA  . TRP A 1 71  ? 0.168   -5.348  -8.403  1.00 6.46  ? 71  TRP A CA  1 
ATOM   531  C C   . TRP A 1 71  ? 0.351   -5.188  -9.906  1.00 7.64  ? 71  TRP A C   1 
ATOM   532  O O   . TRP A 1 71  ? -0.371  -4.445  -10.570 1.00 8.03  ? 71  TRP A O   1 
ATOM   533  C CB  . TRP A 1 71  ? -0.713  -6.596  -8.277  1.00 5.28  ? 71  TRP A CB  1 
ATOM   534  C CG  . TRP A 1 71  ? -0.883  -7.208  -6.920  1.00 7.47  ? 71  TRP A CG  1 
ATOM   535  C CD1 . TRP A 1 71  ? -1.747  -6.807  -5.946  1.00 9.43  ? 71  TRP A CD1 1 
ATOM   536  C CD2 . TRP A 1 71  ? -0.204  -8.366  -6.413  1.00 7.80  ? 71  TRP A CD2 1 
ATOM   537  N NE1 . TRP A 1 71  ? -1.647  -7.644  -4.861  1.00 10.33 ? 71  TRP A NE1 1 
ATOM   538  C CE2 . TRP A 1 71  ? -0.709  -8.607  -5.116  1.00 8.12  ? 71  TRP A CE2 1 
ATOM   539  C CE3 . TRP A 1 71  ? 0.781   -9.218  -6.930  1.00 9.38  ? 71  TRP A CE3 1 
ATOM   540  C CZ2 . TRP A 1 71  ? -0.254  -9.676  -4.318  1.00 6.86  ? 71  TRP A CZ2 1 
ATOM   541  C CZ3 . TRP A 1 71  ? 1.231   -10.275 -6.138  1.00 10.83 ? 71  TRP A CZ3 1 
ATOM   542  C CH2 . TRP A 1 71  ? 0.711   -10.491 -4.845  1.00 9.76  ? 71  TRP A CH2 1 
ATOM   543  N N   . THR A 1 72  ? 1.310   -5.930  -10.445 1.00 8.52  ? 72  THR A N   1 
ATOM   544  C CA  . THR A 1 72  ? 1.466   -6.018  -11.885 1.00 10.36 ? 72  THR A CA  1 
ATOM   545  C C   . THR A 1 72  ? 1.627   -7.522  -12.119 1.00 10.52 ? 72  THR A C   1 
ATOM   546  O O   . THR A 1 72  ? 1.919   -8.284  -11.187 1.00 10.67 ? 72  THR A O   1 
ATOM   547  C CB  . THR A 1 72  ? 2.719   -5.316  -12.468 1.00 9.30  ? 72  THR A CB  1 
ATOM   548  O OG1 . THR A 1 72  ? 3.899   -5.864  -11.884 1.00 9.68  ? 72  THR A OG1 1 
ATOM   549  C CG2 . THR A 1 72  ? 2.674   -3.798  -12.284 1.00 9.10  ? 72  THR A CG2 1 
ATOM   550  N N   . ARG A 1 73  ? 1.344   -7.941  -13.342 1.00 12.78 ? 73  ARG A N   1 
ATOM   551  C CA  . ARG A 1 73  ? 1.530   -9.315  -13.763 1.00 14.83 ? 73  ARG A CA  1 
ATOM   552  C C   . ARG A 1 73  ? 2.577   -9.217  -14.870 1.00 13.98 ? 73  ARG A C   1 
ATOM   553  O O   . ARG A 1 73  ? 2.774   -8.148  -15.464 1.00 13.68 ? 73  ARG A O   1 
ATOM   554  C CB  . ARG A 1 73  ? 0.228   -9.910  -14.314 1.00 16.02 ? 73  ARG A CB  1 
ATOM   555  C CG  . ARG A 1 73  ? -0.769  -10.310 -13.245 1.00 17.63 ? 73  ARG A CG  1 
ATOM   556  C CD  . ARG A 1 73  ? -1.993  -10.970 -13.866 1.00 19.26 ? 73  ARG A CD  1 
ATOM   557  N NE  . ARG A 1 73  ? -2.948  -11.413 -12.853 1.00 21.28 ? 73  ARG A NE  1 
ATOM   558  C CZ  . ARG A 1 73  ? -4.029  -10.730 -12.492 1.00 22.38 ? 73  ARG A CZ  1 
ATOM   559  N NH1 . ARG A 1 73  ? -4.302  -9.562  -13.053 1.00 23.99 ? 73  ARG A NH1 1 
ATOM   560  N NH2 . ARG A 1 73  ? -4.852  -11.225 -11.581 1.00 23.28 ? 73  ARG A NH2 1 
ATOM   561  N N   . SER A 1 74  ? 3.276   -10.317 -15.116 1.00 16.58 ? 74  SER A N   1 
ATOM   562  C CA  . SER A 1 74  ? 4.305   -10.390 -16.164 1.00 18.06 ? 74  SER A CA  1 
ATOM   563  C C   . SER A 1 74  ? 5.463   -9.399  -15.998 1.00 16.91 ? 74  SER A C   1 
ATOM   564  O O   . SER A 1 74  ? 5.629   -8.483  -16.806 1.00 18.02 ? 74  SER A O   1 
ATOM   565  C CB  . SER A 1 74  ? 3.669   -10.201 -17.545 1.00 20.71 ? 74  SER A CB  1 
ATOM   566  O OG  . SER A 1 74  ? 2.507   -10.999 -17.668 1.00 24.72 ? 74  SER A OG  1 
ATOM   567  N N   . PRO A 1 75  ? 6.248   -9.549  -14.921 1.00 16.70 ? 75  PRO A N   1 
ATOM   568  C CA  . PRO A 1 75  ? 6.119   -10.578 -13.885 1.00 16.46 ? 75  PRO A CA  1 
ATOM   569  C C   . PRO A 1 75  ? 5.199   -10.149 -12.733 1.00 15.59 ? 75  PRO A C   1 
ATOM   570  O O   . PRO A 1 75  ? 4.808   -8.994  -12.632 1.00 11.59 ? 75  PRO A O   1 
ATOM   571  C CB  . PRO A 1 75  ? 7.555   -10.778 -13.425 1.00 16.80 ? 75  PRO A CB  1 
ATOM   572  C CG  . PRO A 1 75  ? 8.132   -9.409  -13.551 1.00 17.39 ? 75  PRO A CG  1 
ATOM   573  C CD  . PRO A 1 75  ? 7.571   -8.894  -14.842 1.00 15.30 ? 75  PRO A CD  1 
ATOM   574  N N   . LEU A 1 76  ? 4.833   -11.113 -11.905 1.00 14.89 ? 76  LEU A N   1 
ATOM   575  C CA  . LEU A 1 76  ? 3.976   -10.877 -10.751 1.00 13.69 ? 76  LEU A CA  1 
ATOM   576  C C   . LEU A 1 76  ? 4.763   -10.102 -9.678  1.00 12.52 ? 76  LEU A C   1 
ATOM   577  O O   . LEU A 1 76  ? 5.722   -10.631 -9.106  1.00 11.17 ? 76  LEU A O   1 
ATOM   578  C CB  . LEU A 1 76  ? 3.520   -12.225 -10.202 1.00 16.09 ? 76  LEU A CB  1 
ATOM   579  C CG  . LEU A 1 76  ? 2.324   -12.296 -9.268  1.00 16.39 ? 76  LEU A CG  1 
ATOM   580  C CD1 . LEU A 1 76  ? 1.089   -11.727 -9.969  1.00 17.90 ? 76  LEU A CD1 1 
ATOM   581  C CD2 . LEU A 1 76  ? 2.108   -13.761 -8.888  1.00 17.76 ? 76  LEU A CD2 1 
ATOM   582  N N   . ILE A 1 77  ? 4.364   -8.855  -9.419  1.00 9.92  ? 77  ILE A N   1 
ATOM   583  C CA  . ILE A 1 77  ? 5.044   -8.013  -8.429  1.00 8.25  ? 77  ILE A CA  1 
ATOM   584  C C   . ILE A 1 77  ? 4.016   -7.282  -7.591  1.00 7.32  ? 77  ILE A C   1 
ATOM   585  O O   . ILE A 1 77  ? 3.032   -6.803  -8.131  1.00 8.84  ? 77  ILE A O   1 
ATOM   586  C CB  . ILE A 1 77  ? 5.966   -6.964  -9.120  1.00 10.55 ? 77  ILE A CB  1 
ATOM   587  C CG1 . ILE A 1 77  ? 7.139   -7.672  -9.811  1.00 10.17 ? 77  ILE A CG1 1 
ATOM   588  C CG2 . ILE A 1 77  ? 6.513   -5.953  -8.117  1.00 10.65 ? 77  ILE A CG2 1 
ATOM   589  C CD1 . ILE A 1 77  ? 7.881   -6.813  -10.767 1.00 11.85 ? 77  ILE A CD1 1 
ATOM   590  N N   . GLU A 1 78  ? 4.215   -7.295  -6.278  1.00 6.80  ? 78  GLU A N   1 
ATOM   591  C CA  . GLU A 1 78  ? 3.343   -6.581  -5.336  1.00 6.34  ? 78  GLU A CA  1 
ATOM   592  C C   . GLU A 1 78  ? 4.199   -5.376  -4.902  1.00 7.14  ? 78  GLU A C   1 
ATOM   593  O O   . GLU A 1 78  ? 5.327   -5.562  -4.464  1.00 7.40  ? 78  GLU A O   1 
ATOM   594  C CB  . GLU A 1 78  ? 3.019   -7.477  -4.133  1.00 6.68  ? 78  GLU A CB  1 
ATOM   595  C CG  . GLU A 1 78  ? 2.076   -6.862  -3.080  1.00 8.71  ? 78  GLU A CG  1 
ATOM   596  C CD  . GLU A 1 78  ? 1.902   -7.768  -1.874  1.00 9.94  ? 78  GLU A CD  1 
ATOM   597  O OE1 . GLU A 1 78  ? 2.918   -8.144  -1.265  1.00 11.20 ? 78  GLU A OE1 1 
ATOM   598  O OE2 . GLU A 1 78  ? 0.755   -8.133  -1.547  1.00 9.75  ? 78  GLU A OE2 1 
ATOM   599  N N   . TYR A 1 79  ? 3.684   -4.157  -5.039  1.00 5.60  ? 79  TYR A N   1 
ATOM   600  C CA  . TYR A 1 79  ? 4.465   -2.994  -4.661  1.00 5.61  ? 79  TYR A CA  1 
ATOM   601  C C   . TYR A 1 79  ? 3.789   -2.120  -3.613  1.00 7.47  ? 79  TYR A C   1 
ATOM   602  O O   . TYR A 1 79  ? 2.554   -2.094  -3.476  1.00 5.47  ? 79  TYR A O   1 
ATOM   603  C CB  . TYR A 1 79  ? 4.834   -2.153  -5.872  1.00 5.57  ? 79  TYR A CB  1 
ATOM   604  C CG  . TYR A 1 79  ? 3.643   -1.542  -6.594  1.00 7.02  ? 79  TYR A CG  1 
ATOM   605  C CD1 . TYR A 1 79  ? 3.041   -0.387  -6.118  1.00 6.23  ? 79  TYR A CD1 1 
ATOM   606  C CD2 . TYR A 1 79  ? 3.120   -2.129  -7.747  1.00 6.76  ? 79  TYR A CD2 1 
ATOM   607  C CE1 . TYR A 1 79  ? 1.943   0.157   -6.749  1.00 7.69  ? 79  TYR A CE1 1 
ATOM   608  C CE2 . TYR A 1 79  ? 2.021   -1.586  -8.395  1.00 7.62  ? 79  TYR A CE2 1 
ATOM   609  C CZ  . TYR A 1 79  ? 1.447   -0.441  -7.892  1.00 6.69  ? 79  TYR A CZ  1 
ATOM   610  O OH  . TYR A 1 79  ? 0.398   0.133   -8.549  1.00 8.37  ? 79  TYR A OH  1 
ATOM   611  N N   . TYR A 1 80  ? 4.619   -1.340  -2.941  1.00 5.57  ? 80  TYR A N   1 
ATOM   612  C CA  . TYR A 1 80  ? 4.188   -0.475  -1.869  1.00 6.33  ? 80  TYR A CA  1 
ATOM   613  C C   . TYR A 1 80  ? 4.893   0.883   -1.865  1.00 5.78  ? 80  TYR A C   1 
ATOM   614  O O   . TYR A 1 80  ? 6.074   0.969   -2.188  1.00 6.78  ? 80  TYR A O   1 
ATOM   615  C CB  . TYR A 1 80  ? 4.562   -1.119  -0.527  1.00 4.18  ? 80  TYR A CB  1 
ATOM   616  C CG  . TYR A 1 80  ? 3.965   -2.473  -0.207  1.00 5.36  ? 80  TYR A CG  1 
ATOM   617  C CD1 . TYR A 1 80  ? 4.539   -3.640  -0.686  1.00 9.06  ? 80  TYR A CD1 1 
ATOM   618  C CD2 . TYR A 1 80  ? 2.866   -2.585  0.640   1.00 9.33  ? 80  TYR A CD2 1 
ATOM   619  C CE1 . TYR A 1 80  ? 4.041   -4.876  -0.339  1.00 7.87  ? 80  TYR A CE1 1 
ATOM   620  C CE2 . TYR A 1 80  ? 2.354   -3.819  0.990   1.00 9.01  ? 80  TYR A CE2 1 
ATOM   621  C CZ  . TYR A 1 80  ? 2.946   -4.961  0.503   1.00 10.33 ? 80  TYR A CZ  1 
ATOM   622  O OH  . TYR A 1 80  ? 2.421   -6.184  0.847   1.00 11.08 ? 80  TYR A OH  1 
ATOM   623  N N   . VAL A 1 81  ? 4.173   1.910   -1.414  1.00 6.56  ? 81  VAL A N   1 
ATOM   624  C CA  . VAL A 1 81  ? 4.760   3.247   -1.171  1.00 6.07  ? 81  VAL A CA  1 
ATOM   625  C C   . VAL A 1 81  ? 4.202   3.555   0.225   1.00 6.89  ? 81  VAL A C   1 
ATOM   626  O O   . VAL A 1 81  ? 3.053   3.992   0.379   1.00 6.82  ? 81  VAL A O   1 
ATOM   627  C CB  . VAL A 1 81  ? 4.363   4.358   -2.168  1.00 7.28  ? 81  VAL A CB  1 
ATOM   628  C CG1 . VAL A 1 81  ? 4.975   5.683   -1.708  1.00 8.18  ? 81  VAL A CG1 1 
ATOM   629  C CG2 . VAL A 1 81  ? 4.861   4.016   -3.572  1.00 7.23  ? 81  VAL A CG2 1 
ATOM   630  N N   . VAL A 1 82  ? 5.004   3.250   1.235   1.00 6.03  ? 82  VAL A N   1 
ATOM   631  C CA  . VAL A 1 82  ? 4.600   3.421   2.620   1.00 5.54  ? 82  VAL A CA  1 
ATOM   632  C C   . VAL A 1 82  ? 4.836   4.808   3.199   1.00 6.08  ? 82  VAL A C   1 
ATOM   633  O O   . VAL A 1 82  ? 5.977   5.217   3.365   1.00 5.77  ? 82  VAL A O   1 
ATOM   634  C CB  . VAL A 1 82  ? 5.288   2.361   3.512   1.00 4.99  ? 82  VAL A CB  1 
ATOM   635  C CG1 . VAL A 1 82  ? 4.754   2.439   4.958   1.00 6.61  ? 82  VAL A CG1 1 
ATOM   636  C CG2 . VAL A 1 82  ? 5.061   0.961   2.932   1.00 4.41  ? 82  VAL A CG2 1 
ATOM   637  N N   . ASP A 1 83  ? 3.747   5.488   3.574   1.00 8.29  ? 83  ASP A N   1 
ATOM   638  C CA  . ASP A 1 83  ? 3.820   6.821   4.170   1.00 7.76  ? 83  ASP A CA  1 
ATOM   639  C C   . ASP A 1 83  ? 3.812   6.795   5.690   1.00 8.48  ? 83  ASP A C   1 
ATOM   640  O O   . ASP A 1 83  ? 4.396   7.663   6.345   1.00 8.33  ? 83  ASP A O   1 
ATOM   641  C CB  . ASP A 1 83  ? 2.701   7.713   3.632   1.00 6.37  ? 83  ASP A CB  1 
ATOM   642  C CG  . ASP A 1 83  ? 3.134   8.511   2.427   1.00 7.71  ? 83  ASP A CG  1 
ATOM   643  O OD1 . ASP A 1 83  ? 4.333   8.437   2.081   1.00 7.75  ? 83  ASP A OD1 1 
ATOM   644  O OD2 . ASP A 1 83  ? 2.285   9.185   1.815   1.00 5.58  ? 83  ASP A OD2 1 
ATOM   645  N N   . SER A 1 84  ? 3.089   5.846   6.265   1.00 7.38  ? 84  SER A N   1 
ATOM   646  C CA  . SER A 1 84  ? 3.082   5.730   7.709   1.00 7.34  ? 84  SER A CA  1 
ATOM   647  C C   . SER A 1 84  ? 2.903   4.282   8.106   1.00 7.27  ? 84  SER A C   1 
ATOM   648  O O   . SER A 1 84  ? 2.532   3.445   7.277   1.00 7.57  ? 84  SER A O   1 
ATOM   649  C CB  . SER A 1 84  ? 2.009   6.612   8.351   1.00 7.20  ? 84  SER A CB  1 
ATOM   650  O OG  . SER A 1 84  ? 2.224   6.668   9.757   1.00 5.64  ? 84  SER A OG  1 
ATOM   651  N N   . TRP A 1 85  ? 3.179   3.993   9.374   1.00 7.45  ? 85  TRP A N   1 
ATOM   652  C CA  . TRP A 1 85  ? 3.092   2.644   9.895   1.00 9.54  ? 85  TRP A CA  1 
ATOM   653  C C   . TRP A 1 85  ? 2.811   2.716   11.380  1.00 9.47  ? 85  TRP A C   1 
ATOM   654  O O   . TRP A 1 85  ? 2.609   3.811   11.930  1.00 11.68 ? 85  TRP A O   1 
ATOM   655  C CB  . TRP A 1 85  ? 4.402   1.892   9.639   1.00 8.72  ? 85  TRP A CB  1 
ATOM   656  C CG  . TRP A 1 85  ? 5.636   2.587   10.195  1.00 8.34  ? 85  TRP A CG  1 
ATOM   657  C CD1 . TRP A 1 85  ? 6.181   2.420   11.438  1.00 8.84  ? 85  TRP A CD1 1 
ATOM   658  C CD2 . TRP A 1 85  ? 6.467   3.565   9.523   1.00 9.07  ? 85  TRP A CD2 1 
ATOM   659  N NE1 . TRP A 1 85  ? 7.287   3.234   11.584  1.00 10.06 ? 85  TRP A NE1 1 
ATOM   660  C CE2 . TRP A 1 85  ? 7.477   3.946   10.428  1.00 10.20 ? 85  TRP A CE2 1 
ATOM   661  C CE3 . TRP A 1 85  ? 6.442   4.153   8.253   1.00 7.07  ? 85  TRP A CE3 1 
ATOM   662  C CZ2 . TRP A 1 85  ? 8.466   4.887   10.093  1.00 10.77 ? 85  TRP A CZ2 1 
ATOM   663  C CZ3 . TRP A 1 85  ? 7.425   5.089   7.928   1.00 8.77  ? 85  TRP A CZ3 1 
ATOM   664  C CH2 . TRP A 1 85  ? 8.413   5.445   8.845   1.00 8.35  ? 85  TRP A CH2 1 
ATOM   665  N N   . GLY A 1 86  ? 2.726   1.555   12.011  1.00 9.46  ? 86  GLY A N   1 
ATOM   666  C CA  . GLY A 1 86  ? 2.458   1.510   13.424  1.00 8.12  ? 86  GLY A CA  1 
ATOM   667  C C   . GLY A 1 86  ? 3.684   1.184   14.227  1.00 9.65  ? 86  GLY A C   1 
ATOM   668  O O   . GLY A 1 86  ? 4.603   1.997   14.333  1.00 10.95 ? 86  GLY A O   1 
ATOM   669  N N   . THR A 1 87  ? 3.710   -0.001  14.815  1.00 8.10  ? 87  THR A N   1 
ATOM   670  C CA  . THR A 1 87  ? 4.850   -0.395  15.638  1.00 11.12 ? 87  THR A CA  1 
ATOM   671  C C   . THR A 1 87  ? 6.042   -0.958  14.878  1.00 11.81 ? 87  THR A C   1 
ATOM   672  O O   . THR A 1 87  ? 7.128   -1.089  15.440  1.00 12.70 ? 87  THR A O   1 
ATOM   673  C CB  . THR A 1 87  ? 4.421   -1.425  16.704  1.00 11.07 ? 87  THR A CB  1 
ATOM   674  O OG1 . THR A 1 87  ? 3.776   -2.536  16.067  1.00 13.14 ? 87  THR A OG1 1 
ATOM   675  C CG2 . THR A 1 87  ? 3.485   -0.786  17.721  1.00 11.43 ? 87  THR A CG2 1 
ATOM   676  N N   . TYR A 1 88  ? 5.849   -1.252  13.597  1.00 10.43 ? 88  TYR A N   1 
ATOM   677  C CA  . TYR A 1 88  ? 6.911   -1.869  12.800  1.00 10.68 ? 88  TYR A CA  1 
ATOM   678  C C   . TYR A 1 88  ? 7.133   -1.175  11.472  1.00 8.83  ? 88  TYR A C   1 
ATOM   679  O O   . TYR A 1 88  ? 6.194   -1.001  10.721  1.00 8.17  ? 88  TYR A O   1 
ATOM   680  C CB  . TYR A 1 88  ? 6.546   -3.338  12.542  1.00 11.84 ? 88  TYR A CB  1 
ATOM   681  C CG  . TYR A 1 88  ? 7.464   -4.050  11.575  1.00 17.83 ? 88  TYR A CG  1 
ATOM   682  C CD1 . TYR A 1 88  ? 8.791   -4.315  11.907  1.00 19.44 ? 88  TYR A CD1 1 
ATOM   683  C CD2 . TYR A 1 88  ? 7.020   -4.412  10.309  1.00 17.91 ? 88  TYR A CD2 1 
ATOM   684  C CE1 . TYR A 1 88  ? 9.655   -4.920  10.993  1.00 20.77 ? 88  TYR A CE1 1 
ATOM   685  C CE2 . TYR A 1 88  ? 7.868   -5.016  9.397   1.00 21.23 ? 88  TYR A CE2 1 
ATOM   686  C CZ  . TYR A 1 88  ? 9.187   -5.262  9.739   1.00 22.66 ? 88  TYR A CZ  1 
ATOM   687  O OH  . TYR A 1 88  ? 10.037  -5.830  8.805   1.00 25.61 ? 88  TYR A OH  1 
ATOM   688  N N   . ARG A 1 89  ? 8.351   -0.694  11.230  1.00 9.25  ? 89  ARG A N   1 
ATOM   689  C CA  . ARG A 1 89  ? 8.691   -0.058  9.964   1.00 8.72  ? 89  ARG A CA  1 
ATOM   690  C C   . ARG A 1 89  ? 9.189   -1.173  9.028   1.00 9.26  ? 89  ARG A C   1 
ATOM   691  O O   . ARG A 1 89  ? 10.154  -1.874  9.335   1.00 8.10  ? 89  ARG A O   1 
ATOM   692  C CB  . ARG A 1 89  ? 9.794   0.994   10.154  1.00 7.14  ? 89  ARG A CB  1 
ATOM   693  C CG  . ARG A 1 89  ? 10.122  1.750   8.881   1.00 9.31  ? 89  ARG A CG  1 
ATOM   694  C CD  . ARG A 1 89  ? 11.216  2.803   9.040   1.00 6.95  ? 89  ARG A CD  1 
ATOM   695  N NE  . ARG A 1 89  ? 11.464  3.471   7.755   1.00 7.74  ? 89  ARG A NE  1 
ATOM   696  C CZ  . ARG A 1 89  ? 12.465  3.165   6.931   1.00 5.48  ? 89  ARG A CZ  1 
ATOM   697  N NH1 . ARG A 1 89  ? 13.336  2.216   7.263   1.00 5.62  ? 89  ARG A NH1 1 
ATOM   698  N NH2 . ARG A 1 89  ? 12.554  3.752   5.751   1.00 6.88  ? 89  ARG A NH2 1 
ATOM   699  N N   . PRO A 1 90  ? 8.499   -1.392  7.901   1.00 9.64  ? 90  PRO A N   1 
ATOM   700  C CA  . PRO A 1 90  ? 8.920   -2.442  6.978   1.00 10.16 ? 90  PRO A CA  1 
ATOM   701  C C   . PRO A 1 90  ? 10.265  -2.146  6.307   1.00 11.61 ? 90  PRO A C   1 
ATOM   702  O O   . PRO A 1 90  ? 10.536  -1.014  5.894   1.00 14.37 ? 90  PRO A O   1 
ATOM   703  C CB  . PRO A 1 90  ? 7.769   -2.491  5.972   1.00 10.41 ? 90  PRO A CB  1 
ATOM   704  C CG  . PRO A 1 90  ? 7.261   -1.082  5.944   1.00 10.28 ? 90  PRO A CG  1 
ATOM   705  C CD  . PRO A 1 90  ? 7.318   -0.664  7.396   1.00 10.61 ? 90  PRO A CD  1 
ATOM   706  N N   . THR A 1 91  ? 11.134  -3.147  6.263   1.00 11.79 ? 91  THR A N   1 
ATOM   707  C CA  . THR A 1 91  ? 12.436  -2.994  5.615   1.00 13.71 ? 91  THR A CA  1 
ATOM   708  C C   . THR A 1 91  ? 12.739  -4.273  4.846   1.00 14.06 ? 91  THR A C   1 
ATOM   709  O O   . THR A 1 91  ? 12.027  -5.268  4.967   1.00 15.70 ? 91  THR A O   1 
ATOM   710  C CB  . THR A 1 91  ? 13.597  -2.715  6.617   1.00 14.81 ? 91  THR A CB  1 
ATOM   711  O OG1 . THR A 1 91  ? 13.786  -3.848  7.470   1.00 15.91 ? 91  THR A OG1 1 
ATOM   712  C CG2 . THR A 1 91  ? 13.321  -1.463  7.474   1.00 12.73 ? 91  THR A CG2 1 
ATOM   713  N N   . GLY A 1 92  ? 13.764  -4.221  4.010   1.00 13.23 ? 92  GLY A N   1 
ATOM   714  C CA  . GLY A 1 92  ? 14.142  -5.380  3.230   1.00 12.38 ? 92  GLY A CA  1 
ATOM   715  C C   . GLY A 1 92  ? 15.552  -5.133  2.776   1.00 12.10 ? 92  GLY A C   1 
ATOM   716  O O   . GLY A 1 92  ? 16.325  -4.535  3.516   1.00 12.97 ? 92  GLY A O   1 
ATOM   717  N N   . THR A 1 93  ? 15.887  -5.578  1.569   1.00 11.52 ? 93  THR A N   1 
ATOM   718  C CA  . THR A 1 93  ? 17.218  -5.383  1.008   1.00 11.61 ? 93  THR A CA  1 
ATOM   719  C C   . THR A 1 93  ? 17.305  -3.945  0.493   1.00 10.29 ? 93  THR A C   1 
ATOM   720  O O   . THR A 1 93  ? 16.554  -3.557  -0.401  1.00 10.03 ? 93  THR A O   1 
ATOM   721  C CB  . THR A 1 93  ? 17.473  -6.378  -0.146  1.00 12.65 ? 93  THR A CB  1 
ATOM   722  O OG1 . THR A 1 93  ? 17.317  -7.719  0.335   1.00 13.80 ? 93  THR A OG1 1 
ATOM   723  C CG2 . THR A 1 93  ? 18.881  -6.207  -0.717  1.00 17.22 ? 93  THR A CG2 1 
ATOM   724  N N   . TYR A 1 94  ? 18.200  -3.161  1.084   1.00 10.24 ? 94  TYR A N   1 
ATOM   725  C CA  . TYR A 1 94  ? 18.377  -1.747  0.734   1.00 11.26 ? 94  TYR A CA  1 
ATOM   726  C C   . TYR A 1 94  ? 18.929  -1.533  -0.687  1.00 11.41 ? 94  TYR A C   1 
ATOM   727  O O   . TYR A 1 94  ? 19.960  -2.087  -1.045  1.00 11.85 ? 94  TYR A O   1 
ATOM   728  C CB  . TYR A 1 94  ? 19.273  -1.061  1.778   1.00 10.85 ? 94  TYR A CB  1 
ATOM   729  C CG  . TYR A 1 94  ? 19.522  0.404   1.500   1.00 9.57  ? 94  TYR A CG  1 
ATOM   730  C CD1 . TYR A 1 94  ? 18.556  1.356   1.790   1.00 10.26 ? 94  TYR A CD1 1 
ATOM   731  C CD2 . TYR A 1 94  ? 20.720  0.838   0.932   1.00 12.29 ? 94  TYR A CD2 1 
ATOM   732  C CE1 . TYR A 1 94  ? 18.759  2.690   1.525   1.00 10.50 ? 94  TYR A CE1 1 
ATOM   733  C CE2 . TYR A 1 94  ? 20.933  2.185   0.661   1.00 11.66 ? 94  TYR A CE2 1 
ATOM   734  C CZ  . TYR A 1 94  ? 19.946  3.101   0.963   1.00 11.81 ? 94  TYR A CZ  1 
ATOM   735  O OH  . TYR A 1 94  ? 20.135  4.432   0.687   1.00 14.60 ? 94  TYR A OH  1 
ATOM   736  N N   . LYS A 1 95  ? 18.258  -0.685  -1.461  1.00 11.10 ? 95  LYS A N   1 
ATOM   737  C CA  . LYS A 1 95  ? 18.652  -0.396  -2.833  1.00 11.43 ? 95  LYS A CA  1 
ATOM   738  C C   . LYS A 1 95  ? 19.112  1.047   -3.040  1.00 12.70 ? 95  LYS A C   1 
ATOM   739  O O   . LYS A 1 95  ? 19.965  1.320   -3.901  1.00 14.05 ? 95  LYS A O   1 
ATOM   740  C CB  . LYS A 1 95  ? 17.483  -0.694  -3.765  1.00 11.85 ? 95  LYS A CB  1 
ATOM   741  C CG  . LYS A 1 95  ? 17.146  -2.180  -3.912  1.00 17.74 ? 95  LYS A CG  1 
ATOM   742  C CD  . LYS A 1 95  ? 18.107  -2.841  -4.899  1.00 22.59 ? 95  LYS A CD  1 
ATOM   743  C CE  . LYS A 1 95  ? 17.867  -4.324  -5.016  1.00 25.76 ? 95  LYS A CE  1 
ATOM   744  N NZ  . LYS A 1 95  ? 18.223  -5.019  -3.753  1.00 29.91 ? 95  LYS A NZ  1 
ATOM   745  N N   . GLY A 1 96  ? 18.502  1.981   -2.314  1.00 9.70  ? 96  GLY A N   1 
ATOM   746  C CA  . GLY A 1 96  ? 18.867  3.381   -2.456  1.00 10.28 ? 96  GLY A CA  1 
ATOM   747  C C   . GLY A 1 96  ? 17.750  4.226   -1.890  1.00 10.16 ? 96  GLY A C   1 
ATOM   748  O O   . GLY A 1 96  ? 16.932  3.691   -1.127  1.00 9.98  ? 96  GLY A O   1 
ATOM   749  N N   . THR A 1 97  ? 17.671  5.502   -2.270  1.00 10.65 ? 97  THR A N   1 
ATOM   750  C CA  . THR A 1 97  ? 16.596  6.386   -1.784  1.00 9.95  ? 97  THR A CA  1 
ATOM   751  C C   . THR A 1 97  ? 15.997  7.247   -2.897  1.00 10.12 ? 97  THR A C   1 
ATOM   752  O O   . THR A 1 97  ? 16.579  7.373   -3.991  1.00 8.95  ? 97  THR A O   1 
ATOM   753  C CB  . THR A 1 97  ? 17.085  7.367   -0.679  1.00 10.86 ? 97  THR A CB  1 
ATOM   754  O OG1 . THR A 1 97  ? 18.112  8.224   -1.207  1.00 13.53 ? 97  THR A OG1 1 
ATOM   755  C CG2 . THR A 1 97  ? 17.624  6.618   0.530   1.00 13.43 ? 97  THR A CG2 1 
ATOM   756  N N   . VAL A 1 98  ? 14.813  7.802   -2.633  1.00 7.79  ? 98  VAL A N   1 
ATOM   757  C CA  . VAL A 1 98  ? 14.158  8.694   -3.573  1.00 8.52  ? 98  VAL A CA  1 
ATOM   758  C C   . VAL A 1 98  ? 13.447  9.787   -2.807  1.00 8.90  ? 98  VAL A C   1 
ATOM   759  O O   . VAL A 1 98  ? 12.832  9.535   -1.771  1.00 8.39  ? 98  VAL A O   1 
ATOM   760  C CB  . VAL A 1 98  ? 13.159  7.973   -4.515  1.00 9.72  ? 98  VAL A CB  1 
ATOM   761  C CG1 . VAL A 1 98  ? 12.108  7.206   -3.716  1.00 10.42 ? 98  VAL A CG1 1 
ATOM   762  C CG2 . VAL A 1 98  ? 12.461  8.989   -5.425  1.00 7.10  ? 98  VAL A CG2 1 
ATOM   763  N N   . LYS A 1 99  ? 13.601  11.016  -3.276  1.00 8.38  ? 99  LYS A N   1 
ATOM   764  C CA  . LYS A 1 99  ? 12.925  12.135  -2.649  1.00 9.84  ? 99  LYS A CA  1 
ATOM   765  C C   . LYS A 1 99  ? 11.689  12.418  -3.475  1.00 9.23  ? 99  LYS A C   1 
ATOM   766  O O   . LYS A 1 99  ? 11.765  12.521  -4.706  1.00 9.90  ? 99  LYS A O   1 
ATOM   767  C CB  . LYS A 1 99  ? 13.839  13.355  -2.580  1.00 14.43 ? 99  LYS A CB  1 
ATOM   768  C CG  . LYS A 1 99  ? 14.958  13.186  -1.555  1.00 22.54 ? 99  LYS A CG  1 
ATOM   769  C CD  . LYS A 1 99  ? 16.337  13.273  -2.211  1.00 29.36 ? 99  LYS A CD  1 
ATOM   770  C CE  . LYS A 1 99  ? 17.313  12.194  -1.697  1.00 32.14 ? 99  LYS A CE  1 
ATOM   771  N NZ  . LYS A 1 99  ? 17.060  10.830  -2.278  1.00 31.07 ? 99  LYS A NZ  1 
ATOM   772  N N   . SER A 1 100 ? 10.532  12.452  -2.818  1.00 8.89  ? 100 SER A N   1 
ATOM   773  C CA  . SER A 1 100 ? 9.290   12.720  -3.509  1.00 9.68  ? 100 SER A CA  1 
ATOM   774  C C   . SER A 1 100 ? 8.250   13.285  -2.550  1.00 9.38  ? 100 SER A C   1 
ATOM   775  O O   . SER A 1 100 ? 8.147   12.843  -1.407  1.00 9.36  ? 100 SER A O   1 
ATOM   776  C CB  . SER A 1 100 ? 8.753   11.425  -4.137  1.00 8.06  ? 100 SER A CB  1 
ATOM   777  O OG  . SER A 1 100 ? 7.677   11.693  -5.013  1.00 9.46  ? 100 SER A OG  1 
ATOM   778  N N   . ASP A 1 101 ? 7.498   14.277  -3.023  1.00 8.13  ? 101 ASP A N   1 
ATOM   779  C CA  . ASP A 1 101 ? 6.401   14.875  -2.257  1.00 11.41 ? 101 ASP A CA  1 
ATOM   780  C C   . ASP A 1 101 ? 6.785   15.302  -0.862  1.00 12.54 ? 101 ASP A C   1 
ATOM   781  O O   . ASP A 1 101 ? 6.079   15.005  0.097   1.00 13.52 ? 101 ASP A O   1 
ATOM   782  C CB  . ASP A 1 101 ? 5.201   13.911  -2.184  1.00 9.87  ? 101 ASP A CB  1 
ATOM   783  C CG  . ASP A 1 101 ? 4.783   13.403  -3.549  1.00 11.16 ? 101 ASP A CG  1 
ATOM   784  O OD1 . ASP A 1 101 ? 4.088   14.126  -4.282  1.00 9.82  ? 101 ASP A OD1 1 
ATOM   785  O OD2 . ASP A 1 101 ? 5.182   12.273  -3.904  1.00 9.68  ? 101 ASP A OD2 1 
ATOM   786  N N   . GLY A 1 102 ? 7.926   15.979  -0.762  1.00 13.43 ? 102 GLY A N   1 
ATOM   787  C CA  . GLY A 1 102 ? 8.397   16.474  0.517   1.00 12.28 ? 102 GLY A CA  1 
ATOM   788  C C   . GLY A 1 102 ? 9.029   15.468  1.462   1.00 12.13 ? 102 GLY A C   1 
ATOM   789  O O   . GLY A 1 102 ? 9.482   15.855  2.536   1.00 14.99 ? 102 GLY A O   1 
ATOM   790  N N   . GLY A 1 103 ? 9.090   14.195  1.088   1.00 11.45 ? 103 GLY A N   1 
ATOM   791  C CA  . GLY A 1 103 ? 9.702   13.224  1.976   1.00 8.42  ? 103 GLY A CA  1 
ATOM   792  C C   . GLY A 1 103 ? 10.810  12.436  1.318   1.00 8.72  ? 103 GLY A C   1 
ATOM   793  O O   . GLY A 1 103 ? 11.001  12.548  0.104   1.00 8.63  ? 103 GLY A O   1 
ATOM   794  N N   . THR A 1 104 ? 11.598  11.720  2.122   1.00 7.75  ? 104 THR A N   1 
ATOM   795  C CA  . THR A 1 104 ? 12.664  10.880  1.570   1.00 8.65  ? 104 THR A CA  1 
ATOM   796  C C   . THR A 1 104 ? 12.276  9.450   1.890   1.00 7.99  ? 104 THR A C   1 
ATOM   797  O O   . THR A 1 104 ? 11.903  9.147   3.030   1.00 8.54  ? 104 THR A O   1 
ATOM   798  C CB  . THR A 1 104 ? 14.033  11.182  2.169   1.00 9.81  ? 104 THR A CB  1 
ATOM   799  O OG1 . THR A 1 104 ? 14.348  12.558  1.930   1.00 13.64 ? 104 THR A OG1 1 
ATOM   800  C CG2 . THR A 1 104 ? 15.102  10.307  1.521   1.00 10.86 ? 104 THR A CG2 1 
ATOM   801  N N   . TYR A 1 105 ? 12.354  8.588   0.881   1.00 7.29  ? 105 TYR A N   1 
ATOM   802  C CA  . TYR A 1 105 ? 11.981  7.186   1.031   1.00 7.47  ? 105 TYR A CA  1 
ATOM   803  C C   . TYR A 1 105 ? 13.152  6.261   0.773   1.00 8.00  ? 105 TYR A C   1 
ATOM   804  O O   . TYR A 1 105 ? 13.978  6.523   -0.093  1.00 7.95  ? 105 TYR A O   1 
ATOM   805  C CB  . TYR A 1 105 ? 10.892  6.815   0.022   1.00 7.36  ? 105 TYR A CB  1 
ATOM   806  C CG  . TYR A 1 105 ? 9.594   7.581   0.155   1.00 8.66  ? 105 TYR A CG  1 
ATOM   807  C CD1 . TYR A 1 105 ? 9.489   8.900   -0.273  1.00 8.57  ? 105 TYR A CD1 1 
ATOM   808  C CD2 . TYR A 1 105 ? 8.449   6.963   0.667   1.00 8.02  ? 105 TYR A CD2 1 
ATOM   809  C CE1 . TYR A 1 105 ? 8.295   9.583   -0.191  1.00 8.41  ? 105 TYR A CE1 1 
ATOM   810  C CE2 . TYR A 1 105 ? 7.248   7.640   0.744   1.00 6.75  ? 105 TYR A CE2 1 
ATOM   811  C CZ  . TYR A 1 105 ? 7.178   8.951   0.311   1.00 9.79  ? 105 TYR A CZ  1 
ATOM   812  O OH  . TYR A 1 105 ? 5.993   9.652   0.359   1.00 9.71  ? 105 TYR A OH  1 
ATOM   813  N N   . ASP A 1 106 ? 13.243  5.190   1.545   1.00 7.79  ? 106 ASP A N   1 
ATOM   814  C CA  . ASP A 1 106 ? 14.273  4.187   1.306   1.00 8.40  ? 106 ASP A CA  1 
ATOM   815  C C   . ASP A 1 106 ? 13.637  3.195   0.345   1.00 7.44  ? 106 ASP A C   1 
ATOM   816  O O   . ASP A 1 106 ? 12.430  2.939   0.424   1.00 8.68  ? 106 ASP A O   1 
ATOM   817  C CB  . ASP A 1 106 ? 14.637  3.466   2.583   1.00 6.55  ? 106 ASP A CB  1 
ATOM   818  C CG  . ASP A 1 106 ? 15.410  4.327   3.530   1.00 9.24  ? 106 ASP A CG  1 
ATOM   819  O OD1 . ASP A 1 106 ? 16.292  5.078   3.067   1.00 10.26 ? 106 ASP A OD1 1 
ATOM   820  O OD2 . ASP A 1 106 ? 15.127  4.256   4.734   1.00 8.65  ? 106 ASP A OD2 1 
ATOM   821  N N   . ILE A 1 107 ? 14.445  2.618   -0.533  1.00 5.92  ? 107 ILE A N   1 
ATOM   822  C CA  . ILE A 1 107 ? 13.960  1.637   -1.505  1.00 6.23  ? 107 ILE A CA  1 
ATOM   823  C C   . ILE A 1 107 ? 14.432  0.245   -1.082  1.00 6.41  ? 107 ILE A C   1 
ATOM   824  O O   . ILE A 1 107 ? 15.615  0.053   -0.781  1.00 7.69  ? 107 ILE A O   1 
ATOM   825  C CB  . ILE A 1 107 ? 14.453  2.004   -2.928  1.00 7.95  ? 107 ILE A CB  1 
ATOM   826  C CG1 . ILE A 1 107 ? 13.877  3.374   -3.319  1.00 7.73  ? 107 ILE A CG1 1 
ATOM   827  C CG2 . ILE A 1 107 ? 14.055  0.933   -3.950  1.00 4.96  ? 107 ILE A CG2 1 
ATOM   828  C CD1 . ILE A 1 107 ? 14.590  4.019   -4.511  1.00 12.60 ? 107 ILE A CD1 1 
ATOM   829  N N   . TYR A 1 108 ? 13.494  -0.701  -0.998  1.00 6.17  ? 108 TYR A N   1 
ATOM   830  C CA  . TYR A 1 108 ? 13.830  -2.071  -0.600  1.00 6.98  ? 108 TYR A CA  1 
ATOM   831  C C   . TYR A 1 108 ? 13.155  -3.093  -1.503  1.00 6.65  ? 108 TYR A C   1 
ATOM   832  O O   . TYR A 1 108 ? 12.174  -2.780  -2.184  1.00 6.46  ? 108 TYR A O   1 
ATOM   833  C CB  . TYR A 1 108 ? 13.326  -2.394  0.816   1.00 8.38  ? 108 TYR A CB  1 
ATOM   834  C CG  . TYR A 1 108 ? 13.789  -1.498  1.929   1.00 8.83  ? 108 TYR A CG  1 
ATOM   835  C CD1 . TYR A 1 108 ? 15.081  -1.594  2.430   1.00 7.17  ? 108 TYR A CD1 1 
ATOM   836  C CD2 . TYR A 1 108 ? 12.920  -0.569  2.508   1.00 7.20  ? 108 TYR A CD2 1 
ATOM   837  C CE1 . TYR A 1 108 ? 15.498  -0.798  3.474   1.00 9.40  ? 108 TYR A CE1 1 
ATOM   838  C CE2 . TYR A 1 108 ? 13.329  0.241   3.555   1.00 8.73  ? 108 TYR A CE2 1 
ATOM   839  C CZ  . TYR A 1 108 ? 14.623  0.128   4.034   1.00 10.95 ? 108 TYR A CZ  1 
ATOM   840  O OH  . TYR A 1 108 ? 15.073  0.945   5.058   1.00 12.31 ? 108 TYR A OH  1 
ATOM   841  N N   . THR A 1 109 ? 13.692  -4.306  -1.506  1.00 6.14  ? 109 THR A N   1 
ATOM   842  C CA  . THR A 1 109 ? 13.082  -5.428  -2.218  1.00 8.51  ? 109 THR A CA  1 
ATOM   843  C C   . THR A 1 109 ? 13.045  -6.562  -1.215  1.00 7.91  ? 109 THR A C   1 
ATOM   844  O O   . THR A 1 109 ? 13.919  -6.656  -0.334  1.00 8.15  ? 109 THR A O   1 
ATOM   845  C CB  . THR A 1 109 ? 13.889  -5.952  -3.467  1.00 10.91 ? 109 THR A CB  1 
ATOM   846  O OG1 . THR A 1 109 ? 15.224  -6.303  -3.090  1.00 11.64 ? 109 THR A OG1 1 
ATOM   847  C CG2 . THR A 1 109 ? 13.894  -4.940  -4.583  1.00 12.63 ? 109 THR A CG2 1 
ATOM   848  N N   . THR A 1 110 ? 11.983  -7.349  -1.271  1.00 9.98  ? 110 THR A N   1 
ATOM   849  C CA  . THR A 1 110 ? 11.838  -8.523  -0.420  1.00 10.98 ? 110 THR A CA  1 
ATOM   850  C C   . THR A 1 110 ? 11.193  -9.554  -1.348  1.00 11.20 ? 110 THR A C   1 
ATOM   851  O O   . THR A 1 110 ? 10.791  -9.215  -2.470  1.00 12.48 ? 110 THR A O   1 
ATOM   852  C CB  . THR A 1 110 ? 10.874  -8.293  0.792   1.00 10.85 ? 110 THR A CB  1 
ATOM   853  O OG1 . THR A 1 110 ? 9.627   -7.754  0.334   1.00 9.74  ? 110 THR A OG1 1 
ATOM   854  C CG2 . THR A 1 110 ? 11.500  -7.374  1.845   1.00 12.30 ? 110 THR A CG2 1 
ATOM   855  N N   . THR A 1 111 ? 11.064  -10.788 -0.877  1.00 11.41 ? 111 THR A N   1 
ATOM   856  C CA  . THR A 1 111 ? 10.433  -11.850 -1.657  1.00 12.31 ? 111 THR A CA  1 
ATOM   857  C C   . THR A 1 111 ? 9.473   -12.581 -0.718  1.00 11.85 ? 111 THR A C   1 
ATOM   858  O O   . THR A 1 111 ? 9.730   -12.687 0.484   1.00 10.93 ? 111 THR A O   1 
ATOM   859  C CB  . THR A 1 111 ? 11.479  -12.838 -2.213  1.00 14.16 ? 111 THR A CB  1 
ATOM   860  O OG1 . THR A 1 111 ? 12.408  -12.131 -3.044  1.00 15.88 ? 111 THR A OG1 1 
ATOM   861  C CG2 . THR A 1 111 ? 10.811  -13.939 -3.042  1.00 12.62 ? 111 THR A CG2 1 
ATOM   862  N N   . ARG A 1 112 ? 8.340   -13.007 -1.262  1.00 11.56 ? 112 ARG A N   1 
ATOM   863  C CA  . ARG A 1 112 ? 7.335   -13.747 -0.508  1.00 12.95 ? 112 ARG A CA  1 
ATOM   864  C C   . ARG A 1 112 ? 7.355   -15.162 -1.064  1.00 11.72 ? 112 ARG A C   1 
ATOM   865  O O   . ARG A 1 112 ? 7.390   -15.363 -2.287  1.00 10.75 ? 112 ARG A O   1 
ATOM   866  C CB  . ARG A 1 112 ? 5.953   -13.117 -0.696  1.00 15.32 ? 112 ARG A CB  1 
ATOM   867  C CG  . ARG A 1 112 ? 5.721   -11.876 0.150   1.00 17.63 ? 112 ARG A CG  1 
ATOM   868  C CD  . ARG A 1 112 ? 5.274   -12.213 1.560   1.00 21.66 ? 112 ARG A CD  1 
ATOM   869  N NE  . ARG A 1 112 ? 3.819   -12.379 1.632   1.00 24.58 ? 112 ARG A NE  1 
ATOM   870  C CZ  . ARG A 1 112 ? 3.178   -13.218 2.451   1.00 25.99 ? 112 ARG A CZ  1 
ATOM   871  N NH1 . ARG A 1 112 ? 3.853   -13.999 3.296   1.00 26.33 ? 112 ARG A NH1 1 
ATOM   872  N NH2 . ARG A 1 112 ? 1.855   -13.329 2.381   1.00 24.81 ? 112 ARG A NH2 1 
ATOM   873  N N   . TYR A 1 113 ? 7.298   -16.135 -0.168  1.00 12.09 ? 113 TYR A N   1 
ATOM   874  C CA  . TYR A 1 113 ? 7.342   -17.539 -0.544  1.00 14.45 ? 113 TYR A CA  1 
ATOM   875  C C   . TYR A 1 113 ? 6.066   -18.273 -0.149  1.00 15.25 ? 113 TYR A C   1 
ATOM   876  O O   . TYR A 1 113 ? 5.660   -18.239 1.023   1.00 16.87 ? 113 TYR A O   1 
ATOM   877  C CB  . TYR A 1 113 ? 8.548   -18.211 0.123   1.00 15.00 ? 113 TYR A CB  1 
ATOM   878  C CG  . TYR A 1 113 ? 9.859   -17.524 -0.198  1.00 16.17 ? 113 TYR A CG  1 
ATOM   879  C CD1 . TYR A 1 113 ? 10.336  -16.490 0.602   1.00 14.43 ? 113 TYR A CD1 1 
ATOM   880  C CD2 . TYR A 1 113 ? 10.614  -17.913 -1.300  1.00 15.93 ? 113 TYR A CD2 1 
ATOM   881  C CE1 . TYR A 1 113 ? 11.540  -15.853 0.297   1.00 16.14 ? 113 TYR A CE1 1 
ATOM   882  C CE2 . TYR A 1 113 ? 11.800  -17.287 -1.607  1.00 15.90 ? 113 TYR A CE2 1 
ATOM   883  C CZ  . TYR A 1 113 ? 12.266  -16.267 -0.810  1.00 14.20 ? 113 TYR A CZ  1 
ATOM   884  O OH  . TYR A 1 113 ? 13.461  -15.664 -1.138  1.00 16.36 ? 113 TYR A OH  1 
ATOM   885  N N   . ASN A 1 114 ? 5.487   -18.984 -1.113  1.00 14.24 ? 114 ASN A N   1 
ATOM   886  C CA  . ASN A 1 114 ? 4.267   -19.759 -0.913  1.00 13.97 ? 114 ASN A CA  1 
ATOM   887  C C   . ASN A 1 114 ? 3.240   -18.898 -0.195  1.00 13.70 ? 114 ASN A C   1 
ATOM   888  O O   . ASN A 1 114 ? 2.674   -19.296 0.831   1.00 15.23 ? 114 ASN A O   1 
ATOM   889  C CB  . ASN A 1 114 ? 4.563   -21.013 -0.091  1.00 16.05 ? 114 ASN A CB  1 
ATOM   890  C CG  . ASN A 1 114 ? 3.464   -22.044 -0.213  1.00 18.76 ? 114 ASN A CG  1 
ATOM   891  O OD1 . ASN A 1 114 ? 3.001   -22.334 -1.320  1.00 22.38 ? 114 ASN A OD1 1 
ATOM   892  N ND2 . ASN A 1 114 ? 3.021   -22.582 0.910   1.00 19.55 ? 114 ASN A ND2 1 
ATOM   893  N N   . ALA A 1 115 ? 2.945   -17.752 -0.794  1.00 11.12 ? 115 ALA A N   1 
ATOM   894  C CA  . ALA A 1 115 ? 2.019   -16.803 -0.219  1.00 10.84 ? 115 ALA A CA  1 
ATOM   895  C C   . ALA A 1 115 ? 0.888   -16.505 -1.198  1.00 9.56  ? 115 ALA A C   1 
ATOM   896  O O   . ALA A 1 115 ? 1.053   -16.637 -2.414  1.00 9.35  ? 115 ALA A O   1 
ATOM   897  C CB  . ALA A 1 115 ? 2.784   -15.505 0.112   1.00 10.32 ? 115 ALA A CB  1 
ATOM   898  N N   . PRO A 1 116 ? -0.272  -16.083 -0.685  1.00 9.88  ? 116 PRO A N   1 
ATOM   899  C CA  . PRO A 1 116 ? -1.437  -15.752 -1.507  1.00 11.69 ? 116 PRO A CA  1 
ATOM   900  C C   . PRO A 1 116 ? -1.132  -14.574 -2.446  1.00 12.50 ? 116 PRO A C   1 
ATOM   901  O O   . PRO A 1 116 ? -0.413  -13.645 -2.070  1.00 11.55 ? 116 PRO A O   1 
ATOM   902  C CB  . PRO A 1 116 ? -2.481  -15.336 -0.468  1.00 13.34 ? 116 PRO A CB  1 
ATOM   903  C CG  . PRO A 1 116 ? -2.082  -16.082 0.750   1.00 14.62 ? 116 PRO A CG  1 
ATOM   904  C CD  . PRO A 1 116 ? -0.588  -15.955 0.748   1.00 12.66 ? 116 PRO A CD  1 
ATOM   905  N N   . SER A 1 117 ? -1.702  -14.590 -3.645  1.00 13.68 ? 117 SER A N   1 
ATOM   906  C CA  . SER A 1 117 ? -1.483  -13.498 -4.589  1.00 15.86 ? 117 SER A CA  1 
ATOM   907  C C   . SER A 1 117 ? -2.804  -13.159 -5.245  1.00 16.36 ? 117 SER A C   1 
ATOM   908  O O   . SER A 1 117 ? -3.813  -13.816 -4.983  1.00 15.14 ? 117 SER A O   1 
ATOM   909  C CB  . SER A 1 117 ? -0.464  -13.900 -5.662  1.00 16.23 ? 117 SER A CB  1 
ATOM   910  O OG  . SER A 1 117 ? -1.068  -14.735 -6.630  1.00 15.29 ? 117 SER A OG  1 
ATOM   911  N N   . ILE A 1 118 ? -2.791  -12.180 -6.144  1.00 16.03 ? 118 ILE A N   1 
ATOM   912  C CA  . ILE A 1 118 ? -4.012  -11.780 -6.837  1.00 18.49 ? 118 ILE A CA  1 
ATOM   913  C C   . ILE A 1 118 ? -4.577  -12.904 -7.691  1.00 19.86 ? 118 ILE A C   1 
ATOM   914  O O   . ILE A 1 118 ? -5.764  -12.915 -7.981  1.00 23.21 ? 118 ILE A O   1 
ATOM   915  C CB  . ILE A 1 118 ? -3.796  -10.575 -7.761  1.00 17.94 ? 118 ILE A CB  1 
ATOM   916  C CG1 . ILE A 1 118 ? -2.484  -10.716 -8.535  1.00 17.15 ? 118 ILE A CG1 1 
ATOM   917  C CG2 . ILE A 1 118 ? -3.909  -9.287  -6.989  1.00 21.19 ? 118 ILE A CG2 1 
ATOM   918  C CD1 . ILE A 1 118 ? -2.314  -9.657  -9.608  1.00 19.82 ? 118 ILE A CD1 1 
ATOM   919  N N   . ASP A 1 119 ? -3.720  -13.817 -8.131  1.00 21.43 ? 119 ASP A N   1 
ATOM   920  C CA  . ASP A 1 119 ? -4.159  -14.940 -8.962  1.00 23.90 ? 119 ASP A CA  1 
ATOM   921  C C   . ASP A 1 119 ? -4.876  -16.026 -8.184  1.00 23.87 ? 119 ASP A C   1 
ATOM   922  O O   . ASP A 1 119 ? -5.428  -16.949 -8.782  1.00 26.18 ? 119 ASP A O   1 
ATOM   923  C CB  . ASP A 1 119 ? -2.961  -15.578 -9.662  1.00 24.73 ? 119 ASP A CB  1 
ATOM   924  C CG  . ASP A 1 119 ? -2.491  -14.782 -10.849 1.00 26.38 ? 119 ASP A CG  1 
ATOM   925  O OD1 . ASP A 1 119 ? -3.342  -14.161 -11.518 1.00 24.99 ? 119 ASP A OD1 1 
ATOM   926  O OD2 . ASP A 1 119 ? -1.268  -14.793 -11.120 1.00 28.15 ? 119 ASP A OD2 1 
ATOM   927  N N   . GLY A 1 120 ? -4.888  -15.899 -6.863  1.00 21.98 ? 120 GLY A N   1 
ATOM   928  C CA  . GLY A 1 120 ? -5.492  -16.916 -6.016  1.00 20.62 ? 120 GLY A CA  1 
ATOM   929  C C   . GLY A 1 120 ? -4.412  -17.947 -5.725  1.00 20.39 ? 120 GLY A C   1 
ATOM   930  O O   . GLY A 1 120 ? -3.306  -17.867 -6.279  1.00 21.31 ? 120 GLY A O   1 
ATOM   931  N N   . ASP A 1 121 ? -4.714  -18.920 -4.873  1.00 18.89 ? 121 ASP A N   1 
ATOM   932  C CA  . ASP A 1 121 ? -3.751  -19.962 -4.528  1.00 17.70 ? 121 ASP A CA  1 
ATOM   933  C C   . ASP A 1 121 ? -2.466  -19.399 -3.891  1.00 17.97 ? 121 ASP A C   1 
ATOM   934  O O   . ASP A 1 121 ? -2.515  -18.323 -3.286  1.00 20.58 ? 121 ASP A O   1 
ATOM   935  C CB  . ASP A 1 121 ? -3.496  -20.854 -5.752  1.00 16.23 ? 121 ASP A CB  1 
ATOM   936  C CG  . ASP A 1 121 ? -4.735  -21.668 -6.138  1.00 16.63 ? 121 ASP A CG  1 
ATOM   937  O OD1 . ASP A 1 121 ? -5.486  -22.076 -5.224  1.00 15.17 ? 121 ASP A OD1 1 
ATOM   938  O OD2 . ASP A 1 121 ? -4.989  -21.878 -7.344  1.00 16.75 ? 121 ASP A OD2 1 
ATOM   939  N N   . ARG A 1 122 ? -1.355  -20.135 -3.940  1.00 14.76 ? 122 ARG A N   1 
ATOM   940  C CA  . ARG A 1 122 ? -0.109  -19.662 -3.328  1.00 13.62 ? 122 ARG A CA  1 
ATOM   941  C C   . ARG A 1 122 ? 1.027   -19.676 -4.339  1.00 13.91 ? 122 ARG A C   1 
ATOM   942  O O   . ARG A 1 122 ? 1.100   -20.572 -5.184  1.00 12.81 ? 122 ARG A O   1 
ATOM   943  C CB  . ARG A 1 122 ? 0.335   -20.568 -2.169  1.00 16.58 ? 122 ARG A CB  1 
ATOM   944  C CG  . ARG A 1 122 ? -0.727  -21.001 -1.185  1.00 24.30 ? 122 ARG A CG  1 
ATOM   945  C CD  . ARG A 1 122 ? -1.034  -19.930 -0.171  1.00 30.62 ? 122 ARG A CD  1 
ATOM   946  N NE  . ARG A 1 122 ? -0.168  -19.974 1.007   1.00 37.24 ? 122 ARG A NE  1 
ATOM   947  C CZ  . ARG A 1 122 ? -0.378  -20.735 2.079   1.00 40.54 ? 122 ARG A CZ  1 
ATOM   948  N NH1 . ARG A 1 122 ? -1.430  -21.546 2.139   1.00 43.62 ? 122 ARG A NH1 1 
ATOM   949  N NH2 . ARG A 1 122 ? 0.437   -20.650 3.119   1.00 42.76 ? 122 ARG A NH2 1 
ATOM   950  N N   . THR A 1 123 ? 1.950   -18.731 -4.213  1.00 9.94  ? 123 THR A N   1 
ATOM   951  C CA  . THR A 1 123 ? 3.101   -18.689 -5.102  1.00 11.87 ? 123 THR A CA  1 
ATOM   952  C C   . THR A 1 123 ? 4.210   -17.819 -4.528  1.00 11.23 ? 123 THR A C   1 
ATOM   953  O O   . THR A 1 123 ? 4.097   -17.322 -3.402  1.00 10.56 ? 123 THR A O   1 
ATOM   954  C CB  . THR A 1 123 ? 2.723   -18.250 -6.535  1.00 11.58 ? 123 THR A CB  1 
ATOM   955  O OG1 . THR A 1 123 ? 3.809   -18.562 -7.414  1.00 13.24 ? 123 THR A OG1 1 
ATOM   956  C CG2 . THR A 1 123 ? 2.409   -16.752 -6.600  1.00 10.43 ? 123 THR A CG2 1 
ATOM   957  N N   . THR A 1 124 ? 5.333   -17.758 -5.234  1.00 10.93 ? 124 THR A N   1 
ATOM   958  C CA  . THR A 1 124 ? 6.486   -16.969 -4.813  1.00 11.41 ? 124 THR A CA  1 
ATOM   959  C C   . THR A 1 124 ? 6.560   -15.716 -5.691  1.00 11.50 ? 124 THR A C   1 
ATOM   960  O O   . THR A 1 124 ? 6.505   -15.816 -6.910  1.00 11.81 ? 124 THR A O   1 
ATOM   961  C CB  . THR A 1 124 ? 7.795   -17.789 -4.947  1.00 13.08 ? 124 THR A CB  1 
ATOM   962  O OG1 . THR A 1 124 ? 7.756   -18.901 -4.037  1.00 16.01 ? 124 THR A OG1 1 
ATOM   963  C CG2 . THR A 1 124 ? 9.013   -16.928 -4.652  1.00 14.72 ? 124 THR A CG2 1 
ATOM   964  N N   . PHE A 1 125 ? 6.633   -14.542 -5.071  1.00 11.61 ? 125 PHE A N   1 
ATOM   965  C CA  . PHE A 1 125 ? 6.706   -13.298 -5.838  1.00 9.74  ? 125 PHE A CA  1 
ATOM   966  C C   . PHE A 1 125 ? 7.589   -12.255 -5.180  1.00 9.48  ? 125 PHE A C   1 
ATOM   967  O O   . PHE A 1 125 ? 7.854   -12.321 -3.981  1.00 7.46  ? 125 PHE A O   1 
ATOM   968  C CB  . PHE A 1 125 ? 5.307   -12.723 -6.086  1.00 9.19  ? 125 PHE A CB  1 
ATOM   969  C CG  . PHE A 1 125 ? 4.490   -12.525 -4.835  1.00 10.72 ? 125 PHE A CG  1 
ATOM   970  C CD1 . PHE A 1 125 ? 3.687   -13.552 -4.351  1.00 9.89  ? 125 PHE A CD1 1 
ATOM   971  C CD2 . PHE A 1 125 ? 4.489   -11.304 -4.159  1.00 8.13  ? 125 PHE A CD2 1 
ATOM   972  C CE1 . PHE A 1 125 ? 2.896   -13.375 -3.230  1.00 10.10 ? 125 PHE A CE1 1 
ATOM   973  C CE2 . PHE A 1 125 ? 3.696   -11.125 -3.031  1.00 10.40 ? 125 PHE A CE2 1 
ATOM   974  C CZ  . PHE A 1 125 ? 2.896   -12.158 -2.566  1.00 10.56 ? 125 PHE A CZ  1 
ATOM   975  N N   . THR A 1 126 ? 8.049   -11.299 -5.980  1.00 8.04  ? 126 THR A N   1 
ATOM   976  C CA  . THR A 1 126 ? 8.896   -10.219 -5.493  1.00 9.88  ? 126 THR A CA  1 
ATOM   977  C C   . THR A 1 126 ? 8.054   -9.021  -5.052  1.00 8.03  ? 126 THR A C   1 
ATOM   978  O O   . THR A 1 126 ? 6.982   -8.773  -5.614  1.00 7.46  ? 126 THR A O   1 
ATOM   979  C CB  . THR A 1 126 ? 9.834   -9.731  -6.593  1.00 12.79 ? 126 THR A CB  1 
ATOM   980  O OG1 . THR A 1 126 ? 10.516  -10.850 -7.165  1.00 17.01 ? 126 THR A OG1 1 
ATOM   981  C CG2 . THR A 1 126 ? 10.857  -8.771  -6.016  1.00 16.97 ? 126 THR A CG2 1 
ATOM   982  N N   . GLN A 1 127 ? 8.539   -8.302  -4.041  1.00 8.34  ? 127 GLN A N   1 
ATOM   983  C CA  . GLN A 1 127 ? 7.857   -7.099  -3.551  1.00 7.62  ? 127 GLN A CA  1 
ATOM   984  C C   . GLN A 1 127 ? 8.809   -5.903  -3.687  1.00 6.80  ? 127 GLN A C   1 
ATOM   985  O O   . GLN A 1 127 ? 9.996   -6.019  -3.383  1.00 8.38  ? 127 GLN A O   1 
ATOM   986  C CB  . GLN A 1 127 ? 7.465   -7.247  -2.080  1.00 7.73  ? 127 GLN A CB  1 
ATOM   987  C CG  . GLN A 1 127 ? 6.606   -8.477  -1.731  1.00 7.13  ? 127 GLN A CG  1 
ATOM   988  C CD  . GLN A 1 127 ? 6.439   -8.642  -0.233  1.00 8.71  ? 127 GLN A CD  1 
ATOM   989  O OE1 . GLN A 1 127 ? 7.369   -9.013  0.473   1.00 9.77  ? 127 GLN A OE1 1 
ATOM   990  N NE2 . GLN A 1 127 ? 5.259   -8.324  0.265   1.00 11.64 ? 127 GLN A NE2 1 
ATOM   991  N N   . TYR A 1 128 ? 8.295   -4.785  -4.186  1.00 6.29  ? 128 TYR A N   1 
ATOM   992  C CA  . TYR A 1 128 ? 9.073   -3.550  -4.330  1.00 4.45  ? 128 TYR A CA  1 
ATOM   993  C C   . TYR A 1 128 ? 8.532   -2.607  -3.272  1.00 5.36  ? 128 TYR A C   1 
ATOM   994  O O   . TYR A 1 128 ? 7.309   -2.475  -3.125  1.00 6.00  ? 128 TYR A O   1 
ATOM   995  C CB  . TYR A 1 128 ? 8.820   -2.904  -5.686  1.00 7.15  ? 128 TYR A CB  1 
ATOM   996  C CG  . TYR A 1 128 ? 9.426   -3.622  -6.868  1.00 7.91  ? 128 TYR A CG  1 
ATOM   997  C CD1 . TYR A 1 128 ? 10.297  -4.686  -6.688  1.00 9.04  ? 128 TYR A CD1 1 
ATOM   998  C CD2 . TYR A 1 128 ? 9.148   -3.214  -8.166  1.00 10.38 ? 128 TYR A CD2 1 
ATOM   999  C CE1 . TYR A 1 128 ? 10.863  -5.325  -7.756  1.00 10.57 ? 128 TYR A CE1 1 
ATOM   1000 C CE2 . TYR A 1 128 ? 9.724   -3.853  -9.257  1.00 8.70  ? 128 TYR A CE2 1 
ATOM   1001 C CZ  . TYR A 1 128 ? 10.575  -4.907  -9.042  1.00 8.31  ? 128 TYR A CZ  1 
ATOM   1002 O OH  . TYR A 1 128 ? 11.136  -5.582  -10.124 1.00 8.86  ? 128 TYR A OH  1 
ATOM   1003 N N   . TRP A 1 129 ? 9.418   -1.889  -2.595  1.00 5.61  ? 129 TRP A N   1 
ATOM   1004 C CA  . TRP A 1 129 ? 8.982   -0.966  -1.537  1.00 5.81  ? 129 TRP A CA  1 
ATOM   1005 C C   . TRP A 1 129 ? 9.670   0.374   -1.598  1.00 6.39  ? 129 TRP A C   1 
ATOM   1006 O O   . TRP A 1 129 ? 10.828  0.444   -1.964  1.00 4.70  ? 129 TRP A O   1 
ATOM   1007 C CB  . TRP A 1 129 ? 9.364   -1.485  -0.147  1.00 5.44  ? 129 TRP A CB  1 
ATOM   1008 C CG  . TRP A 1 129 ? 8.902   -2.851  0.235   1.00 5.65  ? 129 TRP A CG  1 
ATOM   1009 C CD1 . TRP A 1 129 ? 9.428   -4.047  -0.170  1.00 4.40  ? 129 TRP A CD1 1 
ATOM   1010 C CD2 . TRP A 1 129 ? 7.833   -3.167  1.136   1.00 6.04  ? 129 TRP A CD2 1 
ATOM   1011 N NE1 . TRP A 1 129 ? 8.746   -5.085  0.429   1.00 8.28  ? 129 TRP A NE1 1 
ATOM   1012 C CE2 . TRP A 1 129 ? 7.759   -4.567  1.234   1.00 6.28  ? 129 TRP A CE2 1 
ATOM   1013 C CE3 . TRP A 1 129 ? 6.928   -2.390  1.874   1.00 7.35  ? 129 TRP A CE3 1 
ATOM   1014 C CZ2 . TRP A 1 129 ? 6.814   -5.217  2.040   1.00 7.17  ? 129 TRP A CZ2 1 
ATOM   1015 C CZ3 . TRP A 1 129 ? 5.997   -3.032  2.670   1.00 5.68  ? 129 TRP A CZ3 1 
ATOM   1016 C CH2 . TRP A 1 129 ? 5.946   -4.431  2.742   1.00 6.68  ? 129 TRP A CH2 1 
ATOM   1017 N N   . SER A 1 130 ? 8.925   1.428   -1.273  1.00 5.55  ? 130 SER A N   1 
ATOM   1018 C CA  . SER A 1 130 ? 9.486   2.758   -1.081  1.00 4.45  ? 130 SER A CA  1 
ATOM   1019 C C   . SER A 1 130 ? 8.898   2.981   0.304   1.00 5.63  ? 130 SER A C   1 
ATOM   1020 O O   . SER A 1 130 ? 7.674   2.918   0.447   1.00 5.41  ? 130 SER A O   1 
ATOM   1021 C CB  . SER A 1 130 ? 8.911   3.792   -2.037  1.00 7.15  ? 130 SER A CB  1 
ATOM   1022 O OG  . SER A 1 130 ? 9.714   3.924   -3.196  1.00 7.69  ? 130 SER A OG  1 
ATOM   1023 N N   . VAL A 1 131 ? 9.745   3.139   1.322   1.00 5.22  ? 131 VAL A N   1 
ATOM   1024 C CA  . VAL A 1 131 ? 9.282   3.347   2.696   1.00 6.46  ? 131 VAL A CA  1 
ATOM   1025 C C   . VAL A 1 131 ? 9.797   4.688   3.212   1.00 8.01  ? 131 VAL A C   1 
ATOM   1026 O O   . VAL A 1 131 ? 10.995  4.947   3.198   1.00 6.14  ? 131 VAL A O   1 
ATOM   1027 C CB  . VAL A 1 131 ? 9.752   2.204   3.623   1.00 7.84  ? 131 VAL A CB  1 
ATOM   1028 C CG1 . VAL A 1 131 ? 9.162   2.375   5.016   1.00 6.42  ? 131 VAL A CG1 1 
ATOM   1029 C CG2 . VAL A 1 131 ? 9.361   0.836   3.044   1.00 8.04  ? 131 VAL A CG2 1 
ATOM   1030 N N   . ARG A 1 132 ? 8.892   5.566   3.643   1.00 7.93  ? 132 ARG A N   1 
ATOM   1031 C CA  . ARG A 1 132 ? 9.316   6.873   4.143   1.00 7.38  ? 132 ARG A CA  1 
ATOM   1032 C C   . ARG A 1 132 ? 10.286  6.710   5.313   1.00 6.69  ? 132 ARG A C   1 
ATOM   1033 O O   . ARG A 1 132 ? 10.137  5.817   6.146   1.00 6.18  ? 132 ARG A O   1 
ATOM   1034 C CB  . ARG A 1 132 ? 8.107   7.716   4.544   1.00 8.13  ? 132 ARG A CB  1 
ATOM   1035 C CG  . ARG A 1 132 ? 8.297   9.221   4.307   1.00 11.42 ? 132 ARG A CG  1 
ATOM   1036 C CD  . ARG A 1 132 ? 6.978   9.919   4.508   1.00 11.28 ? 132 ARG A CD  1 
ATOM   1037 N NE  . ARG A 1 132 ? 7.028   11.346  4.206   1.00 10.56 ? 132 ARG A NE  1 
ATOM   1038 C CZ  . ARG A 1 132 ? 7.389   12.282  5.075   1.00 11.32 ? 132 ARG A CZ  1 
ATOM   1039 N NH1 . ARG A 1 132 ? 7.753   11.951  6.307   1.00 11.06 ? 132 ARG A NH1 1 
ATOM   1040 N NH2 . ARG A 1 132 ? 7.303   13.560  4.732   1.00 15.47 ? 132 ARG A NH2 1 
ATOM   1041 N N   . GLN A 1 133 ? 11.298  7.573   5.384   1.00 7.39  ? 133 GLN A N   1 
ATOM   1042 C CA  . GLN A 1 133 ? 12.266  7.461   6.466   1.00 7.34  ? 133 GLN A CA  1 
ATOM   1043 C C   . GLN A 1 133 ? 11.685  7.809   7.830   1.00 8.30  ? 133 GLN A C   1 
ATOM   1044 O O   . GLN A 1 133 ? 12.127  7.272   8.843   1.00 7.61  ? 133 GLN A O   1 
ATOM   1045 C CB  . GLN A 1 133 ? 13.522  8.262   6.154   1.00 9.16  ? 133 GLN A CB  1 
ATOM   1046 C CG  . GLN A 1 133 ? 14.309  7.684   4.970   1.00 6.27  ? 133 GLN A CG  1 
ATOM   1047 C CD  . GLN A 1 133 ? 15.613  8.423   4.695   1.00 10.31 ? 133 GLN A CD  1 
ATOM   1048 O OE1 . GLN A 1 133 ? 16.518  7.895   4.045   1.00 12.54 ? 133 GLN A OE1 1 
ATOM   1049 N NE2 . GLN A 1 133 ? 15.720  9.630   5.197   1.00 6.13  ? 133 GLN A NE2 1 
ATOM   1050 N N   . SER A 1 134 ? 10.706  8.717   7.830   1.00 9.53  ? 134 SER A N   1 
ATOM   1051 C CA  . SER A 1 134 ? 9.979   9.165   9.029   1.00 12.09 ? 134 SER A CA  1 
ATOM   1052 C C   . SER A 1 134 ? 8.501   9.118   8.676   1.00 9.92  ? 134 SER A C   1 
ATOM   1053 O O   . SER A 1 134 ? 8.144   9.347   7.521   1.00 12.12 ? 134 SER A O   1 
ATOM   1054 C CB  . SER A 1 134 ? 10.319  10.620  9.354   1.00 12.30 ? 134 SER A CB  1 
ATOM   1055 O OG  . SER A 1 134 ? 11.686  10.758  9.631   1.00 22.11 ? 134 SER A OG  1 
ATOM   1056 N N   . LYS A 1 135 ? 7.628   8.869   9.645   1.00 9.28  ? 135 LYS A N   1 
ATOM   1057 C CA  . LYS A 1 135 ? 6.199   8.820   9.348   1.00 8.75  ? 135 LYS A CA  1 
ATOM   1058 C C   . LYS A 1 135 ? 5.702   10.162  8.856   1.00 8.36  ? 135 LYS A C   1 
ATOM   1059 O O   . LYS A 1 135 ? 6.062   11.215  9.401   1.00 8.68  ? 135 LYS A O   1 
ATOM   1060 C CB  . LYS A 1 135 ? 5.386   8.426   10.585  1.00 8.56  ? 135 LYS A CB  1 
ATOM   1061 C CG  . LYS A 1 135 ? 5.691   7.046   11.111  1.00 8.72  ? 135 LYS A CG  1 
ATOM   1062 C CD  . LYS A 1 135 ? 4.864   6.744   12.320  1.00 11.09 ? 135 LYS A CD  1 
ATOM   1063 C CE  . LYS A 1 135 ? 5.283   5.463   12.968  1.00 11.66 ? 135 LYS A CE  1 
ATOM   1064 N NZ  . LYS A 1 135 ? 4.307   5.095   14.049  1.00 14.43 ? 135 LYS A NZ  1 
ATOM   1065 N N   . ARG A 1 136 ? 4.902   10.131  7.797   1.00 8.12  ? 136 ARG A N   1 
ATOM   1066 C CA  . ARG A 1 136 ? 4.314   11.343  7.249   1.00 9.44  ? 136 ARG A CA  1 
ATOM   1067 C C   . ARG A 1 136 ? 3.144   11.704  8.156   1.00 9.83  ? 136 ARG A C   1 
ATOM   1068 O O   . ARG A 1 136 ? 2.348   10.836  8.514   1.00 11.26 ? 136 ARG A O   1 
ATOM   1069 C CB  . ARG A 1 136 ? 3.795   11.091  5.839   1.00 9.25  ? 136 ARG A CB  1 
ATOM   1070 C CG  . ARG A 1 136 ? 3.389   12.328  5.067   1.00 7.66  ? 136 ARG A CG  1 
ATOM   1071 C CD  . ARG A 1 136 ? 3.069   11.946  3.633   1.00 9.58  ? 136 ARG A CD  1 
ATOM   1072 N NE  . ARG A 1 136 ? 2.893   13.097  2.741   1.00 8.35  ? 136 ARG A NE  1 
ATOM   1073 C CZ  . ARG A 1 136 ? 2.812   13.009  1.414   1.00 7.16  ? 136 ARG A CZ  1 
ATOM   1074 N NH1 . ARG A 1 136 ? 2.872   11.821  0.810   1.00 8.48  ? 136 ARG A NH1 1 
ATOM   1075 N NH2 . ARG A 1 136 ? 2.766   14.109  0.688   1.00 7.89  ? 136 ARG A NH2 1 
ATOM   1076 N N   . PRO A 1 137 ? 3.030   12.979  8.558   1.00 11.17 ? 137 PRO A N   1 
ATOM   1077 C CA  . PRO A 1 137 ? 1.918   13.390  9.428   1.00 11.70 ? 137 PRO A CA  1 
ATOM   1078 C C   . PRO A 1 137 ? 0.600   13.119  8.691   1.00 11.44 ? 137 PRO A C   1 
ATOM   1079 O O   . PRO A 1 137 ? 0.544   13.214  7.463   1.00 10.90 ? 137 PRO A O   1 
ATOM   1080 C CB  . PRO A 1 137 ? 2.154   14.888  9.580   1.00 12.06 ? 137 PRO A CB  1 
ATOM   1081 C CG  . PRO A 1 137 ? 3.661   14.988  9.514   1.00 11.82 ? 137 PRO A CG  1 
ATOM   1082 C CD  . PRO A 1 137 ? 3.982   14.092  8.357   1.00 10.57 ? 137 PRO A CD  1 
ATOM   1083 N N   . THR A 1 138 ? -0.444  12.751  9.423   1.00 10.27 ? 138 THR A N   1 
ATOM   1084 C CA  . THR A 1 138 ? -1.735  12.478  8.797   1.00 11.20 ? 138 THR A CA  1 
ATOM   1085 C C   . THR A 1 138 ? -2.742  13.572  9.144   1.00 12.17 ? 138 THR A C   1 
ATOM   1086 O O   . THR A 1 138 ? -2.466  14.398  10.012  1.00 14.66 ? 138 THR A O   1 
ATOM   1087 C CB  . THR A 1 138 ? -2.275  11.102  9.220   1.00 11.64 ? 138 THR A CB  1 
ATOM   1088 O OG1 . THR A 1 138 ? -2.319  11.014  10.647  1.00 10.55 ? 138 THR A OG1 1 
ATOM   1089 C CG2 . THR A 1 138 ? -1.381  9.991   8.670   1.00 9.35  ? 138 THR A CG2 1 
ATOM   1090 N N   . GLY A 1 139 ? -3.884  13.584  8.458   1.00 10.89 ? 139 GLY A N   1 
ATOM   1091 C CA  . GLY A 1 139 ? -4.896  14.596  8.703   1.00 11.27 ? 139 GLY A CA  1 
ATOM   1092 C C   . GLY A 1 139 ? -4.889  15.697  7.660   1.00 12.32 ? 139 GLY A C   1 
ATOM   1093 O O   . GLY A 1 139 ? -5.815  16.513  7.613   1.00 12.16 ? 139 GLY A O   1 
ATOM   1094 N N   . SER A 1 140 ? -3.863  15.703  6.809   1.00 10.94 ? 140 SER A N   1 
ATOM   1095 C CA  . SER A 1 140 ? -3.720  16.695  5.752   1.00 10.45 ? 140 SER A CA  1 
ATOM   1096 C C   . SER A 1 140 ? -3.828  16.067  4.368   1.00 8.80  ? 140 SER A C   1 
ATOM   1097 O O   . SER A 1 140 ? -3.829  14.844  4.232   1.00 9.53  ? 140 SER A O   1 
ATOM   1098 C CB  . SER A 1 140 ? -2.368  17.407  5.870   1.00 10.68 ? 140 SER A CB  1 
ATOM   1099 O OG  . SER A 1 140 ? -2.267  18.095  7.099   1.00 14.79 ? 140 SER A OG  1 
ATOM   1100 N N   . ASN A 1 141 ? -4.022  16.906  3.360   1.00 7.95  ? 141 ASN A N   1 
ATOM   1101 C CA  . ASN A 1 141 ? -4.108  16.456  1.978   1.00 9.55  ? 141 ASN A CA  1 
ATOM   1102 C C   . ASN A 1 141 ? -2.700  16.093  1.532   1.00 10.02 ? 141 ASN A C   1 
ATOM   1103 O O   . ASN A 1 141 ? -1.827  16.964  1.442   1.00 10.73 ? 141 ASN A O   1 
ATOM   1104 C CB  . ASN A 1 141 ? -4.659  17.579  1.107   1.00 12.01 ? 141 ASN A CB  1 
ATOM   1105 C CG  . ASN A 1 141 ? -6.103  17.885  1.407   1.00 14.44 ? 141 ASN A CG  1 
ATOM   1106 O OD1 . ASN A 1 141 ? -6.835  17.032  1.930   1.00 13.74 ? 141 ASN A OD1 1 
ATOM   1107 N ND2 . ASN A 1 141 ? -6.535  19.094  1.067   1.00 15.22 ? 141 ASN A ND2 1 
ATOM   1108 N N   . ALA A 1 142 ? -2.475  14.805  1.291   1.00 9.71  ? 142 ALA A N   1 
ATOM   1109 C CA  . ALA A 1 142 ? -1.161  14.319  0.898   1.00 8.62  ? 142 ALA A CA  1 
ATOM   1110 C C   . ALA A 1 142 ? -1.175  13.876  -0.554  1.00 9.42  ? 142 ALA A C   1 
ATOM   1111 O O   . ALA A 1 142 ? -2.228  13.498  -1.087  1.00 9.29  ? 142 ALA A O   1 
ATOM   1112 C CB  . ALA A 1 142 ? -0.761  13.158  1.802   1.00 6.88  ? 142 ALA A CB  1 
ATOM   1113 N N   . THR A 1 143 ? -0.002  13.912  -1.179  1.00 7.70  ? 143 THR A N   1 
ATOM   1114 C CA  . THR A 1 143 ? 0.139   13.505  -2.564  1.00 8.16  ? 143 THR A CA  1 
ATOM   1115 C C   . THR A 1 143 ? 1.274   12.494  -2.679  1.00 7.67  ? 143 THR A C   1 
ATOM   1116 O O   . THR A 1 143 ? 2.241   12.570  -1.929  1.00 6.62  ? 143 THR A O   1 
ATOM   1117 C CB  . THR A 1 143 ? 0.469   14.723  -3.471  1.00 10.78 ? 143 THR A CB  1 
ATOM   1118 O OG1 . THR A 1 143 ? -0.585  15.702  -3.374  1.00 14.44 ? 143 THR A OG1 1 
ATOM   1119 C CG2 . THR A 1 143 ? 0.646   14.297  -4.919  1.00 13.32 ? 143 THR A CG2 1 
ATOM   1120 N N   . ILE A 1 144 ? 1.088   11.495  -3.545  1.00 7.14  ? 144 ILE A N   1 
ATOM   1121 C CA  . ILE A 1 144 ? 2.120   10.494  -3.836  1.00 7.59  ? 144 ILE A CA  1 
ATOM   1122 C C   . ILE A 1 144 ? 2.266   10.565  -5.356  1.00 7.01  ? 144 ILE A C   1 
ATOM   1123 O O   . ILE A 1 144 ? 1.341   10.250  -6.096  1.00 8.07  ? 144 ILE A O   1 
ATOM   1124 C CB  . ILE A 1 144 ? 1.738   9.059   -3.383  1.00 7.73  ? 144 ILE A CB  1 
ATOM   1125 C CG1 . ILE A 1 144 ? 1.738   8.970   -1.861  1.00 6.24  ? 144 ILE A CG1 1 
ATOM   1126 C CG2 . ILE A 1 144 ? 2.762   8.039   -3.940  1.00 8.27  ? 144 ILE A CG2 1 
ATOM   1127 C CD1 . ILE A 1 144 ? 1.299   7.616   -1.305  1.00 7.55  ? 144 ILE A CD1 1 
ATOM   1128 N N   . THR A 1 145 ? 3.370   11.132  -5.813  1.00 7.22  ? 145 THR A N   1 
ATOM   1129 C CA  . THR A 1 145 ? 3.639   11.265  -7.249  1.00 6.82  ? 145 THR A CA  1 
ATOM   1130 C C   . THR A 1 145 ? 4.317   9.954   -7.608  1.00 7.58  ? 145 THR A C   1 
ATOM   1131 O O   . THR A 1 145 ? 5.535   9.806   -7.499  1.00 6.70  ? 145 THR A O   1 
ATOM   1132 C CB  . THR A 1 145 ? 4.553   12.472  -7.480  1.00 6.33  ? 145 THR A CB  1 
ATOM   1133 O OG1 . THR A 1 145 ? 3.915   13.633  -6.925  1.00 7.35  ? 145 THR A OG1 1 
ATOM   1134 C CG2 . THR A 1 145 ? 4.789   12.679  -8.965  1.00 6.57  ? 145 THR A CG2 1 
ATOM   1135 N N   . PHE A 1 146 ? 3.496   8.980   -7.979  1.00 8.46  ? 146 PHE A N   1 
ATOM   1136 C CA  . PHE A 1 146 ? 3.973   7.637   -8.272  1.00 7.81  ? 146 PHE A CA  1 
ATOM   1137 C C   . PHE A 1 146 ? 5.079   7.520   -9.330  1.00 8.52  ? 146 PHE A C   1 
ATOM   1138 O O   . PHE A 1 146 ? 5.986   6.696   -9.178  1.00 9.71  ? 146 PHE A O   1 
ATOM   1139 C CB  . PHE A 1 146 ? 2.784   6.711   -8.577  1.00 6.60  ? 146 PHE A CB  1 
ATOM   1140 C CG  . PHE A 1 146 ? 3.140   5.246   -8.600  1.00 4.51  ? 146 PHE A CG  1 
ATOM   1141 C CD1 . PHE A 1 146 ? 3.910   4.685   -7.593  1.00 6.02  ? 146 PHE A CD1 1 
ATOM   1142 C CD2 . PHE A 1 146 ? 2.702   4.436   -9.633  1.00 7.08  ? 146 PHE A CD2 1 
ATOM   1143 C CE1 . PHE A 1 146 ? 4.240   3.345   -7.615  1.00 8.44  ? 146 PHE A CE1 1 
ATOM   1144 C CE2 . PHE A 1 146 ? 3.029   3.076   -9.664  1.00 8.69  ? 146 PHE A CE2 1 
ATOM   1145 C CZ  . PHE A 1 146 ? 3.798   2.533   -8.651  1.00 7.92  ? 146 PHE A CZ  1 
ATOM   1146 N N   . THR A 1 147 ? 5.082   8.407   -10.323 1.00 8.91  ? 147 THR A N   1 
ATOM   1147 C CA  . THR A 1 147 ? 6.117   8.358   -11.363 1.00 10.63 ? 147 THR A CA  1 
ATOM   1148 C C   . THR A 1 147 ? 7.529   8.431   -10.780 1.00 9.52  ? 147 THR A C   1 
ATOM   1149 O O   . THR A 1 147 ? 8.468   7.834   -11.324 1.00 10.01 ? 147 THR A O   1 
ATOM   1150 C CB  . THR A 1 147 ? 5.990   9.538   -12.381 1.00 12.71 ? 147 THR A CB  1 
ATOM   1151 O OG1 . THR A 1 147 ? 6.145   10.795  -11.699 1.00 21.01 ? 147 THR A OG1 1 
ATOM   1152 C CG2 . THR A 1 147 ? 4.653   9.511   -13.076 1.00 15.91 ? 147 THR A CG2 1 
ATOM   1153 N N   . ASN A 1 148 ? 7.696   9.265   -9.748  1.00 9.94  ? 148 ASN A N   1 
ATOM   1154 C CA  . ASN A 1 148 ? 9.001   9.424   -9.099  1.00 10.97 ? 148 ASN A CA  1 
ATOM   1155 C C   . ASN A 1 148 ? 9.477   8.103   -8.534  1.00 9.96  ? 148 ASN A C   1 
ATOM   1156 O O   . ASN A 1 148 ? 10.661  7.799   -8.580  1.00 8.23  ? 148 ASN A O   1 
ATOM   1157 C CB  . ASN A 1 148 ? 8.971   10.467  -7.967  1.00 11.95 ? 148 ASN A CB  1 
ATOM   1158 C CG  . ASN A 1 148 ? 8.721   11.879  -8.467  1.00 15.27 ? 148 ASN A CG  1 
ATOM   1159 O OD1 . ASN A 1 148 ? 8.251   12.749  -7.722  1.00 17.66 ? 148 ASN A OD1 1 
ATOM   1160 N ND2 . ASN A 1 148 ? 9.020   12.117  -9.725  1.00 14.97 ? 148 ASN A ND2 1 
ATOM   1161 N N   . HIS A 1 149 ? 8.560   7.325   -7.969  1.00 8.94  ? 149 HIS A N   1 
ATOM   1162 C CA  . HIS A 1 149 ? 8.937   6.036   -7.411  1.00 7.41  ? 149 HIS A CA  1 
ATOM   1163 C C   . HIS A 1 149 ? 9.244   5.040   -8.525  1.00 8.32  ? 149 HIS A C   1 
ATOM   1164 O O   . HIS A 1 149 ? 10.253  4.334   -8.477  1.00 7.40  ? 149 HIS A O   1 
ATOM   1165 C CB  . HIS A 1 149 ? 7.840   5.505   -6.477  1.00 6.57  ? 149 HIS A CB  1 
ATOM   1166 C CG  . HIS A 1 149 ? 7.617   6.389   -5.289  1.00 6.60  ? 149 HIS A CG  1 
ATOM   1167 N ND1 . HIS A 1 149 ? 8.353   6.261   -4.129  1.00 7.26  ? 149 HIS A ND1 1 
ATOM   1168 C CD2 . HIS A 1 149 ? 6.833   7.471   -5.126  1.00 5.90  ? 149 HIS A CD2 1 
ATOM   1169 C CE1 . HIS A 1 149 ? 8.026   7.239   -3.304  1.00 7.10  ? 149 HIS A CE1 1 
ATOM   1170 N NE2 . HIS A 1 149 ? 7.108   7.991   -3.880  1.00 6.22  ? 149 HIS A NE2 1 
ATOM   1171 N N   . VAL A 1 150 ? 8.406   5.022   -9.552  1.00 7.96  ? 150 VAL A N   1 
ATOM   1172 C CA  . VAL A 1 150 ? 8.607   4.104   -10.666 1.00 7.09  ? 150 VAL A CA  1 
ATOM   1173 C C   . VAL A 1 150 ? 9.975   4.340   -11.324 1.00 7.47  ? 150 VAL A C   1 
ATOM   1174 O O   . VAL A 1 150 ? 10.716  3.392   -11.611 1.00 9.26  ? 150 VAL A O   1 
ATOM   1175 C CB  . VAL A 1 150 ? 7.477   4.240   -11.718 1.00 9.02  ? 150 VAL A CB  1 
ATOM   1176 C CG1 . VAL A 1 150 ? 7.762   3.344   -12.931 1.00 9.58  ? 150 VAL A CG1 1 
ATOM   1177 C CG2 . VAL A 1 150 ? 6.139   3.809   -11.116 1.00 8.31  ? 150 VAL A CG2 1 
ATOM   1178 N N   . ASN A 1 151 ? 10.311  5.603   -11.541 1.00 8.66  ? 151 ASN A N   1 
ATOM   1179 C CA  . ASN A 1 151 ? 11.585  5.925   -12.170 1.00 10.62 ? 151 ASN A CA  1 
ATOM   1180 C C   . ASN A 1 151 ? 12.778  5.576   -11.308 1.00 10.20 ? 151 ASN A C   1 
ATOM   1181 O O   . ASN A 1 151 ? 13.759  5.042   -11.813 1.00 10.04 ? 151 ASN A O   1 
ATOM   1182 C CB  . ASN A 1 151 ? 11.598  7.377   -12.619 1.00 13.69 ? 151 ASN A CB  1 
ATOM   1183 C CG  . ASN A 1 151 ? 10.713  7.590   -13.830 1.00 19.67 ? 151 ASN A CG  1 
ATOM   1184 O OD1 . ASN A 1 151 ? 10.591  6.692   -14.672 1.00 25.92 ? 151 ASN A OD1 1 
ATOM   1185 N ND2 . ASN A 1 151 ? 10.054  8.744   -13.908 1.00 19.98 ? 151 ASN A ND2 1 
ATOM   1186 N N   . ALA A 1 152 ? 12.689  5.831   -10.005 1.00 9.71  ? 152 ALA A N   1 
ATOM   1187 C CA  . ALA A 1 152 ? 13.779  5.479   -9.093  1.00 8.78  ? 152 ALA A CA  1 
ATOM   1188 C C   . ALA A 1 152 ? 13.962  3.941   -9.029  1.00 9.47  ? 152 ALA A C   1 
ATOM   1189 O O   . ALA A 1 152 ? 15.088  3.419   -8.944  1.00 8.90  ? 152 ALA A O   1 
ATOM   1190 C CB  . ALA A 1 152 ? 13.495  6.047   -7.676  1.00 9.17  ? 152 ALA A CB  1 
ATOM   1191 N N   . TRP A 1 153 ? 12.849  3.215   -8.973  1.00 7.91  ? 153 TRP A N   1 
ATOM   1192 C CA  . TRP A 1 153 ? 12.924  1.758   -8.914  1.00 10.35 ? 153 TRP A CA  1 
ATOM   1193 C C   . TRP A 1 153 ? 13.622  1.240   -10.187 1.00 10.22 ? 153 TRP A C   1 
ATOM   1194 O O   . TRP A 1 153 ? 14.518  0.385   -10.132 1.00 11.02 ? 153 TRP A O   1 
ATOM   1195 C CB  . TRP A 1 153 ? 11.520  1.151   -8.789  1.00 10.36 ? 153 TRP A CB  1 
ATOM   1196 C CG  . TRP A 1 153 ? 10.831  1.428   -7.480  1.00 9.56  ? 153 TRP A CG  1 
ATOM   1197 C CD1 . TRP A 1 153 ? 11.373  1.986   -6.364  1.00 10.05 ? 153 TRP A CD1 1 
ATOM   1198 C CD2 . TRP A 1 153 ? 9.449   1.172   -7.171  1.00 9.40  ? 153 TRP A CD2 1 
ATOM   1199 N NE1 . TRP A 1 153 ? 10.415  2.093   -5.370  1.00 8.42  ? 153 TRP A NE1 1 
ATOM   1200 C CE2 . TRP A 1 153 ? 9.228   1.602   -5.841  1.00 9.15  ? 153 TRP A CE2 1 
ATOM   1201 C CE3 . TRP A 1 153 ? 8.385   0.623   -7.892  1.00 8.61  ? 153 TRP A CE3 1 
ATOM   1202 C CZ2 . TRP A 1 153 ? 7.976   1.496   -5.219  1.00 9.36  ? 153 TRP A CZ2 1 
ATOM   1203 C CZ3 . TRP A 1 153 ? 7.143   0.518   -7.274  1.00 9.65  ? 153 TRP A CZ3 1 
ATOM   1204 C CH2 . TRP A 1 153 ? 6.952   0.950   -5.954  1.00 8.69  ? 153 TRP A CH2 1 
ATOM   1205 N N   . LYS A 1 154 ? 13.247  1.810   -11.323 1.00 12.29 ? 154 LYS A N   1 
ATOM   1206 C CA  . LYS A 1 154 ? 13.823  1.419   -12.607 1.00 13.29 ? 154 LYS A CA  1 
ATOM   1207 C C   . LYS A 1 154 ? 15.347  1.634   -12.611 1.00 13.06 ? 154 LYS A C   1 
ATOM   1208 O O   . LYS A 1 154 ? 16.105  0.762   -13.055 1.00 12.18 ? 154 LYS A O   1 
ATOM   1209 C CB  . LYS A 1 154 ? 13.156  2.217   -13.732 1.00 17.43 ? 154 LYS A CB  1 
ATOM   1210 C CG  . LYS A 1 154 ? 13.551  1.794   -15.128 1.00 24.47 ? 154 LYS A CG  1 
ATOM   1211 C CD  . LYS A 1 154 ? 12.795  2.588   -16.180 1.00 28.15 ? 154 LYS A CD  1 
ATOM   1212 C CE  . LYS A 1 154 ? 13.748  3.449   -17.029 1.00 35.12 ? 154 LYS A CE  1 
ATOM   1213 N NZ  . LYS A 1 154 ? 14.376  4.636   -16.315 1.00 38.04 ? 154 LYS A NZ  1 
ATOM   1214 N N   . SER A 1 155 ? 15.791  2.769   -12.075 1.00 12.40 ? 155 SER A N   1 
ATOM   1215 C CA  . SER A 1 155 ? 17.221  3.081   -12.031 1.00 14.87 ? 155 SER A CA  1 
ATOM   1216 C C   . SER A 1 155 ? 18.006  2.103   -11.157 1.00 16.34 ? 155 SER A C   1 
ATOM   1217 O O   . SER A 1 155 ? 19.238  2.058   -11.218 1.00 16.72 ? 155 SER A O   1 
ATOM   1218 C CB  . SER A 1 155 ? 17.458  4.523   -11.580 1.00 16.07 ? 155 SER A CB  1 
ATOM   1219 O OG  . SER A 1 155 ? 17.271  4.699   -10.176 1.00 21.01 ? 155 SER A OG  1 
ATOM   1220 N N   . HIS A 1 156 ? 17.288  1.367   -10.306 1.00 14.12 ? 156 HIS A N   1 
ATOM   1221 C CA  . HIS A 1 156 ? 17.899  0.368   -9.432  1.00 15.91 ? 156 HIS A CA  1 
ATOM   1222 C C   . HIS A 1 156 ? 17.638  -1.055  -9.893  1.00 16.11 ? 156 HIS A C   1 
ATOM   1223 O O   . HIS A 1 156 ? 17.808  -2.000  -9.128  1.00 19.11 ? 156 HIS A O   1 
ATOM   1224 C CB  . HIS A 1 156 ? 17.422  0.553   -7.991  1.00 15.96 ? 156 HIS A CB  1 
ATOM   1225 C CG  . HIS A 1 156 ? 17.971  1.784   -7.342  1.00 16.42 ? 156 HIS A CG  1 
ATOM   1226 N ND1 . HIS A 1 156 ? 19.293  1.891   -6.970  1.00 17.06 ? 156 HIS A ND1 1 
ATOM   1227 C CD2 . HIS A 1 156 ? 17.394  2.962   -7.032  1.00 17.92 ? 156 HIS A CD2 1 
ATOM   1228 C CE1 . HIS A 1 156 ? 19.505  3.092   -6.455  1.00 17.09 ? 156 HIS A CE1 1 
ATOM   1229 N NE2 . HIS A 1 156 ? 18.370  3.762   -6.484  1.00 17.94 ? 156 HIS A NE2 1 
ATOM   1230 N N   . GLY A 1 157 ? 17.229  -1.209  -11.147 1.00 15.09 ? 157 GLY A N   1 
ATOM   1231 C CA  . GLY A 1 157 ? 16.945  -2.537  -11.688 1.00 16.45 ? 157 GLY A CA  1 
ATOM   1232 C C   . GLY A 1 157 ? 15.632  -3.162  -11.223 1.00 16.68 ? 157 GLY A C   1 
ATOM   1233 O O   . GLY A 1 157 ? 15.454  -4.378  -11.284 1.00 18.55 ? 157 GLY A O   1 
ATOM   1234 N N   . MET A 1 158 ? 14.719  -2.334  -10.734 1.00 14.57 ? 158 MET A N   1 
ATOM   1235 C CA  . MET A 1 158 ? 13.435  -2.810  -10.233 1.00 13.61 ? 158 MET A CA  1 
ATOM   1236 C C   . MET A 1 158 ? 12.356  -2.454  -11.240 1.00 13.45 ? 158 MET A C   1 
ATOM   1237 O O   . MET A 1 158 ? 11.689  -1.422  -11.116 1.00 13.51 ? 158 MET A O   1 
ATOM   1238 C CB  . MET A 1 158 ? 13.143  -2.172  -8.874  1.00 10.56 ? 158 MET A CB  1 
ATOM   1239 C CG  . MET A 1 158 ? 14.051  -2.673  -7.748  1.00 10.22 ? 158 MET A CG  1 
ATOM   1240 S SD  . MET A 1 158 ? 14.089  -1.586  -6.334  1.00 11.90 ? 158 MET A SD  1 
ATOM   1241 C CE  . MET A 1 158 ? 12.352  -1.688  -5.748  1.00 9.95  ? 158 MET A CE  1 
ATOM   1242 N N   . ASN A 1 159 ? 12.195  -3.313  -12.244 1.00 12.12 ? 159 ASN A N   1 
ATOM   1243 C CA  . ASN A 1 159 ? 11.224  -3.088  -13.290 1.00 12.36 ? 159 ASN A CA  1 
ATOM   1244 C C   . ASN A 1 159 ? 9.893   -3.748  -12.983 1.00 12.21 ? 159 ASN A C   1 
ATOM   1245 O O   . ASN A 1 159 ? 9.830   -4.884  -12.502 1.00 13.36 ? 159 ASN A O   1 
ATOM   1246 C CB  . ASN A 1 159 ? 11.769  -3.567  -14.636 1.00 15.83 ? 159 ASN A CB  1 
ATOM   1247 C CG  . ASN A 1 159 ? 13.019  -2.808  -15.068 1.00 17.67 ? 159 ASN A CG  1 
ATOM   1248 O OD1 . ASN A 1 159 ? 14.081  -3.397  -15.237 1.00 25.34 ? 159 ASN A OD1 1 
ATOM   1249 N ND2 . ASN A 1 159 ? 12.896  -1.504  -15.247 1.00 19.56 ? 159 ASN A ND2 1 
ATOM   1250 N N   . LEU A 1 160 ? 8.829   -2.999  -13.221 1.00 13.74 ? 160 LEU A N   1 
ATOM   1251 C CA  . LEU A 1 160 ? 7.485   -3.486  -12.991 1.00 14.67 ? 160 LEU A CA  1 
ATOM   1252 C C   . LEU A 1 160 ? 7.025   -4.314  -14.191 1.00 15.76 ? 160 LEU A C   1 
ATOM   1253 O O   . LEU A 1 160 ? 7.644   -4.283  -15.258 1.00 15.67 ? 160 LEU A O   1 
ATOM   1254 C CB  . LEU A 1 160 ? 6.535   -2.308  -12.734 1.00 14.54 ? 160 LEU A CB  1 
ATOM   1255 C CG  . LEU A 1 160 ? 6.719   -1.681  -11.350 1.00 13.64 ? 160 LEU A CG  1 
ATOM   1256 C CD1 . LEU A 1 160 ? 6.096   -0.304  -11.305 1.00 15.95 ? 160 LEU A CD1 1 
ATOM   1257 C CD2 . LEU A 1 160 ? 6.155   -2.591  -10.258 1.00 14.14 ? 160 LEU A CD2 1 
ATOM   1258 N N   . GLY A 1 161 ? 5.959   -5.083  -13.994 1.00 15.79 ? 161 GLY A N   1 
ATOM   1259 C CA  . GLY A 1 161 ? 5.418   -5.902  -15.057 1.00 16.24 ? 161 GLY A CA  1 
ATOM   1260 C C   . GLY A 1 161 ? 4.675   -5.110  -16.116 1.00 16.52 ? 161 GLY A C   1 
ATOM   1261 O O   . GLY A 1 161 ? 4.336   -3.945  -15.924 1.00 15.23 ? 161 GLY A O   1 
ATOM   1262 N N   . SER A 1 162 ? 4.352   -5.789  -17.210 1.00 18.18 ? 162 SER A N   1 
ATOM   1263 C CA  . SER A 1 162 ? 3.652   -5.178  -18.331 1.00 19.58 ? 162 SER A CA  1 
ATOM   1264 C C   . SER A 1 162 ? 2.123   -5.145  -18.230 1.00 19.29 ? 162 SER A C   1 
ATOM   1265 O O   . SER A 1 162 ? 1.472   -4.405  -18.967 1.00 20.37 ? 162 SER A O   1 
ATOM   1266 C CB  . SER A 1 162 ? 4.063   -5.894  -19.613 1.00 21.00 ? 162 SER A CB  1 
ATOM   1267 O OG  . SER A 1 162 ? 3.862   -7.286  -19.468 1.00 24.26 ? 162 SER A OG  1 
ATOM   1268 N N   . ASN A 1 163 ? 1.550   -5.982  -17.371 1.00 18.86 ? 163 ASN A N   1 
ATOM   1269 C CA  . ASN A 1 163 ? 0.102   -6.031  -17.214 1.00 18.01 ? 163 ASN A CA  1 
ATOM   1270 C C   . ASN A 1 163 ? -0.244  -5.445  -15.852 1.00 16.53 ? 163 ASN A C   1 
ATOM   1271 O O   . ASN A 1 163 ? 0.093   -6.021  -14.840 1.00 15.06 ? 163 ASN A O   1 
ATOM   1272 C CB  . ASN A 1 163 ? -0.391  -7.480  -17.321 1.00 23.45 ? 163 ASN A CB  1 
ATOM   1273 C CG  . ASN A 1 163 ? -1.911  -7.587  -17.323 1.00 29.88 ? 163 ASN A CG  1 
ATOM   1274 O OD1 . ASN A 1 163 ? -2.614  -6.592  -17.544 1.00 33.81 ? 163 ASN A OD1 1 
ATOM   1275 N ND2 . ASN A 1 163 ? -2.429  -8.797  -17.101 1.00 32.00 ? 163 ASN A ND2 1 
ATOM   1276 N N   . TRP A 1 164 ? -0.890  -4.285  -15.835 1.00 14.00 ? 164 TRP A N   1 
ATOM   1277 C CA  . TRP A 1 164 ? -1.243  -3.624  -14.582 1.00 12.10 ? 164 TRP A CA  1 
ATOM   1278 C C   . TRP A 1 164 ? -2.569  -4.031  -13.954 1.00 13.17 ? 164 TRP A C   1 
ATOM   1279 O O   . TRP A 1 164 ? -3.630  -3.965  -14.586 1.00 11.57 ? 164 TRP A O   1 
ATOM   1280 C CB  . TRP A 1 164 ? -1.242  -2.111  -14.780 1.00 13.14 ? 164 TRP A CB  1 
ATOM   1281 C CG  . TRP A 1 164 ? 0.136   -1.544  -15.005 1.00 15.19 ? 164 TRP A CG  1 
ATOM   1282 C CD1 . TRP A 1 164 ? 0.904   -1.658  -16.135 1.00 15.66 ? 164 TRP A CD1 1 
ATOM   1283 C CD2 . TRP A 1 164 ? 0.929   -0.820  -14.053 1.00 13.84 ? 164 TRP A CD2 1 
ATOM   1284 N NE1 . TRP A 1 164 ? 2.125   -1.059  -15.934 1.00 16.62 ? 164 TRP A NE1 1 
ATOM   1285 C CE2 . TRP A 1 164 ? 2.169   -0.541  -14.666 1.00 13.86 ? 164 TRP A CE2 1 
ATOM   1286 C CE3 . TRP A 1 164 ? 0.713   -0.388  -12.743 1.00 10.42 ? 164 TRP A CE3 1 
ATOM   1287 C CZ2 . TRP A 1 164 ? 3.191   0.153   -14.006 1.00 12.95 ? 164 TRP A CZ2 1 
ATOM   1288 C CZ3 . TRP A 1 164 ? 1.729   0.300   -12.093 1.00 11.62 ? 164 TRP A CZ3 1 
ATOM   1289 C CH2 . TRP A 1 164 ? 2.951   0.560   -12.728 1.00 10.98 ? 164 TRP A CH2 1 
ATOM   1290 N N   . ALA A 1 165 ? -2.509  -4.427  -12.691 1.00 10.31 ? 165 ALA A N   1 
ATOM   1291 C CA  . ALA A 1 165 ? -3.708  -4.796  -11.949 1.00 8.89  ? 165 ALA A CA  1 
ATOM   1292 C C   . ALA A 1 165 ? -4.134  -3.579  -11.120 1.00 9.33  ? 165 ALA A C   1 
ATOM   1293 O O   . ALA A 1 165 ? -3.751  -2.439  -11.437 1.00 8.90  ? 165 ALA A O   1 
ATOM   1294 C CB  . ALA A 1 165 ? -3.460  -6.010  -11.064 1.00 8.90  ? 165 ALA A CB  1 
ATOM   1295 N N   . TYR A 1 166 ? -4.868  -3.795  -10.035 1.00 7.76  ? 166 TYR A N   1 
ATOM   1296 C CA  . TYR A 1 166 ? -5.353  -2.668  -9.238  1.00 8.67  ? 166 TYR A CA  1 
ATOM   1297 C C   . TYR A 1 166 ? -4.266  -1.859  -8.517  1.00 7.70  ? 166 TYR A C   1 
ATOM   1298 O O   . TYR A 1 166 ? -3.141  -2.327  -8.292  1.00 6.48  ? 166 TYR A O   1 
ATOM   1299 C CB  . TYR A 1 166 ? -6.441  -3.118  -8.268  1.00 7.34  ? 166 TYR A CB  1 
ATOM   1300 C CG  . TYR A 1 166 ? -5.973  -4.078  -7.208  1.00 9.56  ? 166 TYR A CG  1 
ATOM   1301 C CD1 . TYR A 1 166 ? -5.259  -3.628  -6.107  1.00 9.01  ? 166 TYR A CD1 1 
ATOM   1302 C CD2 . TYR A 1 166 ? -6.273  -5.435  -7.292  1.00 8.63  ? 166 TYR A CD2 1 
ATOM   1303 C CE1 . TYR A 1 166 ? -4.854  -4.497  -5.119  1.00 8.42  ? 166 TYR A CE1 1 
ATOM   1304 C CE2 . TYR A 1 166 ? -5.865  -6.323  -6.309  1.00 8.06  ? 166 TYR A CE2 1 
ATOM   1305 C CZ  . TYR A 1 166 ? -5.163  -5.853  -5.222  1.00 7.90  ? 166 TYR A CZ  1 
ATOM   1306 O OH  . TYR A 1 166 ? -4.773  -6.715  -4.228  1.00 8.74  ? 166 TYR A OH  1 
ATOM   1307 N N   . GLN A 1 167 ? -4.641  -0.649  -8.117  1.00 7.33  ? 167 GLN A N   1 
ATOM   1308 C CA  . GLN A 1 167 ? -3.726  0.276   -7.463  1.00 6.78  ? 167 GLN A CA  1 
ATOM   1309 C C   . GLN A 1 167 ? -4.606  1.045   -6.483  1.00 6.82  ? 167 GLN A C   1 
ATOM   1310 O O   . GLN A 1 167 ? -5.528  1.735   -6.906  1.00 8.64  ? 167 GLN A O   1 
ATOM   1311 C CB  . GLN A 1 167 ? -3.166  1.197   -8.540  1.00 6.57  ? 167 GLN A CB  1 
ATOM   1312 C CG  . GLN A 1 167 ? -2.130  2.215   -8.116  1.00 8.64  ? 167 GLN A CG  1 
ATOM   1313 C CD  . GLN A 1 167 ? -1.643  3.010   -9.316  1.00 9.44  ? 167 GLN A CD  1 
ATOM   1314 O OE1 . GLN A 1 167 ? -2.442  3.603   -10.037 1.00 9.76  ? 167 GLN A OE1 1 
ATOM   1315 N NE2 . GLN A 1 167 ? -0.343  2.980   -9.567  1.00 10.96 ? 167 GLN A NE2 1 
ATOM   1316 N N   . VAL A 1 168 ? -4.348  0.895   -5.185  1.00 6.33  ? 168 VAL A N   1 
ATOM   1317 C CA  . VAL A 1 168 ? -5.163  1.543   -4.162  1.00 6.08  ? 168 VAL A CA  1 
ATOM   1318 C C   . VAL A 1 168 ? -4.350  2.169   -3.039  1.00 6.89  ? 168 VAL A C   1 
ATOM   1319 O O   . VAL A 1 168 ? -3.185  1.804   -2.823  1.00 6.76  ? 168 VAL A O   1 
ATOM   1320 C CB  . VAL A 1 168 ? -6.114  0.502   -3.497  1.00 6.06  ? 168 VAL A CB  1 
ATOM   1321 C CG1 . VAL A 1 168 ? -7.030  -0.161  -4.545  1.00 6.75  ? 168 VAL A CG1 1 
ATOM   1322 C CG2 . VAL A 1 168 ? -5.313  -0.565  -2.774  1.00 5.93  ? 168 VAL A CG2 1 
ATOM   1323 N N   . MET A 1 169 ? -4.973  3.105   -2.318  1.00 3.87  ? 169 MET A N   1 
ATOM   1324 C CA  . MET A 1 169 ? -4.352  3.718   -1.146  1.00 5.91  ? 169 MET A CA  1 
ATOM   1325 C C   . MET A 1 169 ? -4.967  2.864   -0.032  1.00 6.13  ? 169 MET A C   1 
ATOM   1326 O O   . MET A 1 169 ? -6.157  2.979   0.272   1.00 7.75  ? 169 MET A O   1 
ATOM   1327 C CB  . MET A 1 169 ? -4.778  5.178   -0.987  1.00 5.00  ? 169 MET A CB  1 
ATOM   1328 C CG  . MET A 1 169 ? -3.992  5.873   0.090   1.00 8.76  ? 169 MET A CG  1 
ATOM   1329 S SD  . MET A 1 169 ? -2.200  5.859   -0.267  1.00 11.44 ? 169 MET A SD  1 
ATOM   1330 C CE  . MET A 1 169 ? -1.550  6.029   1.314   1.00 7.81  ? 169 MET A CE  1 
ATOM   1331 N N   . ALA A 1 170 ? -4.139  2.023   0.566   1.00 5.83  ? 170 ALA A N   1 
ATOM   1332 C CA  . ALA A 1 170 ? -4.596  1.069   1.550   1.00 7.84  ? 170 ALA A CA  1 
ATOM   1333 C C   . ALA A 1 170 ? -4.129  1.139   2.983   1.00 7.91  ? 170 ALA A C   1 
ATOM   1334 O O   . ALA A 1 170 ? -3.150  1.806   3.339   1.00 6.18  ? 170 ALA A O   1 
ATOM   1335 C CB  . ALA A 1 170 ? -4.294  -0.336  1.019   1.00 9.35  ? 170 ALA A CB  1 
ATOM   1336 N N   . THR A 1 171 ? -4.845  0.359   3.787   1.00 6.69  ? 171 THR A N   1 
ATOM   1337 C CA  . THR A 1 171 ? -4.555  0.139   5.182   1.00 6.14  ? 171 THR A CA  1 
ATOM   1338 C C   . THR A 1 171 ? -4.303  -1.372  5.193   1.00 8.22  ? 171 THR A C   1 
ATOM   1339 O O   . THR A 1 171 ? -5.185  -2.154  4.790   1.00 8.41  ? 171 THR A O   1 
ATOM   1340 C CB  . THR A 1 171 ? -5.751  0.429   6.104   1.00 8.37  ? 171 THR A CB  1 
ATOM   1341 O OG1 . THR A 1 171 ? -6.103  1.818   6.023   1.00 8.51  ? 171 THR A OG1 1 
ATOM   1342 C CG2 . THR A 1 171 ? -5.383  0.070   7.535   1.00 8.86  ? 171 THR A CG2 1 
ATOM   1343 N N   . CYS A 1 172 ? -3.080  -1.759  5.554   1.00 9.48  ? 172 CYS A N   1 
ATOM   1344 C CA  . CYS A 1 172 ? -2.675  -3.167  5.611   1.00 11.30 ? 172 CYS A CA  1 
ATOM   1345 C C   . CYS A 1 172 ? -2.352  -3.457  7.052   1.00 10.31 ? 172 CYS A C   1 
ATOM   1346 O O   . CYS A 1 172 ? -1.822  -2.600  7.743   1.00 10.25 ? 172 CYS A O   1 
ATOM   1347 C CB  . CYS A 1 172 ? -1.390  -3.414  4.800   1.00 12.40 ? 172 CYS A CB  1 
ATOM   1348 S SG  . CYS A 1 172 ? -1.490  -2.975  3.081   1.00 20.40 ? 172 CYS A SG  1 
ATOM   1349 N N   . GLY A 1 173 ? -2.655  -4.662  7.511   1.00 10.42 ? 173 GLY A N   1 
ATOM   1350 C CA  . GLY A 1 173 ? -2.319  -4.992  8.882   1.00 9.24  ? 173 GLY A CA  1 
ATOM   1351 C C   . GLY A 1 173 ? -1.932  -6.440  8.999   1.00 11.45 ? 173 GLY A C   1 
ATOM   1352 O O   . GLY A 1 173 ? -2.261  -7.232  8.109   1.00 10.21 ? 173 GLY A O   1 
ATOM   1353 N N   . TYR A 1 174 ? -1.175  -6.764  10.040  1.00 11.08 ? 174 TYR A N   1 
ATOM   1354 C CA  . TYR A 1 174 ? -0.764  -8.131  10.307  1.00 12.95 ? 174 TYR A CA  1 
ATOM   1355 C C   . TYR A 1 174 ? -0.768  -8.353  11.808  1.00 12.05 ? 174 TYR A C   1 
ATOM   1356 O O   . TYR A 1 174 ? -0.018  -7.712  12.554  1.00 10.14 ? 174 TYR A O   1 
ATOM   1357 C CB  . TYR A 1 174 ? 0.618   -8.459  9.721   1.00 17.84 ? 174 TYR A CB  1 
ATOM   1358 C CG  . TYR A 1 174 ? 1.061   -9.877  10.046  1.00 21.36 ? 174 TYR A CG  1 
ATOM   1359 C CD1 . TYR A 1 174 ? 0.307   -10.969 9.633   1.00 24.24 ? 174 TYR A CD1 1 
ATOM   1360 C CD2 . TYR A 1 174 ? 2.193   -10.117 10.814  1.00 24.54 ? 174 TYR A CD2 1 
ATOM   1361 C CE1 . TYR A 1 174 ? 0.670   -12.262 9.975   1.00 27.16 ? 174 TYR A CE1 1 
ATOM   1362 C CE2 . TYR A 1 174 ? 2.563   -11.410 11.163  1.00 27.27 ? 174 TYR A CE2 1 
ATOM   1363 C CZ  . TYR A 1 174 ? 1.796   -12.479 10.743  1.00 27.83 ? 174 TYR A CZ  1 
ATOM   1364 O OH  . TYR A 1 174 ? 2.163   -13.768 11.098  1.00 31.74 ? 174 TYR A OH  1 
ATOM   1365 N N   . GLN A 1 175 ? -1.640  -9.251  12.248  1.00 10.65 ? 175 GLN A N   1 
ATOM   1366 C CA  . GLN A 1 175 ? -1.785  -9.583  13.660  1.00 12.96 ? 175 GLN A CA  1 
ATOM   1367 C C   . GLN A 1 175 ? -1.790  -8.366  14.588  1.00 11.96 ? 175 GLN A C   1 
ATOM   1368 O O   . GLN A 1 175 ? -1.055  -8.321  15.570  1.00 12.44 ? 175 GLN A O   1 
ATOM   1369 C CB  . GLN A 1 175 ? -0.736  -10.631 14.071  1.00 15.58 ? 175 GLN A CB  1 
ATOM   1370 C CG  . GLN A 1 175 ? -0.923  -11.930 13.282  1.00 20.25 ? 175 GLN A CG  1 
ATOM   1371 C CD  . GLN A 1 175 ? -0.158  -13.138 13.832  1.00 24.77 ? 175 GLN A CD  1 
ATOM   1372 O OE1 . GLN A 1 175 ? -0.384  -14.264 13.390  1.00 27.86 ? 175 GLN A OE1 1 
ATOM   1373 N NE2 . GLN A 1 175 ? 0.743   -12.912 14.780  1.00 25.34 ? 175 GLN A NE2 1 
ATOM   1374 N N   . SER A 1 176 ? -2.723  -7.447  14.340  1.00 12.15 ? 176 SER A N   1 
ATOM   1375 C CA  . SER A 1 176 ? -2.839  -6.231  15.150  1.00 10.29 ? 176 SER A CA  1 
ATOM   1376 C C   . SER A 1 176 ? -4.294  -5.758  15.283  1.00 11.01 ? 176 SER A C   1 
ATOM   1377 O O   . SER A 1 176 ? -5.230  -6.466  14.871  1.00 10.66 ? 176 SER A O   1 
ATOM   1378 C CB  . SER A 1 176 ? -2.008  -5.116  14.507  1.00 9.30  ? 176 SER A CB  1 
ATOM   1379 O OG  . SER A 1 176 ? -2.483  -4.833  13.196  1.00 7.68  ? 176 SER A OG  1 
ATOM   1380 N N   . SER A 1 177 ? -4.465  -4.568  15.869  1.00 8.80  ? 177 SER A N   1 
ATOM   1381 C CA  . SER A 1 177 ? -5.768  -3.935  16.041  1.00 9.48  ? 177 SER A CA  1 
ATOM   1382 C C   . SER A 1 177 ? -5.589  -2.452  15.709  1.00 9.05  ? 177 SER A C   1 
ATOM   1383 O O   . SER A 1 177 ? -4.464  -1.962  15.685  1.00 10.17 ? 177 SER A O   1 
ATOM   1384 C CB  . SER A 1 177 ? -6.264  -4.088  17.473  1.00 9.43  ? 177 SER A CB  1 
ATOM   1385 O OG  . SER A 1 177 ? -6.273  -5.452  17.882  1.00 10.68 ? 177 SER A OG  1 
ATOM   1386 N N   . GLY A 1 178 ? -6.674  -1.745  15.412  1.00 9.68  ? 178 GLY A N   1 
ATOM   1387 C CA  . GLY A 1 178 ? -6.542  -0.327  15.108  1.00 8.39  ? 178 GLY A CA  1 
ATOM   1388 C C   . GLY A 1 178 ? -7.709  0.261   14.357  1.00 7.62  ? 178 GLY A C   1 
ATOM   1389 O O   . GLY A 1 178 ? -8.733  -0.401  14.181  1.00 8.69  ? 178 GLY A O   1 
ATOM   1390 N N   . SER A 1 179 ? -7.572  1.509   13.930  1.00 8.45  ? 179 SER A N   1 
ATOM   1391 C CA  . SER A 1 179 ? -8.614  2.194   13.164  1.00 9.91  ? 179 SER A CA  1 
ATOM   1392 C C   . SER A 1 179 ? -7.972  3.116   12.155  1.00 8.20  ? 179 SER A C   1 
ATOM   1393 O O   . SER A 1 179 ? -6.888  3.647   12.397  1.00 11.18 ? 179 SER A O   1 
ATOM   1394 C CB  . SER A 1 179 ? -9.515  3.067   14.056  1.00 12.14 ? 179 SER A CB  1 
ATOM   1395 O OG  . SER A 1 179 ? -10.346 2.291   14.888  1.00 20.79 ? 179 SER A OG  1 
ATOM   1396 N N   . SER A 1 180 ? -8.667  3.340   11.047  1.00 11.02 ? 180 SER A N   1 
ATOM   1397 C CA  . SER A 1 180 ? -8.214  4.252   10.021  1.00 9.19  ? 180 SER A CA  1 
ATOM   1398 C C   . SER A 1 180 ? -9.438  4.751   9.272   1.00 9.69  ? 180 SER A C   1 
ATOM   1399 O O   . SER A 1 180 ? -10.470 4.075   9.214   1.00 10.22 ? 180 SER A O   1 
ATOM   1400 C CB  . SER A 1 180 ? -7.237  3.582   9.048   1.00 12.63 ? 180 SER A CB  1 
ATOM   1401 O OG  . SER A 1 180 ? -7.895  2.717   8.141   1.00 12.07 ? 180 SER A OG  1 
ATOM   1402 N N   . ASN A 1 181 ? -9.309  5.942   8.710   1.00 8.04  ? 181 ASN A N   1 
ATOM   1403 C CA  . ASN A 1 181 ? -10.369 6.548   7.937   1.00 7.10  ? 181 ASN A CA  1 
ATOM   1404 C C   . ASN A 1 181 ? -9.580  7.333   6.917   1.00 8.52  ? 181 ASN A C   1 
ATOM   1405 O O   . ASN A 1 181 ? -8.802  8.207   7.283   1.00 8.90  ? 181 ASN A O   1 
ATOM   1406 C CB  . ASN A 1 181 ? -11.236 7.450   8.827   1.00 9.56  ? 181 ASN A CB  1 
ATOM   1407 C CG  . ASN A 1 181 ? -12.514 7.871   8.151   1.00 11.07 ? 181 ASN A CG  1 
ATOM   1408 O OD1 . ASN A 1 181 ? -13.614 7.562   8.615   1.00 15.87 ? 181 ASN A OD1 1 
ATOM   1409 N ND2 . ASN A 1 181 ? -12.386 8.590   7.067   1.00 8.53  ? 181 ASN A ND2 1 
ATOM   1410 N N   . VAL A 1 182 ? -9.750  6.988   5.646   1.00 6.96  ? 182 VAL A N   1 
ATOM   1411 C CA  . VAL A 1 182 ? -8.995  7.610   4.565   1.00 6.18  ? 182 VAL A CA  1 
ATOM   1412 C C   . VAL A 1 182 ? -9.870  7.979   3.381   1.00 6.40  ? 182 VAL A C   1 
ATOM   1413 O O   . VAL A 1 182 ? -10.817 7.262   3.057   1.00 6.30  ? 182 VAL A O   1 
ATOM   1414 C CB  . VAL A 1 182 ? -7.914  6.615   4.061   1.00 7.85  ? 182 VAL A CB  1 
ATOM   1415 C CG1 . VAL A 1 182 ? -6.977  7.272   3.061   1.00 6.31  ? 182 VAL A CG1 1 
ATOM   1416 C CG2 . VAL A 1 182 ? -7.137  6.044   5.230   1.00 7.58  ? 182 VAL A CG2 1 
ATOM   1417 N N   . THR A 1 183 ? -9.555  9.107   2.747   1.00 5.69  ? 183 THR A N   1 
ATOM   1418 C CA  . THR A 1 183 ? -10.283 9.570   1.566   1.00 6.73  ? 183 THR A CA  1 
ATOM   1419 C C   . THR A 1 183 ? -9.254  9.624   0.441   1.00 6.61  ? 183 THR A C   1 
ATOM   1420 O O   . THR A 1 183 ? -8.151  10.167  0.621   1.00 6.41  ? 183 THR A O   1 
ATOM   1421 C CB  . THR A 1 183 ? -10.925 10.939  1.830   1.00 9.01  ? 183 THR A CB  1 
ATOM   1422 O OG1 . THR A 1 183 ? -11.804 10.816  2.955   1.00 9.06  ? 183 THR A OG1 1 
ATOM   1423 C CG2 . THR A 1 183 ? -11.689 11.422  0.630   1.00 5.91  ? 183 THR A CG2 1 
ATOM   1424 N N   . VAL A 1 184 ? -9.600  9.028   -0.693  1.00 7.83  ? 184 VAL A N   1 
ATOM   1425 C CA  . VAL A 1 184 ? -8.688  8.930   -1.826  1.00 6.49  ? 184 VAL A CA  1 
ATOM   1426 C C   . VAL A 1 184 ? -9.254  9.605   -3.068  1.00 7.83  ? 184 VAL A C   1 
ATOM   1427 O O   . VAL A 1 184 ? -10.462 9.508   -3.329  1.00 7.13  ? 184 VAL A O   1 
ATOM   1428 C CB  . VAL A 1 184 ? -8.421  7.424   -2.156  1.00 5.92  ? 184 VAL A CB  1 
ATOM   1429 C CG1 . VAL A 1 184 ? -7.317  7.290   -3.217  1.00 6.42  ? 184 VAL A CG1 1 
ATOM   1430 C CG2 . VAL A 1 184 ? -8.036  6.665   -0.891  1.00 7.03  ? 184 VAL A CG2 1 
ATOM   1431 N N   . TRP A 1 185 ? -8.393  10.298  -3.819  1.00 7.31  ? 185 TRP A N   1 
ATOM   1432 C CA  . TRP A 1 185 ? -8.809  10.954  -5.052  1.00 8.03  ? 185 TRP A CA  1 
ATOM   1433 C C   . TRP A 1 185 ? -7.636  11.186  -5.998  1.00 8.78  ? 185 TRP A C   1 
ATOM   1434 O O   . TRP A 1 185 ? -6.501  10.843  -5.635  1.00 9.44  ? 185 TRP A O   1 
ATOM   1435 C CB  . TRP A 1 185 ? -9.578  12.272  -4.798  1.00 7.47  ? 185 TRP A CB  1 
ATOM   1436 C CG  . TRP A 1 185 ? -8.775  13.420  -4.233  1.00 8.12  ? 185 TRP A CG  1 
ATOM   1437 C CD1 . TRP A 1 185 ? -8.250  14.474  -4.929  1.00 9.61  ? 185 TRP A CD1 1 
ATOM   1438 C CD2 . TRP A 1 185 ? -8.432  13.642  -2.855  1.00 10.02 ? 185 TRP A CD2 1 
ATOM   1439 N NE1 . TRP A 1 185 ? -7.599  15.333  -4.071  1.00 9.81  ? 185 TRP A NE1 1 
ATOM   1440 C CE2 . TRP A 1 185 ? -7.697  14.850  -2.798  1.00 9.14  ? 185 TRP A CE2 1 
ATOM   1441 C CE3 . TRP A 1 185 ? -8.668  12.935  -1.672  1.00 11.05 ? 185 TRP A CE3 1 
ATOM   1442 C CZ2 . TRP A 1 185 ? -7.195  15.362  -1.600  1.00 8.67  ? 185 TRP A CZ2 1 
ATOM   1443 C CZ3 . TRP A 1 185 ? -8.161  13.449  -0.486  1.00 12.20 ? 185 TRP A CZ3 1 
ATOM   1444 C CH2 . TRP A 1 185 ? -7.432  14.653  -0.461  1.00 11.51 ? 185 TRP A CH2 1 
ATOM   1445 O OXT . TRP A 1 185 ? -7.882  11.657  -7.114  1.00 10.61 ? 185 TRP A OXT 1 
HETATM 1446 O O1  . XYP B 2 .   ? 0.649   -8.595  2.975   0.70 22.16 ? 1   XYP B O1  1 
HETATM 1447 C C1  . XYP B 2 .   ? 0.196   -8.853  1.681   0.70 18.93 ? 1   XYP B C1  1 
HETATM 1448 C C2  . XYP B 2 .   ? 0.703   -10.234 1.210   0.70 17.03 ? 1   XYP B C2  1 
HETATM 1449 C C3  . XYP B 2 .   ? -0.092  -10.838 0.021   0.70 17.65 ? 1   XYP B C3  1 
HETATM 1450 C C4  . XYP B 2 .   ? -1.593  -10.501 0.054   0.70 18.42 ? 1   XYP B C4  1 
HETATM 1451 C C5  . XYP B 2 .   ? -1.766  -9.032  0.382   0.70 19.49 ? 1   XYP B C5  1 
HETATM 1452 O O2  . XYP B 2 .   ? 2.067   -10.121 0.818   0.70 11.22 ? 1   XYP B O2  1 
HETATM 1453 O O3  . XYP B 2 .   ? 0.073   -12.250 0.022   0.70 14.94 ? 1   XYP B O3  1 
HETATM 1454 O O4  . XYP B 2 .   ? -2.180  -10.767 -1.245  0.70 17.70 ? 1   XYP B O4  1 
HETATM 1455 O O5  . XYP B 2 .   ? -1.233  -8.806  1.699   0.70 18.94 ? 1   XYP B O5  1 
HETATM 1456 C C1  . XYP B 2 .   ? -3.558  -10.878 -1.323  0.70 14.95 ? 2   XYP B C1  1 
HETATM 1457 C C2  . XYP B 2 .   ? -4.110  -9.809  -2.284  0.70 14.32 ? 2   XYP B C2  1 
HETATM 1458 C C3  . XYP B 2 .   ? -5.562  -10.080 -2.700  0.70 14.10 ? 2   XYP B C3  1 
HETATM 1459 C C4  . XYP B 2 .   ? -5.801  -11.555 -3.041  0.70 15.72 ? 2   XYP B C4  1 
HETATM 1460 C C5  . XYP B 2 .   ? -5.288  -12.411 -1.897  0.70 16.19 ? 2   XYP B C5  1 
HETATM 1461 O O2  . XYP B 2 .   ? -4.064  -8.538  -1.646  0.70 12.06 ? 2   XYP B O2  1 
HETATM 1462 O O3  . XYP B 2 .   ? -5.888  -9.269  -3.819  0.70 12.35 ? 2   XYP B O3  1 
HETATM 1463 O O4  . XYP B 2 .   ? -7.187  -11.787 -3.234  0.70 18.98 ? 2   XYP B O4  1 
HETATM 1464 O O5  . XYP B 2 .   ? -3.864  -12.200 -1.795  0.70 14.97 ? 2   XYP B O5  1 
HETATM 1465 S S   . SO4 C 3 .   ? -9.092  14.643  -11.622 1.00 64.29 ? 191 SO4 A S   1 
HETATM 1466 O O1  . SO4 C 3 .   ? -7.959  13.836  -11.981 1.00 63.70 ? 191 SO4 A O1  1 
HETATM 1467 O O2  . SO4 C 3 .   ? -9.119  14.855  -10.204 1.00 64.11 ? 191 SO4 A O2  1 
HETATM 1468 O O3  . SO4 C 3 .   ? -10.289 13.963  -12.008 1.00 64.91 ? 191 SO4 A O3  1 
HETATM 1469 O O4  . SO4 C 3 .   ? -9.026  15.913  -12.290 1.00 64.05 ? 191 SO4 A O4  1 
HETATM 1470 O O   . HOH D 4 .   ? 16.299  4.878   7.085   1.00 9.99  ? 201 HOH A O   1 
HETATM 1471 O O   . HOH D 4 .   ? 3.631   -1.371  11.423  1.00 9.92  ? 202 HOH A O   1 
HETATM 1472 O O   . HOH D 4 .   ? -3.312  12.496  5.462   1.00 8.36  ? 203 HOH A O   1 
HETATM 1473 O O   . HOH D 4 .   ? 18.689  4.919   4.395   1.00 10.55 ? 204 HOH A O   1 
HETATM 1474 O O   . HOH D 4 .   ? 9.984   0.586   -12.030 1.00 10.00 ? 205 HOH A O   1 
HETATM 1475 O O   . HOH D 4 .   ? 5.706   9.900   -2.464  1.00 12.94 ? 206 HOH A O   1 
HETATM 1476 O O   . HOH D 4 .   ? 6.390   12.277  1.513   1.00 8.11  ? 207 HOH A O   1 
HETATM 1477 O O   . HOH D 4 .   ? 2.983   10.400  -10.785 1.00 16.10 ? 208 HOH A O   1 
HETATM 1478 O O   . HOH D 4 .   ? -0.534  11.476  5.336   1.00 12.64 ? 209 HOH A O   1 
HETATM 1479 O O   . HOH D 4 .   ? -3.307  11.006  -11.839 1.00 12.56 ? 210 HOH A O   1 
HETATM 1480 O O   . HOH D 4 .   ? 14.205  5.255   9.028   1.00 12.03 ? 211 HOH A O   1 
HETATM 1481 O O   . HOH D 4 .   ? -7.468  -10.963 9.073   1.00 15.88 ? 212 HOH A O   1 
HETATM 1482 O O   . HOH D 4 .   ? -1.063  -1.588  -10.139 1.00 6.98  ? 213 HOH A O   1 
HETATM 1483 O O   . HOH D 4 .   ? 1.819   9.223   10.683  1.00 11.33 ? 215 HOH A O   1 
HETATM 1484 O O   . HOH D 4 .   ? 3.745   12.694  -12.394 1.00 16.73 ? 216 HOH A O   1 
HETATM 1485 O O   . HOH D 4 .   ? 7.935   -12.262 -9.096  1.00 27.39 ? 217 HOH A O   1 
HETATM 1486 O O   . HOH D 4 .   ? -5.219  -24.212 -3.410  1.00 26.31 ? 218 HOH A O   1 
HETATM 1487 O O   . HOH D 4 .   ? 17.775  0.858   5.358   1.00 13.88 ? 219 HOH A O   1 
HETATM 1488 O O   . HOH D 4 .   ? 9.066   -0.325  -14.443 1.00 19.14 ? 220 HOH A O   1 
HETATM 1489 O O   . HOH D 4 .   ? 5.580   15.255  2.810   1.00 19.87 ? 221 HOH A O   1 
HETATM 1490 O O   . HOH D 4 .   ? 12.661  9.550   -9.354  1.00 17.74 ? 222 HOH A O   1 
HETATM 1491 O O   . HOH D 4 .   ? -6.179  9.632   -11.092 1.00 21.13 ? 224 HOH A O   1 
HETATM 1492 O O   . HOH D 4 .   ? 19.321  9.054   3.316   1.00 12.78 ? 225 HOH A O   1 
HETATM 1493 O O   . HOH D 4 .   ? 6.339   0.906   -15.295 1.00 28.02 ? 226 HOH A O   1 
HETATM 1494 O O   . HOH D 4 .   ? 19.884  -3.894  3.491   1.00 28.32 ? 227 HOH A O   1 
HETATM 1495 O O   . HOH D 4 .   ? -12.351 9.863   -5.129  1.00 13.98 ? 228 HOH A O   1 
HETATM 1496 O O   . HOH D 4 .   ? -5.632  10.713  -8.745  1.00 14.49 ? 229 HOH A O   1 
HETATM 1497 O O   . HOH D 4 .   ? 5.836   -20.933 -4.257  1.00 24.16 ? 230 HOH A O   1 
HETATM 1498 O O   . HOH D 4 .   ? -9.721  17.017  2.029   1.00 20.54 ? 231 HOH A O   1 
HETATM 1499 O O   . HOH D 4 .   ? 3.135   15.777  -8.548  1.00 33.26 ? 232 HOH A O   1 
HETATM 1500 O O   . HOH D 4 .   ? -16.019 8.651   6.974   1.00 18.85 ? 233 HOH A O   1 
HETATM 1501 O O   . HOH D 4 .   ? 14.376  11.756  6.106   1.00 20.85 ? 234 HOH A O   1 
HETATM 1502 O O   . HOH D 4 .   ? 0.853   -6.011  15.888  1.00 18.35 ? 235 HOH A O   1 
HETATM 1503 O O   . HOH D 4 .   ? -0.768  -17.269 -6.028  1.00 26.06 ? 236 HOH A O   1 
HETATM 1504 O O   . HOH D 4 .   ? -19.572 7.672   3.918   1.00 34.22 ? 237 HOH A O   1 
HETATM 1505 O O   . HOH D 4 .   ? -4.031  -11.532 16.073  1.00 17.76 ? 238 HOH A O   1 
HETATM 1506 O O   . HOH D 4 .   ? 6.578   6.185   -15.043 1.00 26.49 ? 239 HOH A O   1 
HETATM 1507 O O   . HOH D 4 .   ? 5.490   -13.904 -12.498 1.00 33.27 ? 240 HOH A O   1 
HETATM 1508 O O   . HOH D 4 .   ? -4.936  11.611  11.293  1.00 19.92 ? 241 HOH A O   1 
HETATM 1509 O O   . HOH D 4 .   ? -5.503  9.772   13.886  1.00 23.72 ? 242 HOH A O   1 
HETATM 1510 O O   . HOH D 4 .   ? 11.116  11.687  5.129   1.00 29.14 ? 243 HOH A O   1 
HETATM 1511 O O   . HOH D 4 .   ? 22.463  4.586   -1.030  1.00 28.78 ? 244 HOH A O   1 
HETATM 1512 O O   . HOH D 4 .   ? -1.895  -5.221  18.310  1.00 40.32 ? 245 HOH A O   1 
HETATM 1513 O O   . HOH D 4 .   ? 22.423  2.757   -3.572  1.00 30.87 ? 246 HOH A O   1 
HETATM 1514 O O   . HOH D 4 .   ? 3.546   16.926  -3.630  1.00 29.69 ? 247 HOH A O   1 
HETATM 1515 O O   . HOH D 4 .   ? 12.769  -11.341 1.315   1.00 28.04 ? 248 HOH A O   1 
HETATM 1516 O O   . HOH D 4 .   ? 4.905   -21.296 -6.992  1.00 42.90 ? 249 HOH A O   1 
HETATM 1517 O O   . HOH D 4 .   ? -9.229  2.212   -13.217 1.00 22.83 ? 250 HOH A O   1 
HETATM 1518 O O   . HOH D 4 .   ? 9.036   -5.614  4.551   1.00 26.73 ? 251 HOH A O   1 
HETATM 1519 O O   . HOH D 4 .   ? -16.306 5.097   5.477   1.00 24.46 ? 252 HOH A O   1 
HETATM 1520 O O   . HOH D 4 .   ? 18.352  10.753  5.375   1.00 25.56 ? 253 HOH A O   1 
HETATM 1521 O O   . HOH D 4 .   ? 12.445  -1.435  11.050  1.00 34.41 ? 254 HOH A O   1 
HETATM 1522 O O   . HOH D 4 .   ? -7.504  -5.638  20.421  1.00 37.60 ? 255 HOH A O   1 
HETATM 1523 O O   . HOH D 4 .   ? -11.178 -11.327 9.208   1.00 20.26 ? 256 HOH A O   1 
HETATM 1524 O O   . HOH D 4 .   ? -1.693  1.323   -17.150 1.00 26.11 ? 257 HOH A O   1 
HETATM 1525 O O   . HOH D 4 .   ? 8.187   -0.105  17.883  1.00 41.68 ? 258 HOH A O   1 
HETATM 1526 O O   . HOH D 4 .   ? -10.804 -9.912  17.928  1.00 28.46 ? 259 HOH A O   1 
HETATM 1527 O O   . HOH D 4 .   ? 12.594  12.036  -7.428  1.00 25.94 ? 260 HOH A O   1 
HETATM 1528 O O   . HOH D 4 .   ? 10.541  -0.904  13.068  1.00 29.98 ? 261 HOH A O   1 
HETATM 1529 O O   . HOH D 4 .   ? -18.706 -5.825  8.893   1.00 62.56 ? 262 HOH A O   1 
HETATM 1530 O O   . HOH D 4 .   ? -3.200  -9.295  17.725  1.00 35.36 ? 263 HOH A O   1 
HETATM 1531 O O   . HOH D 4 .   ? -13.646 12.692  3.502   1.00 25.81 ? 264 HOH A O   1 
HETATM 1532 O O   . HOH D 4 .   ? 7.247   -15.549 2.829   1.00 34.57 ? 265 HOH A O   1 
HETATM 1533 O O   . HOH D 4 .   ? 12.539  -8.016  -9.569  1.00 41.95 ? 266 HOH A O   1 
HETATM 1534 O O   . HOH D 4 .   ? -6.955  -19.529 -7.684  1.00 35.93 ? 267 HOH A O   1 
HETATM 1535 O O   . HOH D 4 .   ? -7.486  3.590   -14.819 1.00 41.75 ? 269 HOH A O   1 
HETATM 1536 O O   . HOH D 4 .   ? 13.966  1.268   10.297  1.00 23.77 ? 270 HOH A O   1 
HETATM 1537 O O   . HOH D 4 .   ? -1.004  18.236  -1.192  1.00 45.63 ? 272 HOH A O   1 
HETATM 1538 O O   . HOH D 4 .   ? -15.915 -5.650  6.261   1.00 37.86 ? 273 HOH A O   1 
HETATM 1539 O O   . HOH D 4 .   ? -13.996 2.754   -4.934  1.00 28.52 ? 274 HOH A O   1 
HETATM 1540 O O   . HOH D 4 .   ? -9.283  -7.188  22.036  1.00 37.83 ? 275 HOH A O   1 
HETATM 1541 O O   . HOH D 4 .   ? 7.732   -8.989  3.378   1.00 30.06 ? 276 HOH A O   1 
HETATM 1542 O O   . HOH D 4 .   ? -14.635 -2.599  -6.677  1.00 34.20 ? 279 HOH A O   1 
HETATM 1543 O O   . HOH D 4 .   ? 11.481  6.615   11.546  1.00 26.14 ? 280 HOH A O   1 
HETATM 1544 O O   . HOH D 4 .   ? -2.002  -3.214  -18.266 1.00 37.03 ? 281 HOH A O   1 
HETATM 1545 O O   . HOH D 4 .   ? 8.136   13.009  10.073  1.00 41.97 ? 282 HOH A O   1 
HETATM 1546 O O   . HOH D 4 .   ? 4.411   7.299   16.498  1.00 54.49 ? 283 HOH A O   1 
HETATM 1547 O O   . HOH D 4 .   ? -6.716  -4.165  -14.626 1.00 50.27 ? 284 HOH A O   1 
HETATM 1548 O O   . HOH D 4 .   ? 2.459   -12.985 -14.091 1.00 34.18 ? 286 HOH A O   1 
HETATM 1549 O O   . HOH D 4 .   ? -7.268  -18.709 -3.432  1.00 57.46 ? 287 HOH A O   1 
HETATM 1550 O O   . HOH D 4 .   ? 5.876   -6.720  5.401   1.00 41.37 ? 288 HOH A O   1 
HETATM 1551 O O   . HOH D 4 .   ? 4.643   11.883  12.055  1.00 39.24 ? 289 HOH A O   1 
HETATM 1552 O O   . HOH D 4 .   ? 15.480  11.539  -5.488  1.00 31.82 ? 292 HOH A O   1 
HETATM 1553 O O   . HOH D 4 .   ? -9.799  0.447   -15.560 1.00 56.48 ? 293 HOH A O   1 
HETATM 1554 O O   . HOH D 4 .   ? -13.305 -7.431  5.909   1.00 42.82 ? 294 HOH A O   1 
HETATM 1555 O O   . HOH D 4 .   ? -14.162 -9.964  9.855   1.00 37.47 ? 295 HOH A O   1 
HETATM 1556 O O   . HOH D 4 .   ? 16.235  -1.424  -14.881 1.00 30.04 ? 296 HOH A O   1 
HETATM 1557 O O   . HOH D 4 .   ? 0.618   -24.277 2.489   1.00 53.39 ? 297 HOH A O   1 
HETATM 1558 O O   . HOH D 4 .   ? -14.727 8.365   -5.899  1.00 25.86 ? 298 HOH A O   1 
HETATM 1559 O O   . HOH D 4 .   ? -7.325  -5.396  -11.108 1.00 38.89 ? 299 HOH A O   1 
HETATM 1560 O O   . HOH D 4 .   ? -19.520 -0.957  3.492   1.00 24.30 ? 300 HOH A O   1 
HETATM 1561 O O   . HOH D 4 .   ? 8.840   8.485   12.246  1.00 22.16 ? 301 HOH A O   1 
HETATM 1562 O O   . HOH D 4 .   ? 1.203   -4.858  8.082   1.00 33.38 ? 302 HOH A O   1 
HETATM 1563 O O   . HOH D 4 .   ? -10.336 8.143   -12.662 1.00 38.81 ? 303 HOH A O   1 
HETATM 1564 O O   . HOH D 4 .   ? -6.794  2.725   17.827  1.00 44.73 ? 304 HOH A O   1 
HETATM 1565 O O   . HOH D 4 .   ? -11.628 -6.884  -2.675  1.00 33.87 ? 305 HOH A O   1 
HETATM 1566 O O   . HOH D 4 .   ? 19.098  10.681  0.668   1.00 42.84 ? 307 HOH A O   1 
HETATM 1567 O O   . HOH D 4 .   ? 0.380   13.245  12.462  1.00 36.24 ? 308 HOH A O   1 
HETATM 1568 O O   . HOH D 4 .   ? -3.837  16.031  -2.072  1.00 40.29 ? 310 HOH A O   1 
HETATM 1569 O O   . HOH D 4 .   ? 22.235  -4.238  2.184   1.00 54.96 ? 311 HOH A O   1 
HETATM 1570 O O   . HOH D 4 .   ? -2.216  -14.818 11.147  1.00 33.99 ? 312 HOH A O   1 
HETATM 1571 O O   . HOH D 4 .   ? -11.193 15.134  -0.767  1.00 40.63 ? 313 HOH A O   1 
HETATM 1572 O O   . HOH D 4 .   ? -3.460  -20.351 -9.143  1.00 54.40 ? 315 HOH A O   1 
HETATM 1573 O O   . HOH D 4 .   ? -12.405 4.064   11.689  1.00 29.13 ? 318 HOH A O   1 
HETATM 1574 O O   . HOH D 4 .   ? -4.369  -16.200 -2.954  1.00 43.09 ? 319 HOH A O   1 
HETATM 1575 O O   . HOH D 4 .   ? -7.641  -12.837 -5.488  1.00 48.29 ? 320 HOH A O   1 
HETATM 1576 O O   . HOH D 4 .   ? -8.506  6.529   -14.504 1.00 46.13 ? 321 HOH A O   1 
HETATM 1577 O O   . HOH D 4 .   ? -10.331 -1.598  16.693  1.00 41.03 ? 323 HOH A O   1 
HETATM 1578 O O   . HOH D 4 .   ? -8.896  14.999  7.679   1.00 29.54 ? 326 HOH A O   1 
HETATM 1579 O O   . HOH D 4 .   ? 7.031   -20.627 3.151   1.00 38.23 ? 327 HOH A O   1 
HETATM 1580 O O   . HOH D 4 .   ? 3.217   -17.179 -10.330 1.00 46.95 ? 329 HOH A O   1 
HETATM 1581 O O   . HOH D 4 .   ? -19.044 -2.934  6.746   1.00 30.10 ? 331 HOH A O   1 
HETATM 1582 O O   . HOH D 4 .   ? -10.741 10.660  5.774   1.00 36.32 ? 332 HOH A O   1 
HETATM 1583 O O   . HOH D 4 .   ? 5.455   -1.429  -16.968 1.00 44.64 ? 333 HOH A O   1 
HETATM 1584 O O   . HOH D 4 .   ? -8.057  -17.901 9.204   1.00 43.92 ? 334 HOH A O   1 
HETATM 1585 O O   . HOH D 4 .   ? -11.963 13.887  -7.336  1.00 29.86 ? 335 HOH A O   1 
HETATM 1586 O O   . HOH D 4 .   ? -0.430  9.979   12.462  1.00 33.52 ? 336 HOH A O   1 
HETATM 1587 O O   . HOH D 4 .   ? 5.084   -5.052  15.646  1.00 34.16 ? 339 HOH A O   1 
HETATM 1588 O O   . HOH D 4 .   ? -10.871 -9.987  -2.197  1.00 40.03 ? 340 HOH A O   1 
HETATM 1589 O O   . HOH D 4 .   ? 3.947   -8.474  2.815   1.00 40.32 ? 341 HOH A O   1 
HETATM 1590 O O   . HOH D 4 .   ? -9.281  -18.667 -5.793  1.00 55.45 ? 342 HOH A O   1 
HETATM 1591 O O   . HOH D 4 .   ? -1.095  -7.420  4.994   1.00 33.61 ? 344 HOH A O   1 
HETATM 1592 O O   . HOH D 4 .   ? 15.619  -8.949  -2.071  1.00 47.81 ? 350 HOH A O   1 
HETATM 1593 O O   . HOH D 4 .   ? -16.504 3.371   10.718  1.00 54.86 ? 352 HOH A O   1 
HETATM 1594 O O   . HOH D 4 .   ? -6.684  -2.457  20.430  1.00 42.88 ? 353 HOH A O   1 
HETATM 1595 O O   . HOH D 4 .   ? 5.543   16.818  -9.768  1.00 52.48 ? 354 HOH A O   1 
HETATM 1596 O O   . HOH D 4 .   ? -8.635  -8.913  -3.955  1.00 44.81 ? 356 HOH A O   1 
HETATM 1597 O O   . HOH D 4 .   ? -14.990 0.856   9.630   1.00 42.63 ? 357 HOH A O   1 
HETATM 1598 O O   . HOH D 4 .   ? 7.650   15.435  -5.741  1.00 35.45 ? 358 HOH A O   1 
HETATM 1599 O O   . HOH D 4 .   ? -13.763 6.503   11.435  1.00 32.90 ? 359 HOH A O   1 
HETATM 1600 O O   . HOH D 4 .   ? 2.134   -6.630  4.013   1.00 40.73 ? 360 HOH A O   1 
HETATM 1601 O O   . HOH D 4 .   ? -23.087 9.119   -1.192  1.00 40.93 ? 361 HOH A O   1 
HETATM 1602 O O   . HOH D 4 .   ? 8.080   -3.838  -18.161 1.00 46.18 ? 365 HOH A O   1 
HETATM 1603 O O   . HOH D 4 .   ? -20.652 8.047   -3.451  1.00 43.78 ? 366 HOH A O   1 
HETATM 1604 O O   . HOH D 4 .   ? -13.133 11.271  -11.959 1.00 46.65 ? 367 HOH A O   1 
HETATM 1605 O O   . HOH D 4 .   ? 14.147  3.960   11.696  1.00 41.64 ? 368 HOH A O   1 
HETATM 1606 O O   . HOH D 4 .   ? 6.110   14.479  -11.993 1.00 48.56 ? 369 HOH A O   1 
HETATM 1607 O O   . HOH D 4 .   ? 10.585  -10.606 3.832   1.00 66.17 ? 370 HOH A O   1 
HETATM 1608 O O   . HOH D 4 .   ? 13.378  -6.040  -12.540 1.00 33.01 ? 371 HOH A O   1 
HETATM 1609 O O   . HOH D 4 .   ? -11.231 16.715  -5.995  1.00 62.21 ? 374 HOH A O   1 
HETATM 1610 O O   . HOH D 4 .   ? -2.322  -15.377 5.251   1.00 65.04 ? 375 HOH A O   1 
HETATM 1611 O O   . HOH D 4 .   ? 12.462  -8.191  5.691   1.00 47.19 ? 378 HOH A O   1 
HETATM 1612 O O   . HOH D 4 .   ? 0.528   -21.907 6.112   1.00 42.13 ? 390 HOH A O   1 
HETATM 1613 O O   . HOH D 4 .   ? 7.995   8.281   -16.749 1.00 42.67 ? 395 HOH A O   1 
# 
